data_4HSI
#
_entry.id   4HSI
#
_cell.length_a   117.295
_cell.length_b   117.295
_cell.length_c   321.872
_cell.angle_alpha   90.00
_cell.angle_beta   90.00
_cell.angle_gamma   120.00
#
_symmetry.space_group_name_H-M   'P 3'
#
loop_
_entity.id
_entity.type
_entity.pdbx_description
1 polymer 'Envelope glycoprotein B'
2 branched 2-acetamido-2-deoxy-beta-D-glucopyranose-(1-4)-2-acetamido-2-deoxy-beta-D-glucopyranose
3 non-polymer 2-acetamido-2-deoxy-beta-D-glucopyranose
4 non-polymer MESO-ERYTHRITOL
5 non-polymer 'CHLORIDE ION'
6 water water
#
_entity_poly.entity_id   1
_entity_poly.type   'polypeptide(L)'
_entity_poly.pdbx_seq_one_letter_code
;DPAAPTSPGTPGVAAATQAANGGPATPAPPPLGAAPTGDPKPKKNKKPKNPTPPRPAGDNATVAAGHATLREHLRDIKAE
NTDANFYVCPPPTGATVVQFEQPRRCPTRPEGQNYTEGIAVVFKENIAPYKFKATMYYKDVTVSQVWFGHRYSQFMGIFE
DRAPVPFEEVIDKINAKGVCRSTAKYVRNNLETTAFHRDDHETDMELKPANAATRTSRGWHTTDLKYNPSRVEAFHRYGT
TVNCIVEEVDARSVYPYDEFVLATGDFVYMSPFYGYREGSHTEHTSYAADRFKQVDGFYARDLTTKARATAPTTRNLLTT
PKFTVAWDWVPKRPSVCTMTKWQEVDEMLRSEYGGSFRFSSDAISTTFTTNLTEYPLSRVDLGDCIGKDARDAMDRIFAR
RYNATHIKVGQPQYYLANGGFLIAYQPLLSNTLAELYVREHLREQSRKPPNPTPPPPGASANASVERIKTTSSIEFPGLG
FTYGHIQRHVNDMLGRVAIAWCELQNHELTLWNEARKLNPNAIASVTVGRRVSARMLGDVMAVSTCVPVAADNVIVQNSM
RISSRPGACYSRPLVSFRYEDQGPLVEGQLGENNELRLTRDAIEPCTVGHRRYFTFGGGYVYFEEYAYSHQLSRADITTV
STFIDLNITMLEDHEFVPLEVYTRHEIKDSGLLDYTEVQRRNQLHDLRFADIDTVIHADANAA
;
_entity_poly.pdbx_strand_id   A,B,C,D
#
loop_
_chem_comp.id
_chem_comp.type
_chem_comp.name
_chem_comp.formula
CL non-polymer 'CHLORIDE ION' 'Cl -1'
MRY non-polymer MESO-ERYTHRITOL 'C4 H10 O4'
NAG D-saccharide, beta linking 2-acetamido-2-deoxy-beta-D-glucopyranose 'C8 H15 N O6'
#
# COMPACT_ATOMS: atom_id res chain seq x y z
N LYS A 78 41.87 -11.86 117.74
CA LYS A 78 41.74 -12.21 116.32
C LYS A 78 40.43 -11.69 115.74
N ALA A 79 40.13 -12.10 114.52
CA ALA A 79 39.03 -11.50 113.77
C ALA A 79 37.91 -12.47 113.39
N GLU A 80 36.73 -12.28 113.99
CA GLU A 80 35.55 -13.11 113.70
C GLU A 80 35.34 -13.25 112.20
N ASN A 81 35.42 -12.13 111.51
CA ASN A 81 35.16 -12.08 110.08
C ASN A 81 36.46 -12.14 109.31
N THR A 82 36.47 -12.99 108.28
CA THR A 82 37.73 -13.35 107.63
C THR A 82 37.67 -13.09 106.14
N ASP A 83 36.58 -12.47 105.69
CA ASP A 83 36.39 -12.25 104.26
C ASP A 83 37.23 -11.10 103.71
N ALA A 84 38.39 -10.86 104.31
CA ALA A 84 39.22 -9.70 104.00
C ALA A 84 40.74 -9.89 104.22
N ASN A 85 41.51 -8.83 103.96
CA ASN A 85 42.98 -8.89 104.04
C ASN A 85 43.59 -7.71 104.81
N PHE A 86 44.85 -7.84 105.20
CA PHE A 86 45.54 -6.80 105.98
C PHE A 86 46.81 -6.35 105.29
N TYR A 87 47.12 -5.06 105.37
CA TYR A 87 48.34 -4.55 104.73
C TYR A 87 49.11 -3.64 105.64
N VAL A 88 50.36 -3.41 105.29
CA VAL A 88 51.25 -2.52 106.02
C VAL A 88 51.86 -1.58 105.00
N CYS A 89 51.79 -0.28 105.26
CA CYS A 89 52.10 0.67 104.21
C CYS A 89 53.18 1.67 104.57
N PRO A 90 54.44 1.22 104.59
CA PRO A 90 55.55 2.12 104.85
C PRO A 90 55.62 3.16 103.74
N PRO A 91 55.39 4.43 104.09
CA PRO A 91 55.44 5.59 103.20
C PRO A 91 56.51 5.45 102.13
N PRO A 92 56.16 5.78 100.88
CA PRO A 92 57.15 5.62 99.82
C PRO A 92 58.24 6.62 100.04
N THR A 93 59.47 6.24 99.78
CA THR A 93 60.55 7.21 99.77
C THR A 93 60.29 8.23 98.67
N GLY A 94 59.96 7.75 97.48
CA GLY A 94 59.87 8.61 96.31
C GLY A 94 60.67 8.00 95.18
N ALA A 95 60.98 6.71 95.34
CA ALA A 95 61.63 5.94 94.31
C ALA A 95 60.66 5.77 93.15
N THR A 96 59.39 5.57 93.47
CA THR A 96 58.37 5.39 92.44
C THR A 96 57.36 6.53 92.46
N VAL A 97 57.24 7.21 91.31
CA VAL A 97 56.32 8.34 91.17
C VAL A 97 55.38 8.17 90.00
N VAL A 98 54.20 8.76 90.12
CA VAL A 98 53.21 8.65 89.06
C VAL A 98 52.44 9.96 88.85
N GLN A 99 51.91 10.11 87.65
CA GLN A 99 51.17 11.31 87.33
C GLN A 99 49.82 10.89 86.82
N PHE A 100 48.90 11.85 86.73
CA PHE A 100 47.59 11.53 86.23
C PHE A 100 47.46 11.87 84.78
N GLU A 101 46.86 10.96 84.02
CA GLU A 101 46.61 11.22 82.62
C GLU A 101 45.81 12.52 82.51
N GLN A 102 46.36 13.46 81.75
CA GLN A 102 45.66 14.69 81.43
C GLN A 102 44.37 14.44 80.66
N PRO A 103 43.46 15.44 80.60
CA PRO A 103 42.19 15.29 79.88
C PRO A 103 42.46 14.88 78.46
N ARG A 104 41.74 13.88 77.98
CA ARG A 104 41.88 13.44 76.60
C ARG A 104 41.12 14.38 75.69
N ARG A 105 41.42 14.24 74.40
CA ARG A 105 40.72 14.99 73.38
C ARG A 105 39.33 14.41 73.22
N CYS A 106 38.31 15.21 73.46
CA CYS A 106 36.94 14.73 73.29
C CYS A 106 36.54 14.67 71.83
N PRO A 107 35.97 13.53 71.43
CA PRO A 107 35.40 13.27 70.10
C PRO A 107 34.50 14.42 69.68
N THR A 108 34.42 14.65 68.38
CA THR A 108 33.59 15.71 67.89
C THR A 108 32.44 15.17 67.04
N ARG A 109 31.24 15.64 67.36
CA ARG A 109 30.03 15.27 66.63
C ARG A 109 30.22 15.64 65.17
N PRO A 110 29.86 14.73 64.27
CA PRO A 110 30.04 14.94 62.83
C PRO A 110 29.11 16.03 62.29
N GLU A 111 29.61 16.85 61.37
CA GLU A 111 28.84 17.96 60.81
C GLU A 111 27.49 17.48 60.26
N GLY A 112 27.44 16.22 59.84
CA GLY A 112 26.17 15.55 59.56
C GLY A 112 26.01 14.90 58.20
N GLN A 113 25.15 13.88 58.15
CA GLN A 113 24.71 13.32 56.87
C GLN A 113 23.61 14.21 56.31
N ASN A 114 23.76 14.56 55.03
CA ASN A 114 22.98 15.65 54.48
C ASN A 114 21.99 15.15 53.44
N TYR A 115 20.75 15.63 53.52
CA TYR A 115 19.69 15.18 52.64
C TYR A 115 19.31 16.22 51.60
N THR A 116 18.55 15.84 50.58
CA THR A 116 17.95 16.81 49.67
C THR A 116 16.45 16.55 49.53
N GLU A 117 15.65 17.47 50.05
CA GLU A 117 14.21 17.42 49.86
C GLU A 117 13.91 17.24 48.39
N GLY A 118 12.83 16.49 48.10
CA GLY A 118 12.40 16.29 46.73
C GLY A 118 11.16 15.45 46.56
N ILE A 119 10.48 15.64 45.43
CA ILE A 119 9.27 14.91 45.07
C ILE A 119 9.65 13.85 44.07
N ALA A 120 8.90 12.75 44.04
CA ALA A 120 9.32 11.67 43.19
C ALA A 120 8.19 10.83 42.66
N VAL A 121 8.40 10.20 41.50
CA VAL A 121 7.44 9.29 40.88
C VAL A 121 8.12 8.06 40.30
N VAL A 122 7.76 6.89 40.82
CA VAL A 122 8.54 5.70 40.54
C VAL A 122 7.94 4.86 39.43
N PHE A 123 8.80 4.29 38.59
CA PHE A 123 8.33 3.64 37.36
C PHE A 123 8.78 2.21 37.21
N LYS A 124 7.79 1.31 37.18
CA LYS A 124 8.10 -0.09 36.95
C LYS A 124 7.89 -0.38 35.49
N GLU A 125 8.74 -1.24 34.94
CA GLU A 125 8.57 -1.79 33.61
C GLU A 125 7.13 -2.22 33.44
N ASN A 126 6.47 -1.67 32.42
CA ASN A 126 5.10 -2.05 32.09
C ASN A 126 4.99 -3.47 31.56
N ILE A 127 4.08 -4.24 32.10
CA ILE A 127 3.96 -5.65 31.71
C ILE A 127 2.54 -5.94 31.23
N ALA A 128 1.78 -4.86 31.05
CA ALA A 128 0.43 -4.99 30.58
C ALA A 128 0.45 -4.90 29.08
N PRO A 129 -0.37 -5.73 28.41
CA PRO A 129 -0.44 -5.61 26.96
C PRO A 129 -1.23 -4.36 26.59
N TYR A 130 -1.06 -3.87 25.37
CA TYR A 130 -1.94 -2.84 24.83
C TYR A 130 -3.34 -3.43 24.69
N LYS A 131 -4.34 -2.74 25.22
CA LYS A 131 -5.69 -3.27 25.16
C LYS A 131 -6.60 -2.29 24.44
N PHE A 132 -7.50 -2.83 23.64
CA PHE A 132 -8.37 -2.00 22.83
C PHE A 132 -9.47 -2.85 22.24
N LYS A 133 -10.66 -2.26 22.16
CA LYS A 133 -11.80 -2.91 21.57
C LYS A 133 -11.65 -3.05 20.05
N ALA A 134 -12.29 -4.09 19.53
CA ALA A 134 -12.26 -4.37 18.11
C ALA A 134 -13.55 -5.10 17.77
N THR A 135 -13.89 -5.14 16.49
CA THR A 135 -15.09 -5.85 16.08
C THR A 135 -14.82 -6.69 14.87
N MET A 136 -15.19 -7.96 14.98
CA MET A 136 -15.01 -8.89 13.89
C MET A 136 -16.30 -9.13 13.18
N TYR A 137 -16.18 -9.46 11.90
CA TYR A 137 -17.33 -9.85 11.15
C TYR A 137 -16.90 -11.05 10.33
N TYR A 138 -17.63 -12.17 10.48
CA TYR A 138 -17.36 -13.38 9.72
C TYR A 138 -18.62 -14.20 9.53
N LYS A 139 -18.48 -15.35 8.87
CA LYS A 139 -19.61 -16.17 8.48
C LYS A 139 -19.28 -17.66 8.63
N ASP A 140 -19.92 -18.32 9.58
CA ASP A 140 -19.66 -19.74 9.73
C ASP A 140 -20.48 -20.54 8.75
N VAL A 141 -19.79 -21.31 7.91
CA VAL A 141 -20.43 -22.07 6.86
C VAL A 141 -20.26 -23.54 7.09
N THR A 142 -21.39 -24.23 7.27
CA THR A 142 -21.40 -25.66 7.49
C THR A 142 -21.99 -26.32 6.27
N VAL A 143 -21.40 -27.41 5.81
CA VAL A 143 -21.99 -28.22 4.76
C VAL A 143 -22.05 -29.66 5.22
N SER A 144 -23.26 -30.17 5.42
CA SER A 144 -23.41 -31.51 5.94
C SER A 144 -23.92 -32.44 4.87
N GLN A 145 -23.51 -33.70 4.94
CA GLN A 145 -24.19 -34.74 4.18
C GLN A 145 -24.74 -35.83 5.09
N VAL A 146 -25.93 -36.29 4.75
CA VAL A 146 -26.71 -37.18 5.58
C VAL A 146 -27.11 -38.41 4.76
N TRP A 147 -27.01 -39.60 5.33
CA TRP A 147 -27.57 -40.72 4.61
C TRP A 147 -28.99 -41.04 5.06
N PHE A 148 -29.89 -41.25 4.11
CA PHE A 148 -31.27 -41.56 4.43
C PHE A 148 -31.54 -43.04 4.32
N GLY A 149 -32.07 -43.63 5.37
CA GLY A 149 -32.35 -45.04 5.38
C GLY A 149 -33.68 -45.41 6.02
N HIS A 150 -33.87 -46.70 6.23
CA HIS A 150 -35.00 -47.19 6.99
C HIS A 150 -34.82 -46.74 8.43
N ARG A 151 -35.86 -46.14 8.99
CA ARG A 151 -35.89 -45.70 10.39
C ARG A 151 -35.02 -44.47 10.74
N TYR A 152 -33.93 -44.23 10.01
CA TYR A 152 -32.96 -43.24 10.50
C TYR A 152 -32.33 -42.29 9.49
N SER A 153 -31.53 -41.36 10.02
CA SER A 153 -30.66 -40.51 9.22
C SER A 153 -29.33 -40.42 9.93
N GLN A 154 -28.24 -40.64 9.19
CA GLN A 154 -26.89 -40.53 9.77
C GLN A 154 -26.06 -39.55 8.99
N PHE A 155 -25.36 -38.67 9.70
CA PHE A 155 -24.43 -37.78 9.06
C PHE A 155 -23.31 -38.59 8.47
N MET A 156 -23.00 -38.31 7.21
CA MET A 156 -21.88 -38.95 6.55
C MET A 156 -20.68 -38.04 6.67
N GLY A 157 -20.94 -36.74 6.79
CA GLY A 157 -19.89 -35.76 7.05
C GLY A 157 -20.37 -34.35 7.31
N ILE A 158 -19.61 -33.64 8.15
CA ILE A 158 -19.84 -32.21 8.34
C ILE A 158 -18.54 -31.44 8.10
N PHE A 159 -18.68 -30.36 7.34
CA PHE A 159 -17.58 -29.51 6.98
C PHE A 159 -17.94 -28.13 7.47
N GLU A 160 -17.21 -27.64 8.48
CA GLU A 160 -17.46 -26.31 9.01
C GLU A 160 -16.38 -25.36 8.54
N ASP A 161 -16.66 -24.07 8.60
CA ASP A 161 -15.70 -23.07 8.14
C ASP A 161 -16.15 -21.66 8.50
N ARG A 162 -15.18 -20.81 8.83
CA ARG A 162 -15.43 -19.40 8.94
C ARG A 162 -15.00 -18.73 7.65
N ALA A 163 -15.89 -17.93 7.08
CA ALA A 163 -15.59 -17.19 5.87
C ALA A 163 -15.52 -15.70 6.19
N PRO A 164 -14.45 -15.05 5.73
CA PRO A 164 -14.23 -13.61 5.93
C PRO A 164 -15.14 -12.77 5.05
N VAL A 165 -15.56 -11.62 5.57
CA VAL A 165 -16.52 -10.75 4.90
C VAL A 165 -15.83 -9.67 4.05
N PRO A 166 -16.31 -9.47 2.80
CA PRO A 166 -15.68 -8.48 1.91
C PRO A 166 -15.79 -7.12 2.53
N PHE A 167 -14.84 -6.25 2.20
CA PHE A 167 -14.88 -4.91 2.75
C PHE A 167 -16.21 -4.22 2.48
N GLU A 168 -16.70 -4.33 1.25
CA GLU A 168 -17.88 -3.58 0.86
C GLU A 168 -19.11 -3.98 1.64
N GLU A 169 -19.18 -5.25 2.02
CA GLU A 169 -20.40 -5.74 2.64
C GLU A 169 -20.56 -5.06 3.99
N VAL A 170 -19.48 -5.10 4.77
CA VAL A 170 -19.44 -4.50 6.09
C VAL A 170 -19.93 -3.06 6.05
N ILE A 171 -19.49 -2.34 5.04
CA ILE A 171 -19.84 -0.94 4.90
C ILE A 171 -21.24 -0.80 4.37
N ASP A 172 -21.42 -1.23 3.12
CA ASP A 172 -22.64 -0.99 2.38
C ASP A 172 -23.83 -1.81 2.85
N LYS A 173 -23.59 -2.83 3.68
CA LYS A 173 -24.71 -3.57 4.26
C LYS A 173 -24.83 -3.23 5.74
N ILE A 174 -23.99 -3.90 6.52
CA ILE A 174 -24.04 -3.84 7.96
C ILE A 174 -24.00 -2.45 8.59
N ASN A 175 -22.90 -1.72 8.39
CA ASN A 175 -22.80 -0.37 8.96
C ASN A 175 -23.76 0.58 8.24
N ALA A 176 -24.26 0.12 7.09
CA ALA A 176 -25.29 0.83 6.37
C ALA A 176 -26.68 0.50 6.91
N LYS A 177 -27.03 -0.79 6.92
CA LYS A 177 -28.40 -1.20 7.19
C LYS A 177 -28.54 -2.42 8.09
N GLY A 178 -27.44 -2.84 8.72
CA GLY A 178 -27.48 -3.82 9.79
C GLY A 178 -27.97 -5.19 9.36
N VAL A 179 -27.65 -5.56 8.12
CA VAL A 179 -28.13 -6.80 7.55
C VAL A 179 -27.01 -7.48 6.80
N CYS A 180 -27.24 -8.73 6.42
CA CYS A 180 -26.19 -9.51 5.81
C CYS A 180 -26.74 -10.44 4.74
N ARG A 181 -25.91 -10.74 3.75
CA ARG A 181 -26.27 -11.66 2.70
C ARG A 181 -26.38 -13.06 3.26
N SER A 182 -27.32 -13.83 2.72
CA SER A 182 -27.43 -15.23 3.06
C SER A 182 -26.55 -16.06 2.14
N THR A 183 -25.47 -15.45 1.65
CA THR A 183 -24.51 -16.14 0.84
C THR A 183 -23.12 -15.74 1.26
N ALA A 184 -22.21 -16.70 1.31
CA ALA A 184 -20.81 -16.42 1.56
C ALA A 184 -20.03 -16.64 0.28
N LYS A 185 -19.21 -15.69 -0.10
CA LYS A 185 -18.36 -15.88 -1.27
C LYS A 185 -16.92 -15.60 -0.89
N TYR A 186 -16.09 -16.62 -0.95
CA TYR A 186 -14.75 -16.48 -0.42
C TYR A 186 -13.72 -17.41 -1.04
N VAL A 187 -12.48 -17.14 -0.71
CA VAL A 187 -11.36 -17.90 -1.23
C VAL A 187 -10.89 -18.89 -0.19
N ARG A 188 -10.71 -20.14 -0.61
CA ARG A 188 -10.36 -21.15 0.34
C ARG A 188 -9.52 -22.16 -0.42
N ASN A 189 -8.32 -22.43 0.07
CA ASN A 189 -7.46 -23.41 -0.54
C ASN A 189 -7.21 -23.10 -2.02
N ASN A 190 -7.03 -21.83 -2.35
CA ASN A 190 -6.72 -21.43 -3.72
C ASN A 190 -7.83 -21.76 -4.71
N LEU A 191 -9.06 -21.69 -4.24
CA LEU A 191 -10.23 -21.71 -5.10
C LEU A 191 -11.24 -20.75 -4.48
N GLU A 192 -11.87 -19.98 -5.33
CA GLU A 192 -12.95 -19.10 -4.90
C GLU A 192 -14.23 -19.92 -4.72
N THR A 193 -14.39 -20.49 -3.54
CA THR A 193 -15.64 -21.16 -3.20
C THR A 193 -16.73 -20.14 -2.92
N THR A 194 -17.96 -20.63 -2.82
CA THR A 194 -19.10 -19.76 -2.54
C THR A 194 -20.21 -20.61 -1.95
N ALA A 195 -21.09 -20.00 -1.16
CA ALA A 195 -22.05 -20.77 -0.39
C ALA A 195 -23.37 -20.07 -0.25
N PHE A 196 -24.46 -20.77 -0.53
CA PHE A 196 -25.77 -20.18 -0.41
C PHE A 196 -26.46 -20.76 0.80
N HIS A 197 -26.82 -19.90 1.74
CA HIS A 197 -27.60 -20.35 2.87
C HIS A 197 -28.85 -21.03 2.36
N ARG A 198 -29.06 -22.27 2.78
CA ARG A 198 -30.19 -23.11 2.38
C ARG A 198 -30.11 -23.49 0.91
N ASP A 199 -29.15 -22.90 0.21
CA ASP A 199 -28.98 -23.03 -1.23
C ASP A 199 -30.04 -22.26 -2.02
N ASP A 200 -31.01 -21.71 -1.30
CA ASP A 200 -31.92 -20.74 -1.87
C ASP A 200 -31.04 -19.58 -2.28
N HIS A 201 -31.52 -18.73 -3.19
CA HIS A 201 -30.67 -17.65 -3.68
C HIS A 201 -30.43 -16.62 -2.59
N GLU A 202 -29.64 -15.60 -2.92
CA GLU A 202 -29.22 -14.58 -1.97
C GLU A 202 -30.39 -13.91 -1.27
N THR A 203 -30.23 -13.69 0.02
CA THR A 203 -31.18 -12.89 0.74
C THR A 203 -30.41 -12.04 1.73
N ASP A 204 -30.78 -10.78 1.82
CA ASP A 204 -30.28 -9.99 2.92
C ASP A 204 -31.12 -10.38 4.14
N MET A 205 -30.43 -10.73 5.24
CA MET A 205 -31.11 -11.09 6.46
C MET A 205 -30.70 -10.14 7.56
N GLU A 206 -31.58 -9.96 8.54
CA GLU A 206 -31.33 -9.02 9.63
C GLU A 206 -30.27 -9.55 10.55
N LEU A 207 -29.65 -8.64 11.29
CA LEU A 207 -28.69 -9.03 12.33
C LEU A 207 -29.34 -8.95 13.71
N LYS A 208 -29.68 -10.12 14.25
CA LYS A 208 -30.27 -10.19 15.57
C LYS A 208 -29.24 -10.65 16.60
N PRO A 209 -29.31 -10.11 17.83
CA PRO A 209 -28.26 -10.36 18.82
C PRO A 209 -28.03 -11.84 19.09
N ALA A 210 -26.83 -12.15 19.56
CA ALA A 210 -26.51 -13.51 19.97
C ALA A 210 -27.34 -13.83 21.19
N ASN A 211 -27.61 -15.10 21.42
CA ASN A 211 -28.32 -15.48 22.62
C ASN A 211 -27.51 -15.05 23.85
N ALA A 212 -28.21 -14.70 24.93
CA ALA A 212 -27.57 -14.09 26.09
C ALA A 212 -26.53 -14.97 26.76
N ALA A 213 -25.37 -14.38 27.00
CA ALA A 213 -24.29 -15.07 27.68
C ALA A 213 -23.57 -14.14 28.65
N THR A 214 -23.45 -14.59 29.88
CA THR A 214 -22.83 -13.79 30.90
C THR A 214 -21.38 -13.57 30.55
N ARG A 215 -20.92 -12.35 30.76
CA ARG A 215 -19.50 -12.07 30.67
C ARG A 215 -19.03 -12.38 29.27
N THR A 216 -19.76 -11.83 28.31
CA THR A 216 -19.33 -11.81 26.93
C THR A 216 -19.56 -10.40 26.43
N SER A 217 -18.77 -9.99 25.45
CA SER A 217 -19.06 -8.73 24.79
C SER A 217 -20.22 -9.02 23.88
N ARG A 218 -20.44 -8.18 22.87
CA ARG A 218 -21.63 -8.30 22.06
C ARG A 218 -21.41 -9.05 20.75
N GLY A 219 -22.33 -9.95 20.46
CA GLY A 219 -22.40 -10.60 19.17
C GLY A 219 -23.72 -10.32 18.48
N TRP A 220 -23.88 -10.82 17.27
CA TRP A 220 -25.14 -10.72 16.51
C TRP A 220 -25.12 -11.81 15.43
N HIS A 221 -26.27 -12.35 15.06
CA HIS A 221 -26.30 -13.39 14.05
C HIS A 221 -27.62 -13.51 13.26
N THR A 222 -27.49 -13.76 11.96
CA THR A 222 -28.61 -13.78 11.04
C THR A 222 -29.56 -14.98 11.27
N THR A 223 -29.02 -16.19 11.46
CA THR A 223 -29.86 -17.35 11.74
C THR A 223 -29.38 -18.07 12.99
N ASP A 224 -30.10 -19.09 13.40
CA ASP A 224 -29.66 -19.91 14.53
C ASP A 224 -30.08 -21.36 14.37
N LEU A 225 -30.29 -21.78 13.13
CA LEU A 225 -30.67 -23.17 12.83
C LEU A 225 -29.77 -23.78 11.79
N LYS A 226 -29.69 -25.11 11.80
CA LYS A 226 -28.88 -25.84 10.84
C LYS A 226 -29.75 -26.50 9.79
N TYR A 227 -29.54 -26.11 8.54
CA TYR A 227 -30.32 -26.65 7.44
C TYR A 227 -29.69 -27.92 6.88
N ASN A 228 -30.37 -29.05 7.08
CA ASN A 228 -29.96 -30.33 6.52
C ASN A 228 -30.81 -30.72 5.31
N PRO A 229 -30.23 -31.48 4.35
CA PRO A 229 -30.95 -31.87 3.14
C PRO A 229 -32.22 -32.67 3.43
N SER A 230 -33.33 -32.34 2.77
CA SER A 230 -34.61 -33.00 3.04
C SER A 230 -34.52 -34.50 2.76
N ARG A 231 -35.30 -35.29 3.49
CA ARG A 231 -35.25 -36.74 3.38
C ARG A 231 -35.81 -37.28 2.08
N VAL A 232 -34.93 -37.88 1.29
CA VAL A 232 -35.31 -38.79 0.20
C VAL A 232 -34.62 -40.10 0.49
N GLU A 233 -35.36 -41.19 0.54
CA GLU A 233 -34.74 -42.46 0.91
C GLU A 233 -33.58 -42.85 0.01
N ALA A 234 -32.64 -43.60 0.61
CA ALA A 234 -31.48 -44.16 -0.08
C ALA A 234 -30.77 -43.21 -1.03
N PHE A 235 -30.89 -41.90 -0.79
CA PHE A 235 -30.21 -40.93 -1.63
C PHE A 235 -29.52 -39.82 -0.83
N HIS A 236 -28.19 -39.88 -0.81
CA HIS A 236 -27.38 -38.91 -0.07
C HIS A 236 -27.38 -37.52 -0.73
N ARG A 237 -27.24 -36.48 0.09
CA ARG A 237 -27.17 -35.09 -0.39
C ARG A 237 -26.65 -34.10 0.66
N TYR A 238 -26.61 -32.83 0.29
CA TYR A 238 -25.86 -31.81 1.03
C TYR A 238 -26.72 -30.61 1.43
N GLY A 239 -26.34 -29.98 2.54
CA GLY A 239 -27.02 -28.76 2.96
C GLY A 239 -26.02 -27.66 3.26
N THR A 240 -26.11 -26.57 2.51
CA THR A 240 -25.32 -25.41 2.86
C THR A 240 -26.14 -24.46 3.72
N THR A 241 -25.60 -24.14 4.88
CA THR A 241 -26.18 -23.18 5.77
C THR A 241 -25.12 -22.10 5.96
N VAL A 242 -25.56 -20.84 6.05
CA VAL A 242 -24.61 -19.73 6.11
C VAL A 242 -25.02 -18.71 7.18
N ASN A 243 -24.47 -18.88 8.37
CA ASN A 243 -24.74 -18.01 9.51
C ASN A 243 -23.75 -16.85 9.53
N CYS A 244 -24.29 -15.64 9.40
CA CYS A 244 -23.49 -14.43 9.41
C CYS A 244 -23.35 -13.96 10.85
N ILE A 245 -22.09 -13.85 11.31
CA ILE A 245 -21.78 -13.52 12.70
C ILE A 245 -20.90 -12.28 12.86
N VAL A 246 -21.33 -11.37 13.74
CA VAL A 246 -20.56 -10.16 14.03
C VAL A 246 -20.29 -10.05 15.50
N GLU A 247 -19.03 -9.92 15.87
CA GLU A 247 -18.69 -9.83 17.29
C GLU A 247 -17.87 -8.61 17.67
N GLU A 248 -18.17 -8.05 18.83
CA GLU A 248 -17.26 -7.10 19.43
C GLU A 248 -16.34 -7.90 20.34
N VAL A 249 -15.04 -7.68 20.20
CA VAL A 249 -14.09 -8.44 20.96
C VAL A 249 -12.99 -7.53 21.46
N ASP A 250 -12.53 -7.75 22.69
CA ASP A 250 -11.35 -7.03 23.17
C ASP A 250 -10.17 -7.58 22.39
N ALA A 251 -9.16 -6.74 22.22
CA ALA A 251 -7.96 -7.14 21.50
C ALA A 251 -6.73 -6.73 22.28
N ARG A 252 -5.78 -7.65 22.41
CA ARG A 252 -4.59 -7.43 23.21
C ARG A 252 -3.38 -7.53 22.30
N SER A 253 -2.28 -6.89 22.69
CA SER A 253 -0.97 -7.15 22.07
C SER A 253 0.15 -6.66 22.93
N VAL A 254 1.35 -7.18 22.69
CA VAL A 254 2.51 -6.83 23.51
C VAL A 254 3.62 -6.24 22.66
N TYR A 255 4.56 -5.61 23.34
CA TYR A 255 5.76 -5.15 22.69
C TYR A 255 6.36 -6.29 21.85
N PRO A 256 6.86 -5.98 20.66
CA PRO A 256 6.92 -4.67 20.02
C PRO A 256 5.75 -4.49 19.07
N TYR A 257 4.56 -4.81 19.56
CA TYR A 257 3.31 -4.32 18.98
C TYR A 257 3.23 -4.40 17.45
N ASP A 258 3.66 -5.52 16.88
CA ASP A 258 3.61 -5.68 15.43
C ASP A 258 2.70 -6.82 15.00
N GLU A 259 1.83 -7.22 15.93
CA GLU A 259 0.75 -8.17 15.68
C GLU A 259 -0.05 -8.22 16.95
N PHE A 260 -1.32 -8.61 16.85
CA PHE A 260 -2.14 -8.65 18.04
C PHE A 260 -3.10 -9.83 18.00
N VAL A 261 -3.81 -10.04 19.11
CA VAL A 261 -4.74 -11.17 19.21
C VAL A 261 -6.05 -10.75 19.77
N LEU A 262 -6.99 -11.68 19.75
CA LEU A 262 -8.34 -11.37 20.18
C LEU A 262 -8.72 -12.13 21.44
N ALA A 263 -10.03 -12.28 21.65
CA ALA A 263 -10.54 -13.06 22.75
C ALA A 263 -11.03 -14.40 22.21
N THR A 264 -10.90 -14.60 20.91
CA THR A 264 -11.30 -15.85 20.29
C THR A 264 -10.10 -16.77 20.14
N GLY A 265 -8.92 -16.22 20.45
CA GLY A 265 -7.68 -16.93 20.27
C GLY A 265 -7.14 -16.64 18.89
N ASP A 266 -7.92 -15.91 18.09
CA ASP A 266 -7.48 -15.68 16.74
C ASP A 266 -6.35 -14.66 16.66
N PHE A 267 -5.21 -15.11 16.14
CA PHE A 267 -4.10 -14.20 15.89
C PHE A 267 -4.34 -13.34 14.67
N VAL A 268 -3.86 -12.11 14.71
CA VAL A 268 -3.87 -11.25 13.56
C VAL A 268 -2.50 -10.65 13.40
N TYR A 269 -1.82 -10.97 12.31
CA TYR A 269 -0.41 -10.66 12.21
C TYR A 269 -0.09 -9.30 11.59
N MET A 270 -0.61 -8.27 12.21
CA MET A 270 -0.36 -6.92 11.81
C MET A 270 -0.29 -6.11 13.08
N SER A 271 0.58 -5.11 13.08
CA SER A 271 0.58 -4.11 14.15
C SER A 271 -0.87 -3.63 14.36
N PRO A 272 -1.19 -3.16 15.58
CA PRO A 272 -2.50 -2.53 15.75
C PRO A 272 -2.51 -1.11 15.20
N PHE A 273 -1.32 -0.51 15.08
CA PHE A 273 -1.18 0.88 14.67
C PHE A 273 -0.83 1.04 13.20
N TYR A 274 -1.09 0.00 12.40
CA TYR A 274 -0.81 0.08 10.98
C TYR A 274 -1.81 1.02 10.35
N GLY A 275 -1.43 1.63 9.24
CA GLY A 275 -2.33 2.52 8.52
C GLY A 275 -1.60 3.30 7.46
N TYR A 276 -2.31 4.27 6.88
CA TYR A 276 -1.72 5.12 5.87
C TYR A 276 -1.26 6.43 6.52
N ARG A 277 -2.02 6.88 7.53
CA ARG A 277 -1.76 8.17 8.16
C ARG A 277 -0.46 8.13 8.95
N GLU A 278 0.19 9.28 9.06
CA GLU A 278 1.47 9.42 9.76
C GLU A 278 2.51 8.43 9.24
N GLY A 279 3.41 7.97 10.11
CA GLY A 279 4.42 7.04 9.66
C GLY A 279 3.97 5.59 9.75
N SER A 280 2.69 5.38 10.11
CA SER A 280 2.15 4.06 10.38
C SER A 280 2.46 3.04 9.31
N HIS A 281 2.39 3.44 8.04
CA HIS A 281 2.62 2.51 6.94
C HIS A 281 3.85 1.63 7.12
N THR A 282 4.81 2.08 7.91
CA THR A 282 6.00 1.29 8.13
C THR A 282 5.74 0.19 9.16
N GLU A 283 4.59 0.28 9.84
CA GLU A 283 4.21 -0.72 10.82
C GLU A 283 4.11 -2.07 10.15
N HIS A 284 4.26 -3.14 10.91
CA HIS A 284 4.38 -4.46 10.30
C HIS A 284 3.07 -5.02 9.72
N THR A 285 3.22 -5.77 8.63
CA THR A 285 2.13 -6.54 8.06
C THR A 285 2.65 -7.88 7.59
N SER A 286 1.79 -8.89 7.68
CA SER A 286 2.12 -10.23 7.18
C SER A 286 1.20 -10.64 6.04
N TYR A 287 0.36 -9.70 5.61
CA TYR A 287 -0.69 -10.01 4.64
C TYR A 287 -0.50 -9.33 3.29
N ALA A 288 -1.24 -9.84 2.31
CA ALA A 288 -1.29 -9.21 0.99
C ALA A 288 -1.88 -7.83 1.17
N ALA A 289 -1.50 -6.90 0.29
CA ALA A 289 -1.85 -5.49 0.47
C ALA A 289 -3.34 -5.19 0.42
N ASP A 290 -4.12 -6.06 -0.21
CA ASP A 290 -5.53 -5.75 -0.47
C ASP A 290 -6.45 -6.28 0.62
N ARG A 291 -5.86 -6.94 1.62
CA ARG A 291 -6.66 -7.40 2.74
C ARG A 291 -6.77 -6.30 3.75
N PHE A 292 -6.24 -5.13 3.45
CA PHE A 292 -6.44 -4.01 4.35
C PHE A 292 -7.08 -2.82 3.68
N LYS A 293 -8.06 -2.24 4.38
CA LYS A 293 -8.68 -1.00 3.96
C LYS A 293 -8.66 -0.03 5.13
N GLN A 294 -8.82 1.25 4.85
CA GLN A 294 -8.96 2.24 5.90
C GLN A 294 -9.86 3.36 5.47
N VAL A 295 -11.15 3.21 5.73
CA VAL A 295 -12.12 4.26 5.54
C VAL A 295 -11.81 5.46 6.44
N ASP A 296 -10.97 6.34 5.95
CA ASP A 296 -10.76 7.60 6.61
C ASP A 296 -12.12 8.24 6.79
N GLY A 297 -12.33 8.88 7.93
CA GLY A 297 -13.59 9.52 8.27
C GLY A 297 -14.78 8.59 8.29
N PHE A 298 -14.87 7.74 9.31
CA PHE A 298 -15.92 6.72 9.36
C PHE A 298 -16.90 6.94 10.53
N TYR A 299 -18.15 6.48 10.34
CA TYR A 299 -19.18 6.61 11.37
C TYR A 299 -19.85 5.28 11.65
N ALA A 300 -19.74 4.82 12.90
CA ALA A 300 -20.26 3.51 13.25
C ALA A 300 -21.77 3.50 13.53
N ARG A 301 -22.43 2.50 12.97
CA ARG A 301 -23.85 2.30 13.23
C ARG A 301 -24.02 1.17 14.24
N ASP A 302 -24.45 1.52 15.44
CA ASP A 302 -24.51 0.56 16.54
C ASP A 302 -25.64 -0.44 16.32
N LEU A 303 -25.25 -1.63 15.89
CA LEU A 303 -26.17 -2.70 15.52
C LEU A 303 -27.40 -2.88 16.40
N THR A 304 -27.20 -2.77 17.71
CA THR A 304 -28.31 -2.90 18.64
C THR A 304 -29.15 -1.63 18.68
N THR A 305 -28.53 -0.49 19.03
CA THR A 305 -29.30 0.73 19.19
C THR A 305 -29.78 1.29 17.86
N LYS A 306 -29.06 0.97 16.79
CA LYS A 306 -29.30 1.54 15.48
C LYS A 306 -29.15 3.06 15.52
N ALA A 307 -28.15 3.50 16.27
CA ALA A 307 -27.78 4.89 16.32
C ALA A 307 -26.46 4.98 15.59
N ARG A 308 -26.30 6.02 14.77
CA ARG A 308 -25.06 6.24 14.04
C ARG A 308 -24.07 6.87 15.00
N ALA A 309 -22.78 6.86 14.65
CA ALA A 309 -21.75 7.43 15.51
C ALA A 309 -21.63 8.94 15.33
N THR A 310 -21.59 9.66 16.46
CA THR A 310 -21.57 11.13 16.41
C THR A 310 -20.26 11.65 15.84
N ALA A 311 -19.15 11.15 16.36
CA ALA A 311 -17.84 11.61 15.92
C ALA A 311 -17.18 10.53 15.08
N PRO A 312 -16.54 10.96 13.98
CA PRO A 312 -15.89 10.08 13.01
C PRO A 312 -14.57 9.49 13.53
N THR A 313 -14.29 8.27 13.10
CA THR A 313 -13.06 7.61 13.47
C THR A 313 -12.26 7.42 12.20
N THR A 314 -11.02 6.99 12.37
CA THR A 314 -10.30 6.41 11.27
C THR A 314 -10.39 4.92 11.54
N ARG A 315 -10.99 4.18 10.62
CA ARG A 315 -11.40 2.79 10.85
C ARG A 315 -10.57 1.78 10.06
N ASN A 316 -9.92 0.86 10.78
CA ASN A 316 -9.08 -0.16 10.15
C ASN A 316 -9.87 -1.46 9.95
N LEU A 317 -9.65 -2.13 8.82
CA LEU A 317 -10.37 -3.37 8.49
C LEU A 317 -9.46 -4.36 7.79
N LEU A 318 -9.13 -5.43 8.49
CA LEU A 318 -8.25 -6.43 7.91
C LEU A 318 -8.99 -7.69 7.61
N THR A 319 -8.81 -8.20 6.40
CA THR A 319 -9.50 -9.41 6.04
C THR A 319 -8.54 -10.59 6.04
N THR A 320 -8.49 -11.30 7.16
CA THR A 320 -7.71 -12.52 7.21
C THR A 320 -8.51 -13.62 6.53
N PRO A 321 -7.83 -14.69 6.10
CA PRO A 321 -8.43 -15.89 5.48
C PRO A 321 -9.73 -16.40 6.12
N LYS A 322 -9.95 -16.09 7.39
CA LYS A 322 -11.14 -16.57 8.09
C LYS A 322 -12.11 -15.46 8.49
N PHE A 323 -11.64 -14.22 8.62
CA PHE A 323 -12.54 -13.13 9.04
C PHE A 323 -12.08 -11.73 8.67
N THR A 324 -12.93 -10.76 8.99
CA THR A 324 -12.53 -9.37 8.92
C THR A 324 -12.67 -8.74 10.29
N VAL A 325 -11.58 -8.15 10.75
CA VAL A 325 -11.59 -7.45 12.03
C VAL A 325 -11.51 -5.94 11.81
N ALA A 326 -12.41 -5.22 12.46
CA ALA A 326 -12.42 -3.78 12.33
C ALA A 326 -12.06 -3.09 13.64
N TRP A 327 -11.38 -1.95 13.53
CA TRP A 327 -11.10 -1.13 14.69
C TRP A 327 -10.68 0.28 14.28
N ASP A 328 -10.68 1.17 15.26
CA ASP A 328 -10.31 2.53 15.02
C ASP A 328 -8.81 2.65 15.12
N TRP A 329 -8.20 3.40 14.21
CA TRP A 329 -6.77 3.57 14.29
C TRP A 329 -6.41 4.76 15.18
N VAL A 330 -5.38 4.59 16.00
CA VAL A 330 -4.77 5.71 16.76
C VAL A 330 -3.25 5.66 16.61
N PRO A 331 -2.56 6.80 16.82
CA PRO A 331 -1.09 6.86 16.75
C PRO A 331 -0.41 6.01 17.82
N LYS A 332 0.77 5.48 17.51
CA LYS A 332 1.46 4.61 18.44
C LYS A 332 1.98 5.34 19.69
N ARG A 333 2.97 6.20 19.49
CA ARG A 333 3.65 6.90 20.59
C ARG A 333 2.76 7.31 21.77
N PRO A 334 1.62 7.96 21.51
CA PRO A 334 0.81 8.32 22.69
C PRO A 334 0.14 7.11 23.27
N SER A 335 -0.13 6.12 22.42
CA SER A 335 -1.00 5.02 22.78
C SER A 335 -0.38 3.95 23.66
N VAL A 336 0.96 3.91 23.73
CA VAL A 336 1.68 2.89 24.51
C VAL A 336 2.93 3.41 25.24
N CYS A 337 3.39 2.64 26.22
CA CYS A 337 4.58 2.97 26.98
C CYS A 337 5.23 1.75 27.53
N THR A 338 6.55 1.69 27.47
CA THR A 338 7.32 0.56 27.98
C THR A 338 7.34 0.48 29.52
N MET A 339 6.86 1.53 30.17
CA MET A 339 6.95 1.63 31.62
C MET A 339 5.63 2.07 32.22
N THR A 340 5.46 1.86 33.51
CA THR A 340 4.26 2.31 34.22
C THR A 340 4.57 3.16 35.45
N LYS A 341 3.80 4.24 35.62
CA LYS A 341 3.88 5.07 36.82
C LYS A 341 3.51 4.20 37.99
N TRP A 342 4.49 3.86 38.80
CA TRP A 342 4.21 2.97 39.91
C TRP A 342 3.78 3.77 41.11
N GLN A 343 4.66 4.59 41.66
CA GLN A 343 4.32 5.22 42.92
C GLN A 343 4.66 6.68 42.98
N GLU A 344 3.79 7.45 43.61
CA GLU A 344 4.00 8.88 43.74
C GLU A 344 4.41 9.22 45.14
N VAL A 345 5.56 9.87 45.25
CA VAL A 345 6.12 10.19 46.55
C VAL A 345 6.17 11.68 46.79
N ASP A 346 5.39 12.13 47.76
CA ASP A 346 5.44 13.51 48.21
C ASP A 346 6.88 13.86 48.60
N GLU A 347 7.30 13.41 49.77
CA GLU A 347 8.66 13.66 50.24
C GLU A 347 9.60 12.49 49.92
N MET A 348 10.50 12.70 48.97
CA MET A 348 11.49 11.70 48.62
C MET A 348 12.87 12.25 48.91
N LEU A 349 13.52 11.76 49.95
CA LEU A 349 14.81 12.32 50.36
C LEU A 349 15.96 11.64 49.68
N ARG A 350 16.72 12.41 48.93
CA ARG A 350 17.88 11.83 48.28
C ARG A 350 19.14 12.18 49.01
N SER A 351 19.98 11.18 49.23
CA SER A 351 21.31 11.41 49.73
C SER A 351 22.28 10.78 48.80
N GLU A 352 23.54 11.14 49.01
CA GLU A 352 24.66 10.57 48.29
C GLU A 352 25.55 9.90 49.28
N TYR A 353 25.73 8.60 49.10
CA TYR A 353 26.44 7.77 50.05
C TYR A 353 27.68 7.18 49.43
N GLY A 354 28.74 7.96 49.40
CA GLY A 354 29.98 7.53 48.79
C GLY A 354 29.89 7.50 47.28
N GLY A 355 29.25 8.51 46.70
CA GLY A 355 29.16 8.60 45.26
C GLY A 355 28.03 7.79 44.64
N SER A 356 27.17 7.25 45.49
CA SER A 356 25.98 6.56 45.02
C SER A 356 24.80 7.28 45.64
N PHE A 357 23.72 7.40 44.90
CA PHE A 357 22.59 8.18 45.41
C PHE A 357 21.61 7.31 46.17
N ARG A 358 20.85 7.94 47.06
CA ARG A 358 19.98 7.20 47.93
C ARG A 358 18.69 7.94 48.20
N PHE A 359 17.62 7.52 47.55
CA PHE A 359 16.32 8.14 47.78
C PHE A 359 15.49 7.24 48.65
N SER A 360 14.92 7.80 49.71
CA SER A 360 14.15 6.99 50.63
C SER A 360 12.83 7.66 50.91
N SER A 361 11.76 6.87 50.96
CA SER A 361 10.46 7.42 51.30
C SER A 361 10.05 7.04 52.72
N ASP A 362 9.50 7.99 53.43
CA ASP A 362 8.91 7.72 54.72
C ASP A 362 7.70 6.83 54.48
N ALA A 363 6.84 7.25 53.55
CA ALA A 363 5.59 6.53 53.31
C ALA A 363 5.79 5.07 52.91
N ILE A 364 6.33 4.85 51.71
CA ILE A 364 6.47 3.49 51.21
C ILE A 364 7.55 2.70 51.96
N SER A 365 8.35 3.40 52.75
CA SER A 365 9.26 2.73 53.66
C SER A 365 10.33 1.97 52.89
N THR A 366 10.70 2.48 51.73
CA THR A 366 11.74 1.82 50.94
C THR A 366 12.83 2.80 50.60
N THR A 367 13.97 2.27 50.18
CA THR A 367 15.10 3.13 49.91
C THR A 367 15.98 2.58 48.81
N PHE A 368 16.09 3.36 47.75
CA PHE A 368 16.67 2.90 46.49
C PHE A 368 18.06 3.47 46.28
N THR A 369 18.84 2.81 45.43
CA THR A 369 20.22 3.21 45.22
C THR A 369 20.56 3.40 43.76
N THR A 370 21.20 4.53 43.45
CA THR A 370 21.43 4.94 42.08
C THR A 370 22.85 5.42 41.88
N ASN A 371 23.21 5.63 40.62
CA ASN A 371 24.46 6.29 40.30
C ASN A 371 24.25 7.78 40.37
N LEU A 372 25.33 8.53 40.32
CA LEU A 372 25.26 9.97 40.48
C LEU A 372 24.97 10.67 39.16
N THR A 373 24.65 9.89 38.13
CA THR A 373 24.35 10.49 36.85
C THR A 373 22.92 10.16 36.52
N GLU A 374 22.23 11.08 35.86
CA GLU A 374 20.86 10.82 35.48
C GLU A 374 20.81 9.81 34.34
N TYR A 375 19.59 9.44 33.96
CA TYR A 375 19.34 8.43 32.95
C TYR A 375 18.67 9.09 31.76
N PRO A 376 19.19 8.86 30.55
CA PRO A 376 18.65 9.45 29.32
C PRO A 376 17.41 8.75 28.74
N LEU A 377 16.26 9.40 28.90
CA LEU A 377 14.98 8.91 28.38
C LEU A 377 15.04 8.49 26.92
N SER A 378 15.95 9.11 26.17
CA SER A 378 16.22 8.72 24.81
C SER A 378 16.42 7.22 24.76
N ARG A 379 17.28 6.72 25.64
CA ARG A 379 17.62 5.30 25.64
C ARG A 379 16.42 4.40 25.90
N VAL A 380 15.34 4.99 26.39
CA VAL A 380 14.09 4.28 26.66
C VAL A 380 13.20 4.26 25.44
N ASP A 381 13.03 3.08 24.85
CA ASP A 381 12.11 3.00 23.74
C ASP A 381 10.68 3.10 24.24
N LEU A 382 9.88 3.91 23.54
CA LEU A 382 8.47 4.07 23.82
C LEU A 382 8.26 4.52 25.25
N GLY A 383 8.93 5.61 25.61
CA GLY A 383 8.80 6.17 26.95
C GLY A 383 8.20 7.56 26.97
N ASP A 384 7.16 7.75 26.19
CA ASP A 384 6.57 9.04 26.04
C ASP A 384 5.86 9.38 27.31
N CYS A 385 5.15 8.43 27.87
CA CYS A 385 4.30 8.73 28.99
C CYS A 385 5.08 9.21 30.19
N ILE A 386 6.24 8.60 30.39
CA ILE A 386 7.08 8.90 31.52
C ILE A 386 7.21 10.37 31.74
N GLY A 387 7.69 11.06 30.73
CA GLY A 387 7.86 12.48 30.91
C GLY A 387 6.51 13.02 31.16
N LYS A 388 5.55 12.63 30.34
CA LYS A 388 4.27 13.32 30.44
C LYS A 388 3.67 13.09 31.79
N ASP A 389 3.75 11.86 32.27
CA ASP A 389 3.19 11.45 33.55
C ASP A 389 3.85 12.01 34.78
N ALA A 390 5.18 12.06 34.79
CA ALA A 390 5.88 12.46 35.99
C ALA A 390 5.64 13.91 36.17
N ARG A 391 5.80 14.62 35.08
CA ARG A 391 5.64 16.06 35.12
C ARG A 391 4.27 16.41 35.66
N ASP A 392 3.26 15.78 35.07
CA ASP A 392 1.87 16.06 35.42
C ASP A 392 1.62 15.93 36.92
N ALA A 393 2.27 14.98 37.57
CA ALA A 393 2.04 14.71 38.99
C ALA A 393 2.88 15.57 39.93
N MET A 394 4.13 15.84 39.54
CA MET A 394 5.01 16.65 40.37
C MET A 394 4.46 18.05 40.52
N ASP A 395 3.83 18.53 39.44
CA ASP A 395 3.22 19.85 39.43
C ASP A 395 1.94 19.83 40.25
N ARG A 396 1.13 18.78 40.08
CA ARG A 396 -0.07 18.63 40.89
C ARG A 396 0.24 18.60 42.38
N ILE A 397 1.40 18.06 42.74
CA ILE A 397 1.75 17.89 44.14
C ILE A 397 2.12 19.19 44.81
N PHE A 398 3.01 19.91 44.15
CA PHE A 398 3.50 21.21 44.61
C PHE A 398 2.34 22.14 44.96
N ALA A 399 1.26 22.05 44.19
CA ALA A 399 0.09 22.88 44.45
C ALA A 399 -0.58 22.54 45.79
N ARG A 400 -0.83 21.26 46.01
CA ARG A 400 -1.53 20.80 47.19
C ARG A 400 -0.75 21.04 48.49
N ARG A 401 0.54 21.28 48.36
CA ARG A 401 1.40 21.11 49.51
C ARG A 401 2.56 22.09 49.56
N TYR A 402 2.83 22.79 48.47
CA TYR A 402 4.02 23.63 48.45
C TYR A 402 3.82 24.98 47.78
N ASN A 403 2.57 25.35 47.46
CA ASN A 403 2.35 26.62 46.76
C ASN A 403 3.00 27.81 47.47
N ALA A 404 3.32 27.61 48.74
CA ALA A 404 4.00 28.63 49.54
C ALA A 404 5.37 28.15 50.02
N THR A 405 5.61 26.84 49.93
CA THR A 405 6.60 26.21 50.80
C THR A 405 8.03 26.17 50.30
N HIS A 406 8.25 25.96 49.01
CA HIS A 406 9.62 25.66 48.55
C HIS A 406 10.02 26.27 47.20
N ILE A 407 11.09 25.73 46.61
CA ILE A 407 11.61 26.24 45.34
C ILE A 407 12.22 25.14 44.46
N LYS A 408 11.77 25.06 43.21
CA LYS A 408 12.19 24.02 42.30
C LYS A 408 13.61 24.23 41.82
N VAL A 409 14.55 23.46 42.36
CA VAL A 409 15.93 23.53 41.94
C VAL A 409 16.13 22.73 40.66
N GLY A 410 16.19 23.45 39.54
CA GLY A 410 16.35 22.81 38.24
C GLY A 410 15.10 22.07 37.77
N GLN A 411 15.15 21.60 36.54
CA GLN A 411 14.09 20.77 36.00
C GLN A 411 14.19 19.36 36.59
N PRO A 412 13.10 18.55 36.47
CA PRO A 412 13.07 17.16 36.93
C PRO A 412 14.24 16.33 36.43
N GLN A 413 14.60 15.29 37.18
CA GLN A 413 15.76 14.51 36.84
C GLN A 413 15.40 13.04 36.90
N TYR A 414 15.91 12.27 35.93
CA TYR A 414 15.54 10.85 35.83
C TYR A 414 16.65 9.90 36.21
N TYR A 415 16.44 9.20 37.32
CA TYR A 415 17.41 8.23 37.78
C TYR A 415 16.85 6.82 37.71
N LEU A 416 17.75 5.85 37.62
CA LEU A 416 17.36 4.45 37.48
C LEU A 416 17.95 3.60 38.61
N ALA A 417 17.15 3.30 39.62
CA ALA A 417 17.66 2.61 40.78
C ALA A 417 17.79 1.13 40.49
N ASN A 418 18.77 0.48 41.12
CA ASN A 418 18.88 -0.96 41.05
C ASN A 418 17.52 -1.61 41.24
N GLY A 419 17.24 -2.64 40.45
CA GLY A 419 15.91 -3.19 40.40
C GLY A 419 15.20 -2.58 39.21
N GLY A 420 15.90 -1.69 38.51
CA GLY A 420 15.37 -1.06 37.32
C GLY A 420 14.10 -0.30 37.61
N PHE A 421 14.14 0.58 38.60
CA PHE A 421 13.00 1.41 38.88
C PHE A 421 13.29 2.83 38.45
N LEU A 422 12.67 3.29 37.38
CA LEU A 422 12.96 4.64 36.95
C LEU A 422 12.47 5.64 37.96
N ILE A 423 13.27 6.66 38.22
CA ILE A 423 12.88 7.64 39.23
C ILE A 423 12.88 9.07 38.75
N ALA A 424 11.70 9.66 38.72
CA ALA A 424 11.55 11.08 38.41
C ALA A 424 11.66 11.85 39.71
N TYR A 425 12.63 12.75 39.80
CA TYR A 425 12.87 13.48 41.02
C TYR A 425 12.94 14.97 40.72
N GLN A 426 12.28 15.76 41.55
CA GLN A 426 12.40 17.21 41.48
C GLN A 426 13.01 17.73 42.77
N PRO A 427 14.31 18.06 42.75
CA PRO A 427 14.98 18.62 43.92
C PRO A 427 14.39 19.95 44.34
N LEU A 428 14.07 20.06 45.64
CA LEU A 428 13.48 21.26 46.19
C LEU A 428 14.37 21.96 47.20
N LEU A 429 13.83 23.01 47.81
CA LEU A 429 14.57 23.90 48.69
C LEU A 429 13.54 24.77 49.37
N SER A 430 13.60 24.88 50.69
CA SER A 430 12.57 25.58 51.45
C SER A 430 12.41 27.02 51.02
N ASN A 431 11.32 27.64 51.49
CA ASN A 431 11.01 29.01 51.13
C ASN A 431 11.86 30.00 51.91
N THR A 432 11.77 29.92 53.24
CA THR A 432 12.51 30.81 54.12
C THR A 432 13.97 30.93 53.69
N LEU A 433 14.59 29.79 53.39
CA LEU A 433 15.97 29.78 52.93
C LEU A 433 15.98 29.74 51.41
N ALA A 434 15.63 30.86 50.79
CA ALA A 434 15.53 30.92 49.33
C ALA A 434 16.89 31.09 48.62
N GLU A 435 17.89 31.50 49.37
CA GLU A 435 19.11 32.07 48.81
C GLU A 435 20.00 31.12 48.01
N LEU A 436 19.62 29.86 47.93
CA LEU A 436 20.57 28.84 47.48
C LEU A 436 20.30 28.20 46.11
N TYR A 437 19.28 28.69 45.42
CA TYR A 437 18.96 28.25 44.06
C TYR A 437 20.26 28.19 43.27
N VAL A 438 20.92 29.33 43.16
CA VAL A 438 22.16 29.47 42.40
C VAL A 438 23.15 28.36 42.70
N ARG A 439 23.21 27.96 43.96
CA ARG A 439 24.20 27.00 44.42
C ARG A 439 23.96 25.60 43.88
N GLU A 440 22.76 25.09 44.08
CA GLU A 440 22.50 23.71 43.72
C GLU A 440 22.07 23.55 42.27
N HIS A 441 21.45 24.59 41.71
CA HIS A 441 20.96 24.50 40.34
C HIS A 441 22.07 24.02 39.45
N LEU A 442 23.26 24.52 39.71
CA LEU A 442 24.41 24.19 38.92
C LEU A 442 24.68 22.70 39.02
N ARG A 443 24.64 22.19 40.25
CA ARG A 443 24.84 20.78 40.50
C ARG A 443 23.70 19.99 39.87
N GLU A 444 22.49 20.50 40.01
CA GLU A 444 21.31 19.85 39.42
C GLU A 444 21.38 19.81 37.90
N GLN A 445 22.35 20.53 37.34
CA GLN A 445 22.62 20.50 35.92
C GLN A 445 23.82 19.62 35.61
N SER A 446 24.75 19.56 36.55
CA SER A 446 25.98 18.82 36.35
C SER A 446 25.70 17.32 36.19
N VAL A 465 18.23 2.45 21.58
CA VAL A 465 17.33 2.46 22.71
C VAL A 465 17.33 1.12 23.42
N GLU A 466 16.47 0.96 24.42
CA GLU A 466 16.41 -0.31 25.15
C GLU A 466 15.16 -0.54 25.99
N ARG A 467 15.14 -1.72 26.61
CA ARG A 467 14.02 -2.19 27.41
C ARG A 467 14.49 -2.45 28.82
N ILE A 468 13.93 -1.71 29.77
CA ILE A 468 14.32 -1.79 31.17
C ILE A 468 13.49 -2.80 31.95
N LYS A 469 14.18 -3.69 32.65
CA LYS A 469 13.50 -4.70 33.42
C LYS A 469 13.41 -4.38 34.91
N THR A 470 12.23 -4.60 35.45
CA THR A 470 11.99 -4.33 36.86
C THR A 470 11.80 -5.63 37.61
N THR A 471 12.56 -5.77 38.68
CA THR A 471 12.51 -6.91 39.58
C THR A 471 11.10 -7.03 40.11
N SER A 472 10.73 -8.18 40.67
CA SER A 472 9.39 -8.28 41.22
C SER A 472 9.30 -7.89 42.68
N SER A 473 10.44 -7.78 43.36
CA SER A 473 10.37 -7.54 44.79
C SER A 473 11.05 -6.28 45.33
N ILE A 474 10.25 -5.56 46.11
CA ILE A 474 10.67 -4.34 46.75
C ILE A 474 11.33 -4.65 48.11
N GLU A 475 11.72 -5.90 48.29
CA GLU A 475 12.31 -6.36 49.55
C GLU A 475 13.49 -5.53 49.98
N PHE A 476 14.60 -5.65 49.27
CA PHE A 476 15.83 -5.00 49.70
C PHE A 476 15.81 -3.48 49.92
N PRO A 477 15.21 -2.71 49.00
CA PRO A 477 14.89 -1.30 49.26
C PRO A 477 14.21 -1.06 50.61
N GLY A 478 13.41 -2.03 51.05
CA GLY A 478 12.75 -1.97 52.33
C GLY A 478 13.79 -2.23 53.40
N LEU A 479 14.50 -3.34 53.27
CA LEU A 479 15.56 -3.66 54.22
C LEU A 479 16.47 -2.48 54.46
N GLY A 480 17.17 -2.06 53.40
CA GLY A 480 18.01 -0.88 53.47
C GLY A 480 17.34 0.26 54.18
N PHE A 481 16.11 0.58 53.80
CA PHE A 481 15.43 1.66 54.44
C PHE A 481 15.43 1.43 55.92
N THR A 482 15.01 0.23 56.30
CA THR A 482 14.85 -0.09 57.69
C THR A 482 16.19 -0.06 58.38
N TYR A 483 17.21 -0.62 57.74
CA TYR A 483 18.52 -0.69 58.36
C TYR A 483 19.13 0.69 58.54
N GLY A 484 19.07 1.52 57.51
CA GLY A 484 19.68 2.83 57.62
C GLY A 484 19.11 3.61 58.80
N HIS A 485 17.79 3.66 58.88
CA HIS A 485 17.15 4.48 59.88
C HIS A 485 17.51 4.08 61.30
N ILE A 486 17.59 2.78 61.51
CA ILE A 486 17.99 2.30 62.81
C ILE A 486 19.48 2.53 63.03
N GLN A 487 20.30 2.16 62.04
CA GLN A 487 21.71 2.50 62.05
C GLN A 487 21.94 3.97 62.41
N ARG A 488 21.33 4.87 61.63
CA ARG A 488 21.50 6.28 61.86
C ARG A 488 21.27 6.56 63.31
N HIS A 489 20.06 6.27 63.78
CA HIS A 489 19.69 6.64 65.14
C HIS A 489 20.68 6.12 66.16
N VAL A 490 20.81 4.80 66.22
CA VAL A 490 21.72 4.18 67.14
C VAL A 490 23.04 4.87 67.07
N ASN A 491 23.66 4.86 65.90
CA ASN A 491 24.98 5.46 65.78
C ASN A 491 25.07 6.91 66.22
N ASP A 492 23.95 7.63 66.20
CA ASP A 492 23.96 8.97 66.73
C ASP A 492 24.04 8.95 68.25
N MET A 493 22.98 8.45 68.88
CA MET A 493 22.90 8.39 70.33
C MET A 493 24.16 7.84 71.00
N LEU A 494 24.57 6.63 70.63
CA LEU A 494 25.74 6.05 71.28
C LEU A 494 26.92 6.99 71.07
N GLY A 495 27.00 7.55 69.87
CA GLY A 495 28.00 8.55 69.60
C GLY A 495 27.97 9.63 70.66
N ARG A 496 26.78 10.09 71.00
CA ARG A 496 26.66 11.15 72.00
C ARG A 496 27.09 10.61 73.35
N VAL A 497 26.71 9.38 73.61
CA VAL A 497 27.06 8.80 74.88
C VAL A 497 28.57 8.75 75.00
N ALA A 498 29.22 8.46 73.89
CA ALA A 498 30.67 8.44 73.88
C ALA A 498 31.19 9.78 74.39
N ILE A 499 30.79 10.88 73.76
CA ILE A 499 31.32 12.18 74.12
C ILE A 499 30.93 12.63 75.54
N ALA A 500 29.64 12.52 75.85
CA ALA A 500 29.13 12.87 77.17
C ALA A 500 29.97 12.19 78.21
N TRP A 501 30.31 10.94 77.94
CA TRP A 501 31.14 10.14 78.81
C TRP A 501 32.48 10.83 78.96
N CYS A 502 33.17 10.96 77.83
CA CYS A 502 34.48 11.60 77.81
C CYS A 502 34.50 12.94 78.51
N GLU A 503 33.52 13.78 78.19
CA GLU A 503 33.38 15.07 78.86
C GLU A 503 33.39 14.90 80.37
N LEU A 504 32.78 13.82 80.85
CA LEU A 504 32.71 13.56 82.27
C LEU A 504 34.02 13.03 82.85
N GLN A 505 34.69 12.17 82.10
CA GLN A 505 35.97 11.65 82.52
C GLN A 505 36.96 12.78 82.73
N ASN A 506 36.99 13.73 81.80
CA ASN A 506 37.86 14.89 81.92
C ASN A 506 37.38 15.83 83.03
N HIS A 507 36.08 15.95 83.17
CA HIS A 507 35.51 16.77 84.23
C HIS A 507 36.07 16.38 85.59
N GLU A 508 35.75 15.16 86.02
CA GLU A 508 36.02 14.69 87.37
C GLU A 508 37.46 14.73 87.83
N LEU A 509 38.40 14.82 86.90
CA LEU A 509 39.81 14.84 87.26
C LEU A 509 40.06 15.93 88.30
N THR A 510 39.30 17.01 88.17
CA THR A 510 39.35 18.14 89.09
C THR A 510 39.07 17.74 90.55
N LEU A 511 38.35 16.63 90.73
CA LEU A 511 38.01 16.15 92.05
C LEU A 511 39.08 15.17 92.46
N TRP A 512 39.40 14.22 91.58
CA TRP A 512 40.44 13.25 91.87
C TRP A 512 41.71 13.96 92.29
N ASN A 513 41.97 15.14 91.75
CA ASN A 513 43.11 15.90 92.19
C ASN A 513 43.02 16.17 93.68
N GLU A 514 42.00 16.94 94.07
CA GLU A 514 41.88 17.40 95.44
C GLU A 514 41.69 16.24 96.39
N ALA A 515 41.00 15.21 95.92
CA ALA A 515 40.78 13.99 96.68
C ALA A 515 42.12 13.31 96.91
N ARG A 516 42.99 13.39 95.91
CA ARG A 516 44.30 12.77 95.99
C ARG A 516 45.08 13.35 97.16
N LYS A 517 44.93 14.65 97.40
CA LYS A 517 45.67 15.31 98.48
C LYS A 517 45.14 14.90 99.83
N LEU A 518 43.90 14.45 99.89
CA LEU A 518 43.26 14.14 101.17
C LEU A 518 43.60 12.74 101.68
N ASN A 519 43.49 11.74 100.80
CA ASN A 519 43.81 10.38 101.19
C ASN A 519 44.66 9.78 100.11
N PRO A 520 45.94 10.14 100.09
CA PRO A 520 46.81 9.71 99.01
C PRO A 520 46.87 8.20 98.99
N ASN A 521 46.77 7.60 100.18
CA ASN A 521 46.76 6.16 100.27
C ASN A 521 45.70 5.54 99.40
N ALA A 522 44.45 5.85 99.71
CA ALA A 522 43.32 5.20 99.06
C ALA A 522 43.20 5.55 97.58
N ILE A 523 43.22 6.84 97.28
CA ILE A 523 43.12 7.31 95.91
C ILE A 523 44.13 6.58 95.02
N ALA A 524 45.36 6.46 95.50
CA ALA A 524 46.40 5.80 94.74
C ALA A 524 46.02 4.36 94.41
N SER A 525 45.61 3.61 95.42
CA SER A 525 45.39 2.18 95.29
C SER A 525 44.20 1.89 94.40
N VAL A 526 43.28 2.84 94.32
CA VAL A 526 42.13 2.63 93.47
C VAL A 526 42.50 2.98 92.06
N THR A 527 43.66 3.58 91.89
CA THR A 527 44.08 4.04 90.58
C THR A 527 44.97 3.04 89.88
N VAL A 528 45.58 2.15 90.64
CA VAL A 528 46.42 1.13 90.04
C VAL A 528 45.84 -0.27 90.30
N GLY A 529 44.63 -0.29 90.84
CA GLY A 529 43.94 -1.56 91.03
C GLY A 529 44.72 -2.53 91.88
N ARG A 530 45.47 -1.98 92.84
CA ARG A 530 46.13 -2.80 93.86
C ARG A 530 46.55 -1.91 95.00
N ARG A 531 46.55 -2.46 96.21
CA ARG A 531 46.89 -1.69 97.41
C ARG A 531 48.33 -1.23 97.37
N VAL A 532 48.55 0.02 97.74
CA VAL A 532 49.89 0.62 97.76
C VAL A 532 49.96 1.73 98.78
N SER A 533 51.19 2.10 99.15
CA SER A 533 51.43 3.26 99.98
C SER A 533 51.79 4.39 99.06
N ALA A 534 51.57 5.63 99.50
CA ALA A 534 51.75 6.77 98.60
C ALA A 534 52.05 8.09 99.31
N ARG A 535 52.43 9.09 98.53
CA ARG A 535 52.74 10.42 99.04
C ARG A 535 52.86 11.42 97.89
N MET A 536 52.60 12.68 98.20
CA MET A 536 52.70 13.76 97.22
C MET A 536 54.03 14.52 97.32
N LEU A 537 54.72 14.62 96.19
CA LEU A 537 55.93 15.40 96.11
C LEU A 537 55.66 16.68 95.35
N GLY A 538 54.73 17.48 95.86
CA GLY A 538 54.38 18.70 95.18
C GLY A 538 53.23 18.48 94.22
N ASP A 539 53.55 18.13 92.98
CA ASP A 539 52.51 17.99 91.96
C ASP A 539 52.33 16.56 91.45
N VAL A 540 53.17 15.66 91.93
CA VAL A 540 53.11 14.27 91.47
C VAL A 540 53.02 13.34 92.65
N MET A 541 52.86 12.06 92.39
CA MET A 541 52.60 11.13 93.46
C MET A 541 53.74 10.18 93.66
N ALA A 542 54.38 10.28 94.82
CA ALA A 542 55.34 9.29 95.22
C ALA A 542 54.56 8.08 95.67
N VAL A 543 54.93 6.92 95.16
CA VAL A 543 54.26 5.69 95.58
C VAL A 543 55.28 4.60 95.85
N SER A 544 54.91 3.70 96.74
CA SER A 544 55.64 2.45 96.92
C SER A 544 54.70 1.41 97.53
N THR A 545 55.07 0.15 97.39
CA THR A 545 54.14 -0.94 97.64
C THR A 545 53.70 -1.12 99.10
N CYS A 546 52.76 -2.03 99.28
CA CYS A 546 52.19 -2.37 100.58
C CYS A 546 52.28 -3.86 100.78
N VAL A 547 52.52 -4.28 102.02
CA VAL A 547 52.80 -5.69 102.29
C VAL A 547 51.62 -6.41 102.91
N PRO A 548 51.29 -7.60 102.38
CA PRO A 548 50.18 -8.39 102.91
C PRO A 548 50.53 -9.08 104.23
N VAL A 549 49.52 -9.27 105.06
CA VAL A 549 49.68 -9.95 106.33
C VAL A 549 48.51 -10.92 106.57
N ALA A 550 48.84 -12.15 106.95
CA ALA A 550 47.84 -13.21 107.12
C ALA A 550 46.75 -12.79 108.07
N ALA A 551 45.50 -12.94 107.64
CA ALA A 551 44.36 -12.56 108.46
C ALA A 551 44.29 -13.37 109.76
N ASP A 552 44.94 -14.53 109.79
CA ASP A 552 45.01 -15.33 111.02
C ASP A 552 46.25 -14.97 111.84
N ASN A 553 46.66 -13.70 111.73
CA ASN A 553 47.85 -13.20 112.40
C ASN A 553 47.71 -11.77 112.93
N VAL A 554 46.47 -11.30 113.10
CA VAL A 554 46.27 -9.93 113.56
C VAL A 554 45.53 -9.82 114.90
N ILE A 555 46.07 -8.99 115.79
CA ILE A 555 45.60 -8.89 117.18
C ILE A 555 45.39 -7.47 117.68
N VAL A 556 44.16 -7.17 118.10
CA VAL A 556 43.79 -5.84 118.56
C VAL A 556 43.84 -5.71 120.09
N GLN A 557 44.46 -4.64 120.58
CA GLN A 557 44.59 -4.43 122.02
C GLN A 557 43.39 -3.66 122.58
N ASN A 558 42.95 -4.08 123.78
CA ASN A 558 41.61 -3.80 124.33
C ASN A 558 41.21 -2.36 124.67
N SER A 559 42.14 -1.58 125.21
CA SER A 559 41.80 -0.21 125.58
C SER A 559 42.31 0.77 124.55
N MET A 560 41.78 1.99 124.58
CA MET A 560 42.31 3.08 123.79
C MET A 560 42.92 4.13 124.73
N ARG A 561 42.80 3.88 126.04
CA ARG A 561 43.34 4.77 127.04
C ARG A 561 44.84 4.51 127.17
N ILE A 562 45.61 5.58 127.36
CA ILE A 562 47.07 5.51 127.32
C ILE A 562 47.74 5.64 128.69
N SER A 563 48.25 4.52 129.19
CA SER A 563 48.98 4.51 130.45
C SER A 563 50.17 5.46 130.36
N SER A 564 50.78 5.52 129.19
CA SER A 564 51.96 6.35 128.93
C SER A 564 51.70 7.83 129.23
N ARG A 565 50.77 8.43 128.48
CA ARG A 565 50.29 9.77 128.82
C ARG A 565 48.78 9.77 128.92
N PRO A 566 48.26 10.03 130.11
CA PRO A 566 46.81 9.95 130.35
C PRO A 566 46.10 11.23 129.93
N GLY A 567 44.78 11.15 129.84
CA GLY A 567 43.96 12.26 129.42
C GLY A 567 43.53 12.11 127.97
N ALA A 568 44.48 11.69 127.15
CA ALA A 568 44.26 11.50 125.72
C ALA A 568 44.26 10.02 125.36
N CYS A 569 43.76 9.72 124.17
CA CYS A 569 43.58 8.33 123.74
C CYS A 569 44.02 8.17 122.31
N TYR A 570 44.50 6.99 121.97
CA TYR A 570 44.78 6.65 120.58
C TYR A 570 43.49 6.77 119.80
N SER A 571 43.48 7.62 118.78
CA SER A 571 42.28 7.82 117.99
C SER A 571 41.93 6.57 117.21
N ARG A 572 42.85 5.61 117.18
CA ARG A 572 42.66 4.39 116.42
C ARG A 572 43.18 3.18 117.20
N PRO A 573 42.43 2.08 117.22
CA PRO A 573 42.70 0.90 118.05
C PRO A 573 44.10 0.32 117.87
N LEU A 574 44.60 -0.27 118.94
CA LEU A 574 45.96 -0.77 118.95
C LEU A 574 46.02 -2.21 118.52
N VAL A 575 47.07 -2.56 117.79
CA VAL A 575 47.19 -3.93 117.34
C VAL A 575 48.59 -4.44 117.32
N SER A 576 48.68 -5.76 117.20
CA SER A 576 49.94 -6.40 116.92
C SER A 576 49.72 -7.55 115.96
N PHE A 577 50.78 -7.94 115.28
CA PHE A 577 50.68 -8.82 114.14
C PHE A 577 52.06 -9.35 113.79
N ARG A 578 52.10 -10.50 113.14
CA ARG A 578 53.34 -11.04 112.63
C ARG A 578 53.18 -11.07 111.14
N TYR A 579 54.30 -11.05 110.41
CA TYR A 579 54.27 -11.16 108.96
C TYR A 579 54.15 -12.62 108.59
N GLU A 580 55.14 -13.39 109.01
CA GLU A 580 55.13 -14.84 108.87
C GLU A 580 54.69 -15.48 110.18
N ASP A 581 54.13 -16.68 110.09
CA ASP A 581 53.60 -17.39 111.25
C ASP A 581 54.60 -17.40 112.41
N GLN A 582 55.71 -18.09 112.22
CA GLN A 582 56.69 -18.19 113.28
C GLN A 582 57.53 -16.92 113.38
N GLY A 583 57.23 -15.94 112.53
CA GLY A 583 57.89 -14.64 112.59
C GLY A 583 57.62 -13.86 113.88
N PRO A 584 58.61 -13.08 114.33
CA PRO A 584 58.47 -12.29 115.56
C PRO A 584 57.40 -11.21 115.44
N LEU A 585 56.43 -11.29 116.36
CA LEU A 585 55.35 -10.30 116.50
C LEU A 585 55.80 -8.85 116.27
N VAL A 586 54.92 -8.04 115.69
CA VAL A 586 55.21 -6.61 115.51
C VAL A 586 54.08 -5.78 116.14
N GLU A 587 54.39 -4.56 116.57
CA GLU A 587 53.44 -3.67 117.23
C GLU A 587 52.99 -2.54 116.33
N GLY A 588 51.69 -2.29 116.29
CA GLY A 588 51.17 -1.24 115.44
C GLY A 588 49.78 -0.75 115.78
N GLN A 589 49.36 0.33 115.13
CA GLN A 589 48.04 0.90 115.33
C GLN A 589 47.20 0.67 114.06
N LEU A 590 45.91 0.40 114.24
CA LEU A 590 45.03 0.12 113.13
C LEU A 590 44.74 1.40 112.34
N GLY A 591 44.52 1.26 111.04
CA GLY A 591 44.17 2.38 110.18
C GLY A 591 42.83 2.16 109.51
N GLU A 592 42.57 2.90 108.44
CA GLU A 592 41.35 2.66 107.69
C GLU A 592 41.60 1.49 106.76
N ASN A 593 40.54 0.76 106.42
CA ASN A 593 40.65 -0.37 105.50
C ASN A 593 41.75 -1.36 105.86
N ASN A 594 41.78 -1.80 107.11
CA ASN A 594 42.82 -2.73 107.56
C ASN A 594 44.25 -2.27 107.24
N GLU A 595 44.50 -0.97 107.29
CA GLU A 595 45.87 -0.49 107.18
C GLU A 595 46.53 -0.60 108.54
N LEU A 596 47.61 -1.35 108.62
CA LEU A 596 48.36 -1.41 109.87
C LEU A 596 49.47 -0.36 109.91
N ARG A 597 49.26 0.65 110.74
CA ARG A 597 50.27 1.67 110.96
C ARG A 597 51.28 1.18 111.99
N LEU A 598 52.56 1.20 111.61
CA LEU A 598 53.64 0.81 112.52
C LEU A 598 53.82 1.72 113.75
N THR A 599 53.73 3.04 113.54
CA THR A 599 53.84 3.99 114.64
C THR A 599 52.47 4.26 115.25
N ARG A 600 52.38 4.24 116.56
CA ARG A 600 51.12 4.54 117.21
C ARG A 600 51.06 5.99 117.64
N ASP A 601 50.74 6.89 116.70
CA ASP A 601 50.72 8.31 116.99
C ASP A 601 49.34 8.95 116.86
N ALA A 602 48.38 8.18 116.33
CA ALA A 602 47.04 8.70 116.07
C ALA A 602 46.27 8.77 117.35
N ILE A 603 46.08 9.99 117.84
CA ILE A 603 45.60 10.18 119.21
C ILE A 603 44.59 11.30 119.36
N GLU A 604 43.56 11.03 120.14
CA GLU A 604 42.56 12.04 120.45
C GLU A 604 42.26 12.02 121.95
N PRO A 605 41.96 13.20 122.52
CA PRO A 605 41.57 13.36 123.93
C PRO A 605 40.37 12.50 124.29
N CYS A 606 40.44 11.80 125.42
CA CYS A 606 39.34 10.99 125.88
C CYS A 606 38.08 11.82 126.09
N THR A 607 37.10 11.61 125.22
CA THR A 607 35.84 12.34 125.29
C THR A 607 34.79 11.49 125.97
N VAL A 608 33.84 12.16 126.61
CA VAL A 608 32.74 11.49 127.29
C VAL A 608 31.98 10.60 126.32
N GLY A 609 31.68 9.40 126.78
CA GLY A 609 30.77 8.50 126.08
C GLY A 609 31.15 8.30 124.64
N HIS A 610 32.42 7.97 124.42
CA HIS A 610 32.91 7.61 123.09
C HIS A 610 32.39 6.22 122.68
N ARG A 611 32.03 6.07 121.41
CA ARG A 611 31.61 4.77 120.87
C ARG A 611 31.84 4.72 119.36
N ARG A 612 32.65 3.76 118.90
CA ARG A 612 33.08 3.73 117.51
C ARG A 612 32.98 2.35 116.89
N TYR A 613 33.01 2.30 115.56
CA TYR A 613 33.20 1.06 114.83
C TYR A 613 34.43 1.18 113.92
N PHE A 614 35.13 0.06 113.71
CA PHE A 614 36.31 0.07 112.86
C PHE A 614 36.34 -1.10 111.88
N THR A 615 36.77 -0.82 110.65
CA THR A 615 36.95 -1.84 109.64
C THR A 615 37.99 -2.81 110.16
N PHE A 616 37.66 -4.10 110.17
CA PHE A 616 38.55 -5.10 110.74
C PHE A 616 38.21 -6.50 110.21
N GLY A 617 38.96 -6.93 109.20
CA GLY A 617 38.67 -8.21 108.60
C GLY A 617 37.38 -8.15 107.81
N GLY A 618 36.74 -9.29 107.61
CA GLY A 618 35.52 -9.33 106.82
C GLY A 618 34.37 -8.56 107.44
N GLY A 619 34.64 -7.86 108.53
CA GLY A 619 33.64 -7.09 109.21
C GLY A 619 34.25 -6.03 110.10
N TYR A 620 33.54 -5.67 111.16
CA TYR A 620 33.98 -4.61 112.05
C TYR A 620 34.32 -5.13 113.43
N VAL A 621 34.68 -4.18 114.29
CA VAL A 621 34.83 -4.40 115.71
C VAL A 621 34.36 -3.11 116.42
N TYR A 622 33.49 -3.24 117.42
CA TYR A 622 32.87 -2.09 118.06
C TYR A 622 33.57 -1.73 119.37
N PHE A 623 33.64 -0.42 119.66
CA PHE A 623 34.26 0.08 120.88
C PHE A 623 33.32 1.03 121.62
N GLU A 624 33.60 1.26 122.90
CA GLU A 624 32.80 2.17 123.72
C GLU A 624 33.50 2.61 125.01
N GLU A 625 33.46 3.92 125.28
CA GLU A 625 34.17 4.52 126.40
C GLU A 625 35.66 4.14 126.39
N TYR A 626 36.20 3.98 125.18
CA TYR A 626 37.60 3.65 124.93
C TYR A 626 38.02 2.21 125.24
N ALA A 627 37.05 1.40 125.65
CA ALA A 627 37.30 -0.01 125.95
C ALA A 627 36.59 -0.92 124.95
N TYR A 628 37.15 -2.11 124.75
CA TYR A 628 36.61 -3.10 123.81
C TYR A 628 35.16 -3.45 124.12
N SER A 629 34.47 -4.01 123.12
CA SER A 629 33.16 -4.63 123.33
C SER A 629 33.04 -5.91 122.52
N HIS A 630 32.98 -5.79 121.20
CA HIS A 630 32.91 -6.97 120.35
C HIS A 630 33.12 -6.64 118.88
N GLN A 631 33.17 -7.68 118.06
CA GLN A 631 33.29 -7.53 116.61
C GLN A 631 31.93 -7.54 115.97
N LEU A 632 31.90 -7.73 114.66
CA LEU A 632 30.68 -7.53 113.88
C LEU A 632 30.78 -8.09 112.49
N SER A 633 29.66 -8.57 111.96
CA SER A 633 29.57 -8.87 110.55
C SER A 633 29.25 -7.59 109.79
N ARG A 634 29.86 -7.43 108.62
CA ARG A 634 29.51 -6.33 107.72
C ARG A 634 28.02 -6.30 107.47
N ALA A 635 27.42 -7.50 107.46
CA ALA A 635 26.00 -7.63 107.17
C ALA A 635 25.10 -7.07 108.27
N ASP A 636 25.56 -7.08 109.50
CA ASP A 636 24.68 -6.72 110.60
C ASP A 636 24.48 -5.22 110.75
N ILE A 637 24.86 -4.47 109.74
CA ILE A 637 24.66 -3.03 109.75
C ILE A 637 24.04 -2.54 108.49
N THR A 638 23.01 -1.72 108.67
CA THR A 638 22.36 -0.96 107.61
C THR A 638 23.38 -0.47 106.58
N THR A 639 23.16 -0.90 105.34
CA THR A 639 24.03 -0.57 104.23
C THR A 639 23.29 0.36 103.32
N VAL A 640 23.98 1.39 102.85
CA VAL A 640 23.38 2.29 101.89
C VAL A 640 24.35 2.50 100.75
N SER A 641 23.84 2.88 99.58
CA SER A 641 24.66 2.83 98.37
C SER A 641 24.84 4.18 97.74
N THR A 642 26.03 4.34 97.18
CA THR A 642 26.45 5.55 96.48
C THR A 642 26.29 5.31 95.00
N PHE A 643 26.05 4.04 94.63
CA PHE A 643 25.95 3.63 93.23
C PHE A 643 24.63 4.04 92.61
N ILE A 644 24.68 4.87 91.57
CA ILE A 644 23.51 5.15 90.74
C ILE A 644 23.23 3.95 89.87
N ASP A 645 22.04 3.35 89.98
CA ASP A 645 21.80 2.13 89.23
C ASP A 645 21.46 2.29 87.76
N LEU A 646 21.89 1.31 86.99
CA LEU A 646 21.46 1.12 85.60
C LEU A 646 21.66 -0.34 85.27
N ASN A 647 20.63 -0.98 84.72
CA ASN A 647 20.76 -2.36 84.27
C ASN A 647 20.44 -2.51 82.78
N ILE A 648 21.43 -3.00 82.04
CA ILE A 648 21.24 -3.24 80.64
C ILE A 648 20.77 -4.65 80.52
N THR A 649 19.84 -4.87 79.60
CA THR A 649 19.42 -6.21 79.24
C THR A 649 19.71 -6.41 77.76
N MET A 650 19.95 -7.67 77.39
CA MET A 650 20.25 -7.96 76.02
C MET A 650 18.97 -8.12 75.27
N LEU A 651 19.01 -7.81 73.99
CA LEU A 651 17.91 -8.08 73.08
C LEU A 651 18.09 -9.46 72.47
N GLU A 652 17.19 -10.37 72.80
CA GLU A 652 17.40 -11.78 72.48
C GLU A 652 17.49 -12.14 71.01
N ASP A 653 18.03 -13.32 70.74
CA ASP A 653 18.09 -13.77 69.38
C ASP A 653 16.66 -14.01 69.01
N HIS A 654 16.35 -13.86 67.73
CA HIS A 654 15.06 -14.24 67.23
C HIS A 654 15.31 -15.17 66.06
N GLU A 655 14.39 -16.09 65.80
CA GLU A 655 14.47 -16.90 64.59
C GLU A 655 13.36 -16.56 63.61
N PHE A 656 13.75 -16.46 62.35
CA PHE A 656 12.84 -16.05 61.30
C PHE A 656 12.59 -17.17 60.33
N VAL A 657 11.71 -18.10 60.69
CA VAL A 657 11.36 -19.20 59.80
C VAL A 657 10.79 -18.62 58.51
N PRO A 658 11.24 -19.15 57.36
CA PRO A 658 10.74 -18.69 56.07
C PRO A 658 9.26 -18.95 55.97
N LEU A 659 8.52 -18.00 55.41
CA LEU A 659 7.09 -18.13 55.35
C LEU A 659 6.56 -17.39 54.14
N GLU A 660 5.77 -18.10 53.35
CA GLU A 660 5.24 -17.57 52.14
C GLU A 660 3.76 -17.39 52.37
N VAL A 661 3.15 -16.38 51.79
CA VAL A 661 1.71 -16.37 51.76
C VAL A 661 1.08 -17.41 50.84
N TYR A 662 1.55 -17.48 49.59
CA TYR A 662 1.06 -18.43 48.62
C TYR A 662 2.25 -19.09 47.97
N THR A 663 2.27 -20.40 47.96
CA THR A 663 3.32 -21.18 47.32
C THR A 663 3.21 -21.15 45.82
N ARG A 664 4.30 -21.14 45.11
CA ARG A 664 4.20 -20.84 43.69
C ARG A 664 3.27 -21.78 42.97
N HIS A 665 3.02 -22.94 43.57
CA HIS A 665 2.11 -23.88 42.93
C HIS A 665 0.67 -23.50 43.22
N GLU A 666 0.44 -22.98 44.43
CA GLU A 666 -0.89 -22.50 44.82
C GLU A 666 -1.35 -21.52 43.76
N ILE A 667 -0.44 -20.61 43.38
CA ILE A 667 -0.72 -19.65 42.33
C ILE A 667 -1.04 -20.33 41.01
N LYS A 668 -0.13 -21.20 40.57
CA LYS A 668 -0.38 -22.01 39.38
C LYS A 668 -1.78 -22.61 39.35
N ASP A 669 -2.13 -23.26 40.45
CA ASP A 669 -3.38 -24.00 40.59
C ASP A 669 -4.61 -23.11 40.55
N SER A 670 -4.39 -21.79 40.62
CA SER A 670 -5.47 -20.84 40.48
C SER A 670 -5.79 -20.73 39.00
N GLY A 671 -5.02 -21.43 38.18
CA GLY A 671 -5.35 -21.53 36.77
C GLY A 671 -6.45 -22.58 36.65
N LEU A 672 -7.67 -22.10 36.37
CA LEU A 672 -8.86 -22.97 36.31
C LEU A 672 -8.64 -24.17 35.41
N LEU A 673 -8.52 -23.92 34.11
CA LEU A 673 -8.09 -24.96 33.18
C LEU A 673 -6.58 -24.86 33.06
N ASP A 674 -5.89 -26.00 33.07
CA ASP A 674 -4.47 -25.97 32.79
C ASP A 674 -4.16 -26.49 31.38
N TYR A 675 -3.76 -25.57 30.52
CA TYR A 675 -3.52 -25.91 29.13
C TYR A 675 -2.64 -27.13 28.97
N THR A 676 -1.51 -27.15 29.68
CA THR A 676 -0.59 -28.26 29.54
C THR A 676 -1.27 -29.55 29.93
N GLU A 677 -1.89 -29.55 31.10
CA GLU A 677 -2.59 -30.73 31.56
C GLU A 677 -3.60 -31.25 30.52
N VAL A 678 -4.30 -30.35 29.84
CA VAL A 678 -5.31 -30.75 28.87
C VAL A 678 -4.74 -31.32 27.55
N GLN A 679 -3.83 -30.59 26.92
CA GLN A 679 -3.20 -31.08 25.70
C GLN A 679 -2.53 -32.43 25.96
N ARG A 680 -1.83 -32.52 27.09
CA ARG A 680 -1.23 -33.78 27.51
C ARG A 680 -2.31 -34.84 27.49
N ARG A 681 -3.39 -34.57 28.20
CA ARG A 681 -4.47 -35.54 28.33
C ARG A 681 -5.06 -35.79 26.98
N ASN A 682 -5.34 -34.71 26.25
CA ASN A 682 -6.00 -34.83 24.96
C ASN A 682 -5.17 -35.66 23.99
N GLN A 683 -3.86 -35.46 24.02
CA GLN A 683 -3.00 -36.09 23.02
C GLN A 683 -2.60 -37.52 23.37
N LEU A 684 -3.20 -38.05 24.44
CA LEU A 684 -2.96 -39.43 24.85
C LEU A 684 -4.10 -40.35 24.39
N HIS A 685 -5.14 -39.73 23.86
CA HIS A 685 -6.40 -40.42 23.63
C HIS A 685 -6.28 -41.74 22.91
N ASP A 686 -5.87 -41.67 21.64
CA ASP A 686 -5.61 -42.84 20.81
C ASP A 686 -4.79 -43.89 21.49
N LEU A 687 -3.75 -43.47 22.20
CA LEU A 687 -2.90 -44.42 22.90
C LEU A 687 -3.68 -45.19 23.96
N ARG A 688 -4.69 -44.56 24.55
CA ARG A 688 -5.43 -45.20 25.63
C ARG A 688 -6.68 -45.98 25.20
N PHE A 689 -7.26 -45.61 24.06
CA PHE A 689 -8.62 -46.04 23.72
C PHE A 689 -8.81 -46.75 22.37
N ALA A 690 -7.76 -46.79 21.55
CA ALA A 690 -7.85 -47.40 20.22
C ALA A 690 -6.51 -48.01 19.85
N ASP A 691 -6.30 -48.28 18.57
CA ASP A 691 -5.02 -48.82 18.13
C ASP A 691 -4.42 -48.01 16.99
N ILE A 692 -3.17 -47.57 17.18
CA ILE A 692 -2.45 -46.79 16.17
C ILE A 692 -1.46 -47.66 15.38
N ASP A 693 -1.38 -48.95 15.75
CA ASP A 693 -0.48 -49.90 15.10
C ASP A 693 -1.19 -50.76 14.06
N THR A 694 -2.12 -51.59 14.51
CA THR A 694 -2.74 -52.65 13.70
C THR A 694 -3.33 -52.24 12.35
N VAL A 695 -2.67 -52.65 11.27
CA VAL A 695 -3.22 -52.51 9.94
C VAL A 695 -4.22 -53.63 9.69
N ILE A 696 -5.40 -53.29 9.18
CA ILE A 696 -6.43 -54.29 8.86
C ILE A 696 -6.46 -54.66 7.38
N ASP B 76 -17.73 -0.72 -130.40
CA ASP B 76 -17.66 -1.93 -129.58
C ASP B 76 -17.74 -1.55 -128.11
N ILE B 77 -18.93 -1.71 -127.54
CA ILE B 77 -19.21 -1.20 -126.21
C ILE B 77 -18.40 -1.91 -125.15
N LYS B 78 -17.20 -1.40 -124.91
CA LYS B 78 -16.43 -1.87 -123.76
C LYS B 78 -16.90 -1.15 -122.51
N ALA B 79 -16.56 -1.71 -121.36
CA ALA B 79 -16.94 -1.14 -120.07
C ALA B 79 -16.39 0.28 -119.88
N GLU B 80 -17.16 1.14 -119.23
CA GLU B 80 -16.78 2.55 -119.07
C GLU B 80 -15.76 2.78 -117.94
N ASN B 81 -15.97 2.14 -116.79
CA ASN B 81 -15.06 2.28 -115.65
C ASN B 81 -14.03 1.16 -115.57
N THR B 82 -12.77 1.48 -115.87
CA THR B 82 -11.68 0.51 -115.85
C THR B 82 -11.48 -0.13 -114.46
N ASP B 83 -11.87 0.60 -113.42
CA ASP B 83 -11.67 0.15 -112.06
C ASP B 83 -12.66 -0.93 -111.63
N ALA B 84 -12.41 -2.15 -112.09
CA ALA B 84 -13.22 -3.31 -111.71
C ALA B 84 -12.54 -4.62 -112.14
N ASN B 85 -13.23 -5.74 -111.94
CA ASN B 85 -12.67 -7.04 -112.30
C ASN B 85 -13.76 -8.09 -112.53
N PHE B 86 -13.67 -8.80 -113.66
CA PHE B 86 -14.67 -9.80 -114.01
C PHE B 86 -14.13 -11.19 -113.74
N TYR B 87 -15.00 -12.14 -113.48
CA TYR B 87 -14.54 -13.47 -113.16
C TYR B 87 -15.25 -14.53 -114.01
N VAL B 88 -14.47 -15.28 -114.78
CA VAL B 88 -15.04 -16.40 -115.48
C VAL B 88 -14.92 -17.58 -114.54
N CYS B 89 -15.95 -18.41 -114.49
CA CYS B 89 -16.02 -19.46 -113.50
C CYS B 89 -16.50 -20.78 -114.03
N PRO B 90 -15.57 -21.73 -114.17
CA PRO B 90 -15.85 -23.08 -114.63
C PRO B 90 -16.80 -23.78 -113.67
N PRO B 91 -17.89 -24.37 -114.17
CA PRO B 91 -18.61 -25.32 -113.33
C PRO B 91 -17.58 -26.22 -112.65
N PRO B 92 -17.58 -26.24 -111.32
CA PRO B 92 -16.48 -26.75 -110.50
C PRO B 92 -15.96 -28.12 -110.92
N THR B 93 -14.69 -28.38 -110.65
CA THR B 93 -14.09 -29.67 -110.89
C THR B 93 -14.90 -30.74 -110.20
N GLY B 94 -15.19 -30.50 -108.92
CA GLY B 94 -15.78 -31.53 -108.09
C GLY B 94 -14.66 -32.32 -107.44
N ALA B 95 -13.43 -31.88 -107.67
CA ALA B 95 -12.27 -32.50 -107.06
C ALA B 95 -12.38 -32.31 -105.56
N THR B 96 -12.33 -31.04 -105.14
CA THR B 96 -12.36 -30.71 -103.73
C THR B 96 -13.74 -30.27 -103.26
N VAL B 97 -14.09 -30.70 -102.06
CA VAL B 97 -15.43 -30.55 -101.53
C VAL B 97 -15.41 -30.14 -100.05
N VAL B 98 -16.35 -29.29 -99.66
CA VAL B 98 -16.34 -28.77 -98.31
C VAL B 98 -17.65 -28.97 -97.58
N GLN B 99 -17.54 -29.23 -96.29
CA GLN B 99 -18.70 -29.20 -95.43
C GLN B 99 -18.60 -27.89 -94.68
N PHE B 100 -19.73 -27.35 -94.27
CA PHE B 100 -19.70 -26.21 -93.39
C PHE B 100 -19.29 -26.67 -92.02
N GLU B 101 -18.98 -25.71 -91.15
CA GLU B 101 -18.82 -26.02 -89.74
C GLU B 101 -20.19 -26.08 -89.12
N GLN B 102 -20.43 -27.12 -88.34
CA GLN B 102 -21.69 -27.33 -87.64
C GLN B 102 -21.75 -26.59 -86.28
N PRO B 103 -22.98 -26.41 -85.73
CA PRO B 103 -23.21 -25.68 -84.48
C PRO B 103 -22.20 -25.94 -83.37
N ARG B 104 -21.65 -24.86 -82.84
CA ARG B 104 -20.67 -24.95 -81.76
C ARG B 104 -21.42 -25.01 -80.45
N ARG B 105 -20.85 -25.73 -79.49
CA ARG B 105 -21.41 -25.76 -78.14
C ARG B 105 -21.21 -24.36 -77.59
N CYS B 106 -22.28 -23.80 -77.04
CA CYS B 106 -22.24 -22.43 -76.56
C CYS B 106 -22.21 -22.36 -75.05
N PRO B 107 -21.23 -21.59 -74.51
CA PRO B 107 -20.88 -21.44 -73.09
C PRO B 107 -22.07 -21.28 -72.14
N THR B 108 -21.84 -21.59 -70.87
CA THR B 108 -22.86 -21.26 -69.89
C THR B 108 -22.39 -20.14 -69.00
N ARG B 109 -23.37 -19.43 -68.45
CA ARG B 109 -23.12 -18.38 -67.50
C ARG B 109 -22.15 -18.87 -66.44
N PRO B 110 -21.03 -18.16 -66.28
CA PRO B 110 -20.12 -18.42 -65.17
C PRO B 110 -20.93 -18.45 -63.88
N GLU B 111 -20.76 -19.50 -63.08
CA GLU B 111 -21.64 -19.79 -61.94
C GLU B 111 -21.74 -18.65 -60.91
N GLY B 112 -22.98 -18.33 -60.54
CA GLY B 112 -23.33 -17.12 -59.80
C GLY B 112 -22.68 -16.86 -58.45
N GLN B 113 -22.50 -15.57 -58.15
CA GLN B 113 -21.89 -15.11 -56.90
C GLN B 113 -22.86 -15.32 -55.74
N ASN B 114 -22.35 -15.88 -54.64
CA ASN B 114 -23.18 -16.15 -53.47
C ASN B 114 -22.84 -15.30 -52.24
N TYR B 115 -23.73 -14.38 -51.94
CA TYR B 115 -23.46 -13.34 -50.95
C TYR B 115 -24.15 -13.63 -49.65
N THR B 116 -23.38 -13.57 -48.57
CA THR B 116 -23.95 -13.58 -47.25
C THR B 116 -24.42 -12.19 -47.02
N GLU B 117 -25.70 -11.98 -46.79
CA GLU B 117 -26.15 -10.68 -46.34
C GLU B 117 -25.78 -10.57 -44.87
N GLY B 118 -25.42 -9.37 -44.40
CA GLY B 118 -24.98 -9.27 -43.01
C GLY B 118 -24.68 -7.93 -42.37
N ILE B 119 -24.26 -7.99 -41.10
CA ILE B 119 -23.92 -6.80 -40.34
C ILE B 119 -22.51 -6.87 -39.85
N ALA B 120 -21.71 -5.88 -40.23
CA ALA B 120 -20.34 -5.85 -39.73
C ALA B 120 -20.16 -4.66 -38.84
N VAL B 121 -19.20 -4.79 -37.93
CA VAL B 121 -18.68 -3.64 -37.23
C VAL B 121 -17.17 -3.63 -37.42
N VAL B 122 -16.65 -2.45 -37.72
CA VAL B 122 -15.29 -2.33 -38.19
C VAL B 122 -14.44 -1.56 -37.19
N PHE B 123 -13.30 -2.13 -36.84
CA PHE B 123 -12.47 -1.53 -35.81
C PHE B 123 -11.11 -1.08 -36.30
N LYS B 124 -10.75 0.14 -35.92
CA LYS B 124 -9.43 0.69 -36.18
C LYS B 124 -8.65 0.69 -34.87
N GLU B 125 -7.32 0.65 -34.96
CA GLU B 125 -6.50 0.59 -33.75
C GLU B 125 -6.65 1.90 -32.99
N ASN B 126 -6.95 1.80 -31.70
CA ASN B 126 -7.10 3.01 -30.89
C ASN B 126 -5.79 3.73 -30.67
N ILE B 127 -5.80 5.04 -30.90
CA ILE B 127 -4.59 5.82 -30.73
C ILE B 127 -4.86 6.95 -29.74
N ALA B 128 -6.09 6.97 -29.23
CA ALA B 128 -6.49 7.93 -28.21
C ALA B 128 -5.82 7.58 -26.91
N PRO B 129 -5.22 8.57 -26.25
CA PRO B 129 -4.66 8.37 -24.91
C PRO B 129 -5.81 8.06 -23.97
N TYR B 130 -5.59 7.22 -22.96
CA TYR B 130 -6.59 7.04 -21.92
C TYR B 130 -6.71 8.36 -21.20
N LYS B 131 -7.92 8.91 -21.13
CA LYS B 131 -8.10 10.21 -20.51
C LYS B 131 -8.89 10.07 -19.23
N PHE B 132 -8.49 10.81 -18.20
CA PHE B 132 -9.24 10.79 -16.96
C PHE B 132 -9.08 12.09 -16.22
N LYS B 133 -9.69 12.15 -15.04
CA LYS B 133 -9.76 13.38 -14.24
C LYS B 133 -8.94 13.27 -12.96
N ALA B 134 -8.38 14.40 -12.53
CA ALA B 134 -7.51 14.46 -11.36
C ALA B 134 -7.64 15.79 -10.60
N THR B 135 -6.92 15.92 -9.49
CA THR B 135 -6.92 17.16 -8.73
C THR B 135 -5.52 17.40 -8.17
N MET B 136 -5.01 18.59 -8.41
CA MET B 136 -3.63 18.92 -8.10
C MET B 136 -3.52 19.76 -6.85
N TYR B 137 -2.91 19.20 -5.81
CA TYR B 137 -2.76 19.91 -4.56
C TYR B 137 -1.30 20.24 -4.33
N TYR B 138 -1.00 21.53 -4.34
CA TYR B 138 0.37 21.99 -4.13
C TYR B 138 0.34 23.48 -3.81
N LYS B 139 1.39 23.95 -3.15
CA LYS B 139 1.47 25.35 -2.78
C LYS B 139 2.61 26.04 -3.53
N ASP B 140 2.40 27.29 -3.92
CA ASP B 140 3.43 28.09 -4.55
C ASP B 140 4.23 28.82 -3.50
N VAL B 141 5.48 28.38 -3.30
CA VAL B 141 6.38 28.97 -2.32
C VAL B 141 7.36 29.98 -2.92
N THR B 142 7.57 31.11 -2.25
CA THR B 142 8.36 32.20 -2.80
C THR B 142 9.21 32.93 -1.75
N VAL B 143 10.51 32.63 -1.72
CA VAL B 143 11.41 33.31 -0.83
C VAL B 143 12.13 34.39 -1.61
N SER B 144 11.90 35.63 -1.21
CA SER B 144 12.37 36.78 -1.96
C SER B 144 13.57 37.45 -1.25
N GLN B 145 14.44 38.12 -2.01
CA GLN B 145 15.49 38.96 -1.43
C GLN B 145 15.65 40.30 -2.13
N VAL B 146 15.54 41.37 -1.34
CA VAL B 146 15.64 42.73 -1.85
C VAL B 146 16.70 43.51 -1.10
N TRP B 147 17.51 44.28 -1.83
CA TRP B 147 18.38 45.27 -1.20
C TRP B 147 17.76 46.63 -1.37
N PHE B 148 17.43 47.29 -0.27
CA PHE B 148 16.90 48.64 -0.32
C PHE B 148 18.04 49.63 -0.46
N GLY B 149 17.79 50.73 -1.15
CA GLY B 149 18.78 51.79 -1.30
C GLY B 149 18.10 53.13 -1.16
N HIS B 150 18.88 54.20 -1.23
CA HIS B 150 18.29 55.51 -1.12
C HIS B 150 17.38 55.70 -2.33
N ARG B 151 16.08 55.75 -2.06
CA ARG B 151 15.05 55.96 -3.08
C ARG B 151 14.88 54.81 -4.08
N TYR B 152 15.53 53.67 -3.82
CA TYR B 152 15.29 52.48 -4.66
C TYR B 152 15.53 51.14 -3.96
N SER B 153 14.89 50.11 -4.49
CA SER B 153 15.10 48.75 -4.01
C SER B 153 15.25 47.80 -5.19
N GLN B 154 16.18 46.85 -5.07
CA GLN B 154 16.45 45.93 -6.15
C GLN B 154 16.34 44.47 -5.71
N PHE B 155 15.64 43.66 -6.48
CA PHE B 155 15.62 42.23 -6.24
C PHE B 155 17.02 41.69 -6.40
N MET B 156 17.51 41.06 -5.35
CA MET B 156 18.82 40.49 -5.40
C MET B 156 18.71 39.03 -5.73
N GLY B 157 17.52 38.47 -5.49
CA GLY B 157 17.23 37.12 -5.90
C GLY B 157 15.78 36.78 -5.60
N ILE B 158 15.20 35.90 -6.41
CA ILE B 158 13.90 35.33 -6.11
C ILE B 158 13.95 33.83 -6.27
N PHE B 159 13.72 33.13 -5.16
CA PHE B 159 13.67 31.69 -5.13
C PHE B 159 12.22 31.28 -5.23
N GLU B 160 11.93 30.33 -6.12
CA GLU B 160 10.54 29.91 -6.34
C GLU B 160 10.40 28.39 -6.35
N ASP B 161 9.36 27.89 -5.71
CA ASP B 161 9.13 26.46 -5.66
C ASP B 161 7.65 26.12 -5.59
N ARG B 162 7.31 24.97 -6.13
CA ARG B 162 6.03 24.36 -5.86
C ARG B 162 6.32 23.34 -4.77
N ALA B 163 5.32 23.09 -3.94
CA ALA B 163 5.47 22.12 -2.88
C ALA B 163 4.13 21.49 -2.61
N PRO B 164 4.12 20.17 -2.43
CA PRO B 164 2.89 19.38 -2.27
C PRO B 164 2.18 19.62 -0.92
N VAL B 165 0.85 19.65 -0.99
CA VAL B 165 0.00 19.63 0.19
C VAL B 165 0.06 18.22 0.76
N PRO B 166 0.30 18.08 2.08
CA PRO B 166 0.47 16.76 2.68
C PRO B 166 -0.78 15.94 2.44
N PHE B 167 -0.63 14.63 2.54
CA PHE B 167 -1.76 13.75 2.39
C PHE B 167 -2.80 14.09 3.44
N GLU B 168 -2.34 14.38 4.65
CA GLU B 168 -3.23 14.76 5.73
C GLU B 168 -4.02 16.03 5.45
N GLU B 169 -3.32 17.14 5.24
CA GLU B 169 -3.93 18.44 5.02
C GLU B 169 -5.01 18.42 3.95
N VAL B 170 -4.78 17.62 2.90
CA VAL B 170 -5.76 17.42 1.87
C VAL B 170 -7.08 16.93 2.47
N ILE B 171 -6.98 15.83 3.23
CA ILE B 171 -8.13 15.21 3.86
C ILE B 171 -8.74 16.11 4.92
N ASP B 172 -8.00 16.25 6.02
CA ASP B 172 -8.50 16.91 7.22
C ASP B 172 -8.85 18.38 7.04
N LYS B 173 -8.27 19.04 6.04
CA LYS B 173 -8.40 20.50 5.94
C LYS B 173 -9.02 20.98 4.64
N ILE B 174 -8.40 20.62 3.53
CA ILE B 174 -8.83 21.11 2.24
C ILE B 174 -10.14 20.47 1.80
N ASN B 175 -10.14 19.15 1.67
CA ASN B 175 -11.33 18.45 1.24
C ASN B 175 -12.47 18.67 2.21
N ALA B 176 -12.13 18.65 3.49
CA ALA B 176 -13.10 18.73 4.56
C ALA B 176 -13.67 20.13 4.66
N LYS B 177 -12.78 21.11 4.72
CA LYS B 177 -13.20 22.45 5.08
C LYS B 177 -12.91 23.50 4.00
N GLY B 178 -12.22 23.11 2.94
CA GLY B 178 -11.83 24.07 1.93
C GLY B 178 -10.81 24.99 2.56
N VAL B 179 -9.88 24.37 3.29
CA VAL B 179 -8.95 25.13 4.09
C VAL B 179 -7.53 24.60 3.93
N CYS B 180 -6.60 25.52 3.69
CA CYS B 180 -5.21 25.17 3.44
C CYS B 180 -4.36 25.88 4.48
N ARG B 181 -3.44 25.16 5.11
CA ARG B 181 -2.52 25.78 6.06
C ARG B 181 -1.64 26.83 5.39
N SER B 182 -1.14 27.78 6.16
CA SER B 182 -0.43 28.92 5.60
C SER B 182 1.07 28.72 5.63
N THR B 183 1.49 27.47 5.81
CA THR B 183 2.91 27.14 5.77
C THR B 183 3.12 25.97 4.85
N ALA B 184 4.39 25.69 4.56
CA ALA B 184 4.76 24.60 3.68
C ALA B 184 5.94 23.88 4.24
N LYS B 185 5.70 22.66 4.73
CA LYS B 185 6.78 21.79 5.12
C LYS B 185 6.76 20.59 4.18
N TYR B 186 7.94 20.21 3.70
CA TYR B 186 8.08 19.15 2.71
C TYR B 186 9.55 18.82 2.47
N VAL B 187 9.82 17.65 1.90
CA VAL B 187 11.20 17.33 1.56
C VAL B 187 11.62 18.06 0.26
N ARG B 188 12.86 18.53 0.27
CA ARG B 188 13.47 19.11 -0.91
C ARG B 188 14.99 19.03 -0.80
N ASN B 189 15.63 18.52 -1.84
CA ASN B 189 17.08 18.39 -1.88
C ASN B 189 17.58 17.68 -0.64
N ASN B 190 16.97 16.53 -0.37
CA ASN B 190 17.34 15.69 0.75
C ASN B 190 17.08 16.33 2.10
N LEU B 191 16.86 17.64 2.14
CA LEU B 191 16.59 18.33 3.40
C LEU B 191 15.10 18.54 3.59
N GLU B 192 14.68 18.65 4.85
CA GLU B 192 13.32 19.05 5.16
C GLU B 192 13.31 20.55 5.34
N THR B 193 12.37 21.21 4.67
CA THR B 193 12.27 22.66 4.74
C THR B 193 10.87 23.09 5.14
N THR B 194 10.76 24.28 5.72
CA THR B 194 9.48 24.83 6.12
C THR B 194 9.40 26.27 5.67
N ALA B 195 8.22 26.73 5.29
CA ALA B 195 8.06 28.11 4.84
C ALA B 195 6.88 28.80 5.51
N PHE B 196 6.98 30.10 5.69
CA PHE B 196 5.95 30.85 6.39
C PHE B 196 5.46 32.08 5.63
N HIS B 197 4.21 32.02 5.19
CA HIS B 197 3.64 33.15 4.47
C HIS B 197 3.75 34.39 5.35
N ARG B 198 4.30 35.47 4.79
CA ARG B 198 4.51 36.72 5.51
C ARG B 198 5.54 36.55 6.63
N ASP B 199 6.08 35.34 6.76
CA ASP B 199 6.86 34.94 7.93
C ASP B 199 6.11 35.18 9.25
N ASP B 200 4.79 35.07 9.19
CA ASP B 200 3.93 35.23 10.36
C ASP B 200 3.67 33.87 11.01
N HIS B 201 2.64 33.80 11.84
CA HIS B 201 2.26 32.56 12.51
C HIS B 201 1.24 31.79 11.66
N GLU B 202 1.39 30.46 11.64
CA GLU B 202 0.58 29.57 10.78
C GLU B 202 -0.91 29.56 11.09
N THR B 203 -1.72 29.92 10.10
CA THR B 203 -3.16 29.86 10.28
C THR B 203 -3.82 28.99 9.20
N ASP B 204 -5.11 28.76 9.38
CA ASP B 204 -5.88 28.04 8.39
C ASP B 204 -6.56 29.07 7.50
N MET B 205 -6.45 28.89 6.18
CA MET B 205 -6.89 29.92 5.23
C MET B 205 -7.92 29.42 4.20
N GLU B 206 -8.87 30.30 3.89
CA GLU B 206 -9.99 29.94 3.01
C GLU B 206 -9.56 29.84 1.55
N LEU B 207 -10.38 29.16 0.75
CA LEU B 207 -10.05 28.88 -0.65
C LEU B 207 -11.05 29.47 -1.64
N LYS B 208 -10.55 30.32 -2.53
CA LYS B 208 -11.39 31.02 -3.50
C LYS B 208 -11.07 30.61 -4.93
N PRO B 209 -12.08 30.56 -5.80
CA PRO B 209 -11.78 30.23 -7.20
C PRO B 209 -10.84 31.26 -7.84
N ALA B 210 -9.76 30.77 -8.44
CA ALA B 210 -8.87 31.54 -9.31
C ALA B 210 -9.54 32.67 -10.10
N ASN B 211 -8.79 33.69 -10.49
CA ASN B 211 -9.37 34.72 -11.37
C ASN B 211 -9.77 34.08 -12.69
N ALA B 212 -10.83 34.60 -13.30
CA ALA B 212 -11.44 33.97 -14.47
C ALA B 212 -10.54 33.95 -15.69
N ALA B 213 -10.52 32.80 -16.37
CA ALA B 213 -9.69 32.59 -17.56
C ALA B 213 -10.32 31.65 -18.60
N THR B 214 -10.17 32.05 -19.86
CA THR B 214 -10.69 31.32 -21.01
C THR B 214 -10.18 29.89 -21.10
N ARG B 215 -11.09 28.97 -21.35
CA ARG B 215 -10.75 27.59 -21.68
C ARG B 215 -9.82 26.89 -20.68
N THR B 216 -9.87 27.27 -19.40
CA THR B 216 -9.10 26.52 -18.42
C THR B 216 -10.01 25.83 -17.42
N SER B 217 -9.66 24.61 -17.06
CA SER B 217 -10.38 23.87 -16.05
C SER B 217 -10.09 24.52 -14.72
N ARG B 218 -10.78 24.05 -13.69
CA ARG B 218 -10.84 24.75 -12.41
C ARG B 218 -9.55 24.81 -11.62
N GLY B 219 -9.50 25.75 -10.68
CA GLY B 219 -8.30 26.02 -9.94
C GLY B 219 -8.55 27.04 -8.86
N TRP B 220 -7.84 26.87 -7.75
CA TRP B 220 -8.07 27.66 -6.54
C TRP B 220 -6.75 28.02 -5.84
N HIS B 221 -6.80 29.02 -4.96
CA HIS B 221 -5.59 29.46 -4.21
C HIS B 221 -5.90 30.24 -2.91
N THR B 222 -4.93 30.30 -2.01
CA THR B 222 -5.12 31.03 -0.74
C THR B 222 -4.50 32.44 -0.72
N THR B 223 -3.46 32.68 -1.51
CA THR B 223 -2.73 33.94 -1.47
C THR B 223 -2.91 34.72 -2.77
N ASP B 224 -3.10 36.03 -2.70
CA ASP B 224 -3.14 36.81 -3.92
C ASP B 224 -1.92 37.68 -4.09
N LEU B 225 -1.03 37.69 -3.12
CA LEU B 225 0.13 38.56 -3.24
C LEU B 225 1.44 37.94 -2.74
N LYS B 226 2.53 38.33 -3.38
CA LYS B 226 3.87 38.03 -2.90
C LYS B 226 4.15 38.82 -1.64
N TYR B 227 4.86 38.20 -0.71
CA TYR B 227 5.31 38.88 0.49
C TYR B 227 6.76 39.28 0.36
N ASN B 228 6.97 40.57 0.11
CA ASN B 228 8.30 41.16 0.16
C ASN B 228 8.44 41.96 1.46
N PRO B 229 9.60 41.85 2.13
CA PRO B 229 9.81 42.48 3.43
C PRO B 229 10.16 43.95 3.28
N SER B 230 9.89 44.77 4.30
CA SER B 230 10.26 46.18 4.25
C SER B 230 11.55 46.51 5.00
N ARG B 231 11.97 47.77 4.89
CA ARG B 231 13.19 48.25 5.52
C ARG B 231 13.12 48.18 7.06
N PHE B 235 20.17 47.92 3.37
CA PHE B 235 20.68 46.55 3.23
C PHE B 235 19.64 45.59 2.66
N HIS B 236 19.99 44.31 2.65
CA HIS B 236 19.15 43.25 2.10
C HIS B 236 18.22 42.65 3.17
N ARG B 237 17.14 42.00 2.74
CA ARG B 237 16.30 41.21 3.63
C ARG B 237 15.43 40.19 2.89
N TYR B 238 14.83 39.26 3.63
CA TYR B 238 14.09 38.13 3.04
C TYR B 238 12.58 38.16 3.28
N GLY B 239 11.83 37.83 2.22
CA GLY B 239 10.38 37.80 2.29
C GLY B 239 9.76 36.53 1.71
N THR B 240 9.25 35.69 2.60
CA THR B 240 8.64 34.43 2.22
C THR B 240 7.18 34.57 1.87
N THR B 241 6.77 33.93 0.76
CA THR B 241 5.36 33.89 0.38
C THR B 241 4.89 32.46 0.19
N VAL B 242 3.70 32.15 0.70
CA VAL B 242 3.09 30.84 0.47
C VAL B 242 1.68 30.97 -0.08
N ASN B 243 1.42 30.25 -1.17
CA ASN B 243 0.12 30.20 -1.81
C ASN B 243 -0.25 28.78 -2.16
N CYS B 244 -1.17 28.18 -1.42
CA CYS B 244 -1.62 26.85 -1.73
C CYS B 244 -2.48 26.91 -2.97
N ILE B 245 -2.36 25.91 -3.83
CA ILE B 245 -3.14 25.86 -5.06
C ILE B 245 -3.74 24.49 -5.27
N VAL B 246 -5.04 24.45 -5.55
CA VAL B 246 -5.65 23.23 -6.05
C VAL B 246 -5.90 23.44 -7.51
N GLU B 247 -5.70 22.41 -8.31
CA GLU B 247 -6.04 22.49 -9.70
C GLU B 247 -6.84 21.28 -10.08
N GLU B 248 -7.96 21.51 -10.72
CA GLU B 248 -8.58 20.46 -11.49
C GLU B 248 -7.97 20.52 -12.89
N VAL B 249 -7.71 19.37 -13.49
CA VAL B 249 -6.98 19.36 -14.73
C VAL B 249 -7.47 18.30 -15.68
N ASP B 250 -6.54 17.87 -16.54
CA ASP B 250 -6.73 16.73 -17.41
C ASP B 250 -5.50 15.84 -17.38
N ALA B 251 -5.74 14.55 -17.32
CA ALA B 251 -4.66 13.58 -17.22
C ALA B 251 -4.73 12.56 -18.35
N ARG B 252 -3.63 12.45 -19.07
CA ARG B 252 -3.55 11.60 -20.25
C ARG B 252 -2.53 10.52 -19.97
N SER B 253 -2.92 9.26 -20.20
CA SER B 253 -1.99 8.15 -20.09
C SER B 253 -1.98 7.43 -21.40
N VAL B 254 -0.86 6.82 -21.74
CA VAL B 254 -0.76 6.12 -23.01
C VAL B 254 -0.36 4.69 -22.79
N TYR B 255 -0.97 3.80 -23.55
CA TYR B 255 -0.59 2.39 -23.55
C TYR B 255 0.92 2.30 -23.65
N PRO B 256 1.56 1.55 -22.74
CA PRO B 256 1.02 0.58 -21.78
C PRO B 256 0.47 1.19 -20.51
N TYR B 257 0.26 2.49 -20.47
CA TYR B 257 -0.24 3.14 -19.27
C TYR B 257 0.67 2.87 -18.09
N ASP B 258 1.96 3.04 -18.31
CA ASP B 258 2.95 2.82 -17.28
C ASP B 258 3.13 4.11 -16.50
N GLU B 259 2.68 5.20 -17.10
CA GLU B 259 2.66 6.50 -16.43
C GLU B 259 1.52 7.31 -17.01
N PHE B 260 1.46 8.59 -16.63
CA PHE B 260 0.49 9.50 -17.24
C PHE B 260 0.91 10.94 -17.02
N VAL B 261 0.09 11.86 -17.48
CA VAL B 261 0.54 13.23 -17.58
C VAL B 261 -0.50 14.22 -17.09
N LEU B 262 -0.05 15.41 -16.75
CA LEU B 262 -0.95 16.44 -16.28
C LEU B 262 -1.09 17.54 -17.30
N ALA B 263 -2.21 18.25 -17.25
CA ALA B 263 -2.49 19.33 -18.16
C ALA B 263 -1.43 20.43 -18.12
N THR B 264 -0.67 20.52 -17.02
CA THR B 264 0.34 21.56 -16.86
C THR B 264 1.68 21.02 -17.31
N GLY B 265 1.65 19.78 -17.78
CA GLY B 265 2.79 19.16 -18.44
C GLY B 265 3.65 18.38 -17.48
N ASP B 266 3.02 17.78 -16.49
CA ASP B 266 3.83 17.10 -15.51
C ASP B 266 3.69 15.60 -15.61
N PHE B 267 4.82 14.94 -15.65
CA PHE B 267 4.80 13.49 -15.71
C PHE B 267 4.55 12.99 -14.31
N VAL B 268 3.92 11.83 -14.24
CA VAL B 268 3.64 11.17 -12.99
C VAL B 268 3.91 9.71 -13.28
N TYR B 269 4.93 9.15 -12.63
CA TYR B 269 5.40 7.83 -13.02
C TYR B 269 4.70 6.66 -12.32
N MET B 270 3.44 6.47 -12.69
CA MET B 270 2.63 5.45 -12.09
C MET B 270 1.53 5.07 -13.07
N SER B 271 1.12 3.82 -13.03
CA SER B 271 -0.07 3.45 -13.75
C SER B 271 -1.24 4.23 -13.13
N PRO B 272 -2.16 4.73 -13.98
CA PRO B 272 -3.37 5.40 -13.46
C PRO B 272 -4.25 4.35 -12.77
N PHE B 273 -3.86 3.09 -12.95
CA PHE B 273 -4.60 1.93 -12.52
C PHE B 273 -3.87 1.20 -11.41
N TYR B 274 -2.75 1.79 -10.99
CA TYR B 274 -2.07 1.29 -9.82
C TYR B 274 -3.03 1.43 -8.66
N GLY B 275 -3.00 0.44 -7.76
CA GLY B 275 -3.89 0.41 -6.62
C GLY B 275 -3.62 -0.84 -5.81
N TYR B 276 -4.01 -0.82 -4.55
CA TYR B 276 -3.79 -1.96 -3.67
C TYR B 276 -4.77 -3.09 -3.98
N ARG B 277 -6.01 -2.73 -4.28
CA ARG B 277 -7.07 -3.72 -4.45
C ARG B 277 -7.10 -4.37 -5.82
N GLU B 278 -7.77 -5.52 -5.89
CA GLU B 278 -8.11 -6.17 -7.14
C GLU B 278 -6.91 -6.40 -8.05
N GLY B 279 -5.78 -6.74 -7.45
CA GLY B 279 -4.58 -7.07 -8.21
C GLY B 279 -4.09 -5.93 -9.10
N SER B 280 -4.20 -4.71 -8.57
CA SER B 280 -3.78 -3.53 -9.30
C SER B 280 -2.37 -3.20 -8.89
N HIS B 281 -1.99 -3.72 -7.72
CA HIS B 281 -0.64 -3.51 -7.20
C HIS B 281 0.38 -4.18 -8.11
N THR B 282 -0.10 -5.01 -9.02
CA THR B 282 0.73 -5.54 -10.09
C THR B 282 1.32 -4.36 -10.83
N GLU B 283 0.49 -3.35 -11.04
CA GLU B 283 0.84 -2.23 -11.89
C GLU B 283 2.01 -1.37 -11.37
N HIS B 284 2.60 -0.59 -12.27
CA HIS B 284 3.86 0.07 -12.02
C HIS B 284 3.79 1.38 -11.27
N THR B 285 4.46 1.45 -10.14
CA THR B 285 4.85 2.73 -9.54
C THR B 285 6.36 2.85 -9.61
N SER B 286 6.86 4.07 -9.47
CA SER B 286 8.29 4.31 -9.37
C SER B 286 8.53 5.02 -8.08
N TYR B 287 7.58 4.86 -7.16
CA TYR B 287 7.56 5.64 -5.94
C TYR B 287 7.50 4.74 -4.72
N ALA B 288 8.41 5.00 -3.79
CA ALA B 288 8.43 4.33 -2.49
C ALA B 288 7.06 4.48 -1.84
N ALA B 289 6.55 3.39 -1.29
CA ALA B 289 5.18 3.30 -0.77
C ALA B 289 4.66 4.53 -0.04
N ASP B 290 5.53 5.14 0.76
CA ASP B 290 5.18 6.30 1.57
C ASP B 290 4.56 7.46 0.79
N ARG B 291 4.64 7.39 -0.53
CA ARG B 291 4.14 8.47 -1.38
C ARG B 291 2.76 8.14 -1.92
N PHE B 292 2.31 6.90 -1.74
CA PHE B 292 0.99 6.54 -2.25
C PHE B 292 0.03 6.12 -1.16
N LYS B 293 -1.18 6.66 -1.23
CA LYS B 293 -2.27 6.20 -0.38
C LYS B 293 -3.41 5.78 -1.28
N GLN B 294 -4.45 5.24 -0.65
CA GLN B 294 -5.71 4.98 -1.31
C GLN B 294 -6.73 5.05 -0.20
N VAL B 295 -7.52 6.11 -0.14
CA VAL B 295 -8.53 6.24 0.92
C VAL B 295 -9.89 5.73 0.48
N ASP B 296 -10.27 4.57 1.01
CA ASP B 296 -11.54 3.97 0.62
C ASP B 296 -12.68 4.77 1.23
N GLY B 297 -13.86 4.67 0.62
CA GLY B 297 -15.02 5.40 1.09
C GLY B 297 -14.70 6.88 1.18
N PHE B 298 -14.32 7.45 0.05
CA PHE B 298 -13.96 8.85 0.04
C PHE B 298 -14.99 9.71 -0.69
N TYR B 299 -15.61 10.63 0.05
CA TYR B 299 -16.50 11.62 -0.55
C TYR B 299 -15.77 12.93 -0.71
N ALA B 300 -15.55 13.34 -1.95
CA ALA B 300 -15.03 14.68 -2.19
C ALA B 300 -16.07 15.72 -1.79
N ARG B 301 -15.61 16.94 -1.53
CA ARG B 301 -16.49 18.06 -1.27
C ARG B 301 -16.07 19.22 -2.14
N ASP B 302 -16.98 19.70 -2.98
CA ASP B 302 -16.65 20.78 -3.90
C ASP B 302 -16.13 21.96 -3.12
N LEU B 303 -15.22 22.72 -3.71
CA LEU B 303 -14.63 23.85 -3.01
C LEU B 303 -15.33 25.16 -3.38
N THR B 304 -16.31 25.07 -4.26
CA THR B 304 -17.12 26.23 -4.55
C THR B 304 -18.52 25.99 -4.06
N THR B 305 -19.12 24.88 -4.45
CA THR B 305 -20.48 24.58 -4.03
C THR B 305 -20.48 24.17 -2.57
N LYS B 306 -19.40 23.49 -2.18
CA LYS B 306 -19.22 22.98 -0.82
C LYS B 306 -20.11 21.77 -0.53
N ALA B 307 -20.69 21.21 -1.59
CA ALA B 307 -21.43 19.95 -1.48
C ALA B 307 -20.48 18.75 -1.35
N ARG B 308 -20.98 17.67 -0.74
CA ARG B 308 -20.25 16.41 -0.69
C ARG B 308 -20.82 15.46 -1.72
N ALA B 309 -19.96 14.67 -2.36
CA ALA B 309 -20.37 13.83 -3.49
C ALA B 309 -21.47 12.87 -3.09
N THR B 310 -22.29 12.49 -4.06
CA THR B 310 -23.36 11.55 -3.81
C THR B 310 -22.75 10.23 -3.37
N ALA B 311 -21.85 9.71 -4.18
CA ALA B 311 -21.25 8.41 -3.94
C ALA B 311 -19.76 8.56 -3.69
N PRO B 312 -19.18 7.60 -2.93
CA PRO B 312 -17.75 7.61 -2.62
C PRO B 312 -16.93 6.88 -3.68
N THR B 313 -15.65 7.20 -3.71
CA THR B 313 -14.73 6.66 -4.69
C THR B 313 -13.59 5.96 -3.95
N THR B 314 -12.85 5.13 -4.67
CA THR B 314 -11.59 4.59 -4.14
C THR B 314 -10.49 5.57 -4.49
N ARG B 315 -10.32 6.59 -3.67
CA ARG B 315 -9.44 7.70 -4.02
C ARG B 315 -7.96 7.32 -3.95
N ASN B 316 -7.28 7.29 -5.10
CA ASN B 316 -5.82 7.11 -5.14
C ASN B 316 -5.18 8.45 -4.79
N LEU B 317 -3.95 8.43 -4.31
CA LEU B 317 -3.29 9.69 -3.97
C LEU B 317 -1.75 9.66 -3.90
N LEU B 318 -1.10 10.34 -4.84
CA LEU B 318 0.36 10.38 -4.91
C LEU B 318 0.95 11.75 -4.55
N THR B 319 2.11 11.74 -3.90
CA THR B 319 2.76 12.99 -3.50
C THR B 319 4.16 13.10 -4.11
N THR B 320 4.24 13.89 -5.17
CA THR B 320 5.52 14.19 -5.82
C THR B 320 6.21 15.37 -5.12
N PRO B 321 7.52 15.55 -5.37
CA PRO B 321 8.26 16.62 -4.69
C PRO B 321 7.72 17.99 -5.04
N LYS B 322 6.91 18.08 -6.10
CA LYS B 322 6.36 19.36 -6.47
C LYS B 322 4.85 19.42 -6.32
N PHE B 323 4.21 18.28 -6.11
CA PHE B 323 2.75 18.25 -5.93
C PHE B 323 2.12 16.95 -5.39
N THR B 324 0.82 17.04 -5.12
CA THR B 324 0.02 15.90 -4.63
C THR B 324 -1.19 15.68 -5.54
N VAL B 325 -1.33 14.48 -6.07
CA VAL B 325 -2.37 14.21 -7.04
C VAL B 325 -3.47 13.32 -6.48
N ALA B 326 -4.71 13.58 -6.85
CA ALA B 326 -5.79 12.69 -6.46
C ALA B 326 -6.63 12.30 -7.67
N TRP B 327 -6.94 11.02 -7.81
CA TRP B 327 -7.81 10.60 -8.89
C TRP B 327 -8.56 9.32 -8.55
N ASP B 328 -9.82 9.23 -8.97
CA ASP B 328 -10.63 8.03 -8.73
C ASP B 328 -10.01 6.85 -9.44
N TRP B 329 -9.79 5.77 -8.70
CA TRP B 329 -9.25 4.56 -9.27
C TRP B 329 -10.36 3.65 -9.76
N VAL B 330 -10.21 3.21 -11.01
CA VAL B 330 -11.11 2.28 -11.70
C VAL B 330 -10.23 1.19 -12.29
N PRO B 331 -10.79 0.00 -12.56
CA PRO B 331 -9.84 -1.01 -13.03
C PRO B 331 -9.48 -0.79 -14.50
N LYS B 332 -8.23 -1.07 -14.84
CA LYS B 332 -7.69 -0.97 -16.20
C LYS B 332 -8.59 -1.58 -17.29
N ARG B 333 -8.64 -2.91 -17.34
CA ARG B 333 -9.31 -3.58 -18.44
C ARG B 333 -10.72 -3.10 -18.74
N PRO B 334 -11.52 -2.79 -17.72
CA PRO B 334 -12.81 -2.25 -18.10
C PRO B 334 -12.73 -0.82 -18.63
N SER B 335 -11.58 -0.19 -18.48
CA SER B 335 -11.48 1.24 -18.69
C SER B 335 -10.82 1.61 -20.01
N VAL B 336 -10.03 0.69 -20.55
CA VAL B 336 -9.31 0.94 -21.79
C VAL B 336 -9.65 -0.03 -22.91
N CYS B 337 -9.00 0.17 -24.06
CA CYS B 337 -9.15 -0.71 -25.21
C CYS B 337 -8.20 -0.27 -26.31
N THR B 338 -7.42 -1.21 -26.85
CA THR B 338 -6.47 -0.86 -27.91
C THR B 338 -7.19 -0.71 -29.25
N MET B 339 -8.52 -0.75 -29.20
CA MET B 339 -9.34 -0.60 -30.39
C MET B 339 -10.42 0.46 -30.24
N THR B 340 -10.91 0.89 -31.40
CA THR B 340 -11.94 1.90 -31.47
C THR B 340 -12.98 1.51 -32.50
N LYS B 341 -14.25 1.52 -32.11
CA LYS B 341 -15.33 1.37 -33.07
C LYS B 341 -15.27 2.57 -34.01
N TRP B 342 -15.15 2.29 -35.30
CA TRP B 342 -14.98 3.33 -36.29
C TRP B 342 -16.06 3.32 -37.35
N GLN B 343 -16.65 2.16 -37.61
CA GLN B 343 -17.70 2.04 -38.62
C GLN B 343 -18.76 0.99 -38.31
N GLU B 344 -20.02 1.39 -38.39
CA GLU B 344 -21.15 0.46 -38.32
C GLU B 344 -21.78 0.29 -39.70
N VAL B 345 -21.74 -0.93 -40.22
CA VAL B 345 -22.29 -1.22 -41.54
C VAL B 345 -23.45 -2.19 -41.45
N ASP B 346 -24.65 -1.71 -41.76
CA ASP B 346 -25.85 -2.54 -41.76
C ASP B 346 -25.71 -3.72 -42.72
N GLU B 347 -24.96 -3.51 -43.80
CA GLU B 347 -24.87 -4.47 -44.87
C GLU B 347 -23.48 -4.67 -45.44
N MET B 348 -22.67 -5.41 -44.71
CA MET B 348 -21.41 -5.88 -45.24
C MET B 348 -21.72 -7.27 -45.73
N LEU B 349 -21.31 -7.61 -46.94
CA LEU B 349 -21.59 -8.95 -47.45
C LEU B 349 -20.34 -9.85 -47.51
N ARG B 350 -20.47 -11.11 -47.14
CA ARG B 350 -19.40 -12.06 -47.40
C ARG B 350 -19.41 -12.51 -48.85
N SER B 351 -18.23 -12.54 -49.45
CA SER B 351 -18.06 -13.05 -50.79
C SER B 351 -16.91 -14.02 -50.68
N GLU B 352 -17.18 -15.28 -50.95
CA GLU B 352 -16.31 -16.33 -50.43
C GLU B 352 -15.28 -16.85 -51.42
N TYR B 353 -14.31 -16.03 -51.83
CA TYR B 353 -13.33 -16.51 -52.83
C TYR B 353 -11.89 -15.97 -52.83
N GLY B 354 -10.94 -16.87 -53.11
CA GLY B 354 -9.57 -16.49 -53.44
C GLY B 354 -8.46 -16.86 -52.49
N GLY B 355 -8.73 -17.79 -51.57
CA GLY B 355 -7.84 -18.00 -50.45
C GLY B 355 -7.95 -16.80 -49.52
N SER B 356 -9.06 -16.07 -49.64
CA SER B 356 -9.33 -14.91 -48.83
C SER B 356 -10.83 -14.73 -48.68
N PHE B 357 -11.22 -13.75 -47.87
CA PHE B 357 -12.60 -13.34 -47.77
C PHE B 357 -12.73 -11.94 -48.38
N ARG B 358 -13.94 -11.54 -48.71
CA ARG B 358 -14.13 -10.19 -49.24
C ARG B 358 -15.37 -9.56 -48.68
N PHE B 359 -15.17 -8.50 -47.92
CA PHE B 359 -16.27 -7.83 -47.26
C PHE B 359 -16.60 -6.54 -47.99
N SER B 360 -17.64 -6.58 -48.79
CA SER B 360 -18.06 -5.38 -49.46
C SER B 360 -19.06 -4.68 -48.59
N SER B 361 -18.91 -3.38 -48.49
CA SER B 361 -20.01 -2.58 -48.01
C SER B 361 -20.27 -1.56 -49.09
N ASP B 362 -21.52 -1.21 -49.31
CA ASP B 362 -21.81 -0.30 -50.40
C ASP B 362 -21.87 1.13 -49.93
N ALA B 363 -22.35 1.32 -48.70
CA ALA B 363 -22.51 2.65 -48.14
C ALA B 363 -21.15 3.31 -48.06
N ILE B 364 -20.27 2.69 -47.31
CA ILE B 364 -18.89 3.15 -47.22
C ILE B 364 -18.16 2.89 -48.53
N SER B 365 -18.83 2.15 -49.43
CA SER B 365 -18.33 1.92 -50.77
C SER B 365 -16.93 1.35 -50.69
N THR B 366 -16.77 0.28 -49.91
CA THR B 366 -15.44 -0.24 -49.63
C THR B 366 -15.41 -1.76 -49.48
N THR B 367 -14.22 -2.33 -49.65
CA THR B 367 -14.06 -3.77 -49.60
C THR B 367 -12.69 -4.21 -49.10
N PHE B 368 -12.69 -4.92 -47.99
CA PHE B 368 -11.45 -5.28 -47.32
C PHE B 368 -11.15 -6.74 -47.50
N THR B 369 -9.89 -7.10 -47.34
CA THR B 369 -9.51 -8.49 -47.49
C THR B 369 -9.04 -9.05 -46.16
N THR B 370 -9.51 -10.26 -45.85
CA THR B 370 -9.02 -10.98 -44.68
C THR B 370 -8.67 -12.41 -45.05
N ASN B 371 -8.31 -13.19 -44.05
CA ASN B 371 -8.05 -14.60 -44.26
C ASN B 371 -9.31 -15.43 -44.13
N LEU B 372 -9.21 -16.70 -44.51
CA LEU B 372 -10.35 -17.59 -44.44
C LEU B 372 -10.56 -17.98 -43.00
N THR B 373 -9.45 -18.08 -42.26
CA THR B 373 -9.55 -18.45 -40.88
C THR B 373 -10.02 -17.24 -40.10
N GLU B 374 -10.76 -17.49 -39.01
CA GLU B 374 -11.27 -16.41 -38.18
C GLU B 374 -10.16 -15.94 -37.23
N TYR B 375 -10.37 -14.79 -36.59
CA TYR B 375 -9.37 -14.20 -35.71
C TYR B 375 -9.92 -14.04 -34.29
N PRO B 376 -9.15 -14.51 -33.29
CA PRO B 376 -9.60 -14.65 -31.90
C PRO B 376 -9.42 -13.42 -31.02
N LEU B 377 -10.50 -12.95 -30.41
CA LEU B 377 -10.42 -11.81 -29.50
C LEU B 377 -9.46 -12.05 -28.34
N SER B 378 -9.28 -13.32 -27.99
CA SER B 378 -8.36 -13.73 -26.94
C SER B 378 -6.93 -13.28 -27.22
N ARG B 379 -6.64 -12.98 -28.48
CA ARG B 379 -5.32 -12.53 -28.88
C ARG B 379 -5.10 -11.09 -28.46
N VAL B 380 -6.16 -10.29 -28.48
CA VAL B 380 -6.00 -8.86 -28.27
C VAL B 380 -5.84 -8.45 -26.81
N ASP B 381 -4.66 -7.87 -26.56
CA ASP B 381 -4.29 -7.29 -25.29
C ASP B 381 -5.26 -6.18 -24.92
N LEU B 382 -5.77 -6.23 -23.70
CA LEU B 382 -6.51 -5.11 -23.14
C LEU B 382 -7.77 -4.70 -23.89
N GLY B 383 -7.96 -5.24 -25.09
CA GLY B 383 -9.11 -4.92 -25.90
C GLY B 383 -10.36 -5.67 -25.48
N ASP B 384 -10.92 -5.31 -24.33
CA ASP B 384 -12.13 -5.95 -23.82
C ASP B 384 -13.37 -5.05 -23.94
N CYS B 385 -13.46 -4.29 -25.04
CA CYS B 385 -14.64 -3.47 -25.32
C CYS B 385 -15.35 -3.99 -26.57
N ILE B 386 -14.53 -4.36 -27.56
CA ILE B 386 -14.95 -4.95 -28.82
C ILE B 386 -16.27 -5.74 -28.76
N GLY B 387 -16.20 -6.92 -28.16
CA GLY B 387 -17.36 -7.78 -27.97
C GLY B 387 -18.62 -7.06 -27.53
N LYS B 388 -18.55 -6.33 -26.42
CA LYS B 388 -19.70 -5.58 -25.96
C LYS B 388 -20.15 -4.61 -27.02
N ASP B 389 -19.20 -3.85 -27.56
CA ASP B 389 -19.49 -2.84 -28.58
C ASP B 389 -20.29 -3.40 -29.73
N ALA B 390 -19.81 -4.54 -30.24
CA ALA B 390 -20.49 -5.28 -31.30
C ALA B 390 -22.01 -5.34 -31.06
N ARG B 391 -22.42 -6.14 -30.07
CA ARG B 391 -23.82 -6.30 -29.71
C ARG B 391 -24.59 -5.00 -29.75
N ASP B 392 -24.13 -4.03 -28.95
CA ASP B 392 -24.81 -2.74 -28.80
C ASP B 392 -25.27 -2.18 -30.13
N ALA B 393 -24.48 -2.44 -31.16
CA ALA B 393 -24.81 -2.01 -32.50
C ALA B 393 -25.66 -3.07 -33.18
N MET B 394 -25.10 -4.26 -33.29
CA MET B 394 -25.77 -5.36 -33.95
C MET B 394 -27.14 -5.60 -33.35
N ASP B 395 -27.18 -5.84 -32.05
CA ASP B 395 -28.45 -6.03 -31.39
C ASP B 395 -29.36 -4.84 -31.65
N ARG B 396 -28.78 -3.66 -31.83
CA ARG B 396 -29.57 -2.51 -32.23
C ARG B 396 -29.96 -2.65 -33.69
N ILE B 397 -28.96 -2.95 -34.53
CA ILE B 397 -29.16 -3.02 -35.97
C ILE B 397 -30.09 -4.16 -36.42
N PHE B 398 -29.72 -5.39 -36.08
CA PHE B 398 -30.49 -6.57 -36.41
C PHE B 398 -31.96 -6.39 -36.11
N ALA B 399 -32.23 -5.98 -34.89
CA ALA B 399 -33.58 -5.67 -34.49
C ALA B 399 -34.12 -4.68 -35.49
N ARG B 400 -33.46 -3.53 -35.58
CA ARG B 400 -33.87 -2.43 -36.43
C ARG B 400 -34.23 -2.89 -37.83
N ARG B 401 -33.36 -3.68 -38.45
CA ARG B 401 -33.47 -3.94 -39.90
C ARG B 401 -33.74 -5.39 -40.32
N TYR B 402 -33.43 -6.36 -39.48
CA TYR B 402 -33.44 -7.76 -39.92
C TYR B 402 -34.44 -8.69 -39.24
N ASN B 403 -34.80 -8.40 -37.98
CA ASN B 403 -35.68 -9.25 -37.17
C ASN B 403 -36.79 -10.01 -37.90
N ALA B 404 -37.54 -9.30 -38.73
CA ALA B 404 -38.67 -9.89 -39.41
C ALA B 404 -38.26 -10.65 -40.68
N THR B 405 -37.55 -9.97 -41.57
CA THR B 405 -37.22 -10.54 -42.87
C THR B 405 -36.21 -11.67 -42.77
N HIS B 406 -35.42 -11.64 -41.71
CA HIS B 406 -34.34 -12.60 -41.49
C HIS B 406 -34.19 -12.83 -40.00
N ILE B 407 -33.29 -13.72 -39.60
CA ILE B 407 -32.99 -13.87 -38.17
C ILE B 407 -31.60 -14.44 -37.89
N LYS B 408 -31.02 -14.01 -36.78
CA LYS B 408 -29.60 -14.18 -36.49
C LYS B 408 -29.11 -15.61 -36.68
N VAL B 409 -27.86 -15.72 -37.10
CA VAL B 409 -27.23 -16.99 -37.40
C VAL B 409 -25.77 -16.93 -36.99
N GLY B 410 -25.35 -17.90 -36.18
CA GLY B 410 -23.97 -17.93 -35.70
C GLY B 410 -23.67 -16.84 -34.70
N GLN B 411 -22.55 -16.98 -34.01
CA GLN B 411 -22.11 -15.96 -33.07
C GLN B 411 -21.08 -15.12 -33.79
N PRO B 412 -21.01 -13.81 -33.46
CA PRO B 412 -20.21 -12.88 -34.25
C PRO B 412 -18.78 -13.36 -34.48
N GLN B 413 -18.36 -13.30 -35.73
CA GLN B 413 -17.04 -13.72 -36.07
C GLN B 413 -16.11 -12.52 -36.06
N TYR B 414 -14.82 -12.76 -36.11
CA TYR B 414 -13.87 -11.68 -36.10
C TYR B 414 -12.73 -12.03 -37.01
N TYR B 415 -12.62 -11.28 -38.11
CA TYR B 415 -11.51 -11.46 -39.03
C TYR B 415 -10.71 -10.19 -39.08
N LEU B 416 -9.41 -10.34 -39.23
CA LEU B 416 -8.53 -9.21 -39.40
C LEU B 416 -8.44 -8.83 -40.88
N ALA B 417 -9.03 -7.71 -41.23
CA ALA B 417 -8.87 -7.14 -42.56
C ALA B 417 -7.41 -6.86 -42.78
N ASN B 418 -7.02 -6.70 -44.03
CA ASN B 418 -5.72 -6.14 -44.29
C ASN B 418 -5.67 -4.73 -43.75
N GLY B 419 -4.47 -4.25 -43.44
CA GLY B 419 -4.30 -2.86 -43.06
C GLY B 419 -4.69 -2.59 -41.62
N GLY B 420 -5.06 -3.66 -40.92
CA GLY B 420 -5.28 -3.58 -39.50
C GLY B 420 -6.68 -3.16 -39.12
N PHE B 421 -7.67 -3.53 -39.92
CA PHE B 421 -9.04 -3.34 -39.47
C PHE B 421 -9.53 -4.64 -38.89
N LEU B 422 -10.36 -4.54 -37.86
CA LEU B 422 -10.96 -5.72 -37.27
C LEU B 422 -12.42 -5.71 -37.60
N ILE B 423 -12.90 -6.82 -38.15
CA ILE B 423 -14.30 -6.87 -38.55
C ILE B 423 -15.09 -7.84 -37.68
N ALA B 424 -15.94 -7.27 -36.86
CA ALA B 424 -16.92 -8.09 -36.18
C ALA B 424 -17.96 -8.28 -37.24
N TYR B 425 -18.45 -9.50 -37.38
CA TYR B 425 -19.50 -9.77 -38.36
C TYR B 425 -20.52 -10.77 -37.84
N GLN B 426 -21.78 -10.34 -37.82
CA GLN B 426 -22.88 -11.20 -37.43
C GLN B 426 -23.73 -11.56 -38.62
N PRO B 427 -23.49 -12.76 -39.18
CA PRO B 427 -24.18 -13.31 -40.36
C PRO B 427 -25.68 -13.44 -40.15
N LEU B 428 -26.42 -13.63 -41.24
CA LEU B 428 -27.85 -13.88 -41.16
C LEU B 428 -28.32 -14.66 -42.39
N LEU B 429 -29.60 -15.02 -42.39
CA LEU B 429 -30.20 -15.74 -43.53
C LEU B 429 -31.65 -15.34 -43.78
N SER B 430 -32.08 -15.38 -45.03
CA SER B 430 -33.46 -15.02 -45.34
C SER B 430 -34.41 -16.10 -44.89
N ASN B 431 -35.52 -15.69 -44.30
CA ASN B 431 -36.60 -16.61 -43.95
C ASN B 431 -37.01 -17.39 -45.19
N THR B 432 -36.88 -16.75 -46.34
CA THR B 432 -37.18 -17.38 -47.60
C THR B 432 -36.11 -18.39 -47.99
N LEU B 433 -35.03 -18.44 -47.21
CA LEU B 433 -33.99 -19.45 -47.39
C LEU B 433 -33.84 -20.24 -46.09
N ALA B 434 -34.84 -20.11 -45.23
CA ALA B 434 -34.83 -20.76 -43.92
C ALA B 434 -34.42 -22.21 -44.03
N GLU B 435 -34.78 -22.84 -45.14
CA GLU B 435 -34.43 -24.22 -45.40
C GLU B 435 -32.91 -24.40 -45.33
N LEU B 436 -32.17 -23.29 -45.44
CA LEU B 436 -30.74 -23.33 -45.20
C LEU B 436 -30.39 -22.92 -43.76
N TYR B 437 -31.33 -22.24 -43.08
CA TYR B 437 -31.13 -21.79 -41.70
C TYR B 437 -30.65 -22.96 -40.87
N VAL B 438 -31.28 -24.10 -41.11
CA VAL B 438 -30.82 -25.35 -40.55
C VAL B 438 -29.41 -25.65 -41.04
N ARG B 439 -29.20 -25.55 -42.34
CA ARG B 439 -27.90 -25.87 -42.93
C ARG B 439 -26.83 -24.88 -42.50
N GLU B 440 -27.23 -23.61 -42.40
CA GLU B 440 -26.26 -22.52 -42.39
C GLU B 440 -25.49 -22.36 -41.07
N HIS B 441 -26.13 -22.66 -39.93
CA HIS B 441 -25.45 -22.65 -38.63
C HIS B 441 -24.17 -23.43 -38.77
N LEU B 442 -24.27 -24.61 -39.36
CA LEU B 442 -23.10 -25.45 -39.57
C LEU B 442 -22.13 -24.74 -40.48
N ARG B 443 -22.65 -24.17 -41.56
CA ARG B 443 -21.83 -23.49 -42.55
C ARG B 443 -20.98 -22.39 -41.87
N GLU B 444 -21.66 -21.38 -41.35
CA GLU B 444 -21.00 -20.21 -40.75
C GLU B 444 -20.07 -20.56 -39.60
N GLN B 445 -20.60 -21.31 -38.63
CA GLN B 445 -19.87 -21.63 -37.41
C GLN B 445 -18.73 -22.64 -37.62
N SER B 446 -18.20 -22.65 -38.84
CA SER B 446 -17.10 -23.55 -39.21
C SER B 446 -15.74 -22.93 -38.88
N ARG B 447 -15.68 -21.61 -38.89
CA ARG B 447 -14.39 -20.91 -38.86
C ARG B 447 -13.87 -20.69 -37.45
N LYS B 448 -14.76 -20.81 -36.47
CA LYS B 448 -14.45 -20.49 -35.07
C LYS B 448 -13.12 -21.04 -34.57
N PRO B 449 -12.46 -20.30 -33.67
CA PRO B 449 -11.19 -20.72 -33.08
C PRO B 449 -11.38 -21.43 -31.72
N PRO B 450 -10.43 -22.30 -31.35
CA PRO B 450 -10.43 -23.01 -30.06
C PRO B 450 -9.50 -22.37 -29.02
N SER B 464 4.45 -10.33 -25.02
CA SER B 464 3.93 -11.69 -24.98
C SER B 464 3.00 -11.95 -26.19
N VAL B 465 2.00 -11.08 -26.36
CA VAL B 465 1.18 -11.05 -27.57
C VAL B 465 1.01 -9.58 -27.96
N GLU B 466 0.90 -9.29 -29.26
CA GLU B 466 0.98 -7.91 -29.76
C GLU B 466 -0.35 -7.22 -30.06
N ARG B 467 -0.30 -5.88 -30.20
CA ARG B 467 -1.47 -5.09 -30.55
C ARG B 467 -1.40 -4.62 -32.00
N ILE B 468 -2.57 -4.28 -32.54
CA ILE B 468 -2.79 -4.05 -33.96
C ILE B 468 -2.39 -2.68 -34.48
N LYS B 469 -1.80 -2.64 -35.68
CA LYS B 469 -1.48 -1.37 -36.30
C LYS B 469 -2.37 -1.10 -37.52
N THR B 470 -3.16 -0.02 -37.46
CA THR B 470 -4.10 0.27 -38.54
C THR B 470 -3.62 1.42 -39.43
N THR B 471 -3.60 1.17 -40.73
CA THR B 471 -3.19 2.20 -41.66
C THR B 471 -4.20 3.32 -41.65
N SER B 472 -3.72 4.54 -41.88
CA SER B 472 -4.61 5.68 -41.95
C SER B 472 -5.30 5.74 -43.31
N SER B 473 -4.89 4.86 -44.21
CA SER B 473 -5.35 4.91 -45.59
C SER B 473 -6.46 3.92 -45.86
N ILE B 474 -7.30 4.27 -46.82
CA ILE B 474 -8.47 3.47 -47.11
C ILE B 474 -8.69 3.41 -48.62
N GLU B 475 -7.70 3.94 -49.34
CA GLU B 475 -7.67 3.98 -50.79
C GLU B 475 -7.95 2.63 -51.39
N PHE B 476 -7.06 1.69 -51.15
CA PHE B 476 -7.12 0.41 -51.84
C PHE B 476 -8.42 -0.37 -51.65
N PRO B 477 -8.89 -0.51 -50.40
CA PRO B 477 -10.19 -1.17 -50.28
C PRO B 477 -11.27 -0.40 -51.02
N GLY B 478 -11.13 0.91 -51.08
CA GLY B 478 -12.04 1.71 -51.86
C GLY B 478 -11.81 1.53 -53.36
N LEU B 479 -10.64 1.02 -53.75
CA LEU B 479 -10.39 0.77 -55.16
C LEU B 479 -10.93 -0.59 -55.52
N GLY B 480 -10.75 -1.54 -54.63
CA GLY B 480 -11.23 -2.87 -54.87
C GLY B 480 -12.73 -2.80 -55.11
N PHE B 481 -13.42 -2.18 -54.15
CA PHE B 481 -14.86 -2.07 -54.21
C PHE B 481 -15.30 -1.60 -55.58
N THR B 482 -14.57 -0.64 -56.11
CA THR B 482 -14.93 -0.04 -57.37
C THR B 482 -14.68 -1.02 -58.47
N TYR B 483 -13.41 -1.29 -58.72
CA TYR B 483 -13.02 -2.22 -59.77
C TYR B 483 -13.90 -3.46 -59.74
N GLY B 484 -14.04 -4.00 -58.53
CA GLY B 484 -14.85 -5.17 -58.32
C GLY B 484 -16.16 -5.01 -59.02
N HIS B 485 -16.99 -4.13 -58.49
CA HIS B 485 -18.30 -3.85 -59.04
C HIS B 485 -18.32 -3.68 -60.55
N ILE B 486 -17.27 -3.08 -61.10
CA ILE B 486 -17.28 -2.83 -62.53
C ILE B 486 -16.92 -4.09 -63.28
N GLN B 487 -15.82 -4.74 -62.97
CA GLN B 487 -15.45 -5.87 -63.77
C GLN B 487 -16.54 -6.92 -63.78
N ARG B 488 -17.11 -7.23 -62.63
CA ARG B 488 -18.19 -8.19 -62.64
C ARG B 488 -19.25 -7.80 -63.63
N HIS B 489 -19.63 -6.54 -63.57
CA HIS B 489 -20.70 -6.05 -64.40
C HIS B 489 -20.32 -6.22 -65.86
N VAL B 490 -19.20 -5.63 -66.22
CA VAL B 490 -18.67 -5.70 -67.56
C VAL B 490 -18.63 -7.15 -68.03
N ASN B 491 -17.84 -7.99 -67.35
CA ASN B 491 -17.79 -9.42 -67.65
C ASN B 491 -19.16 -9.95 -67.94
N ASP B 492 -20.06 -9.79 -66.97
CA ASP B 492 -21.39 -10.36 -67.05
C ASP B 492 -22.07 -10.01 -68.34
N MET B 493 -22.34 -8.73 -68.55
CA MET B 493 -22.95 -8.29 -69.79
C MET B 493 -22.15 -8.81 -70.97
N LEU B 494 -20.83 -8.64 -70.90
CA LEU B 494 -19.93 -9.21 -71.90
C LEU B 494 -19.84 -10.74 -71.87
N GLY B 495 -20.46 -11.35 -70.89
CA GLY B 495 -20.62 -12.78 -70.96
C GLY B 495 -21.85 -13.04 -71.80
N ARG B 496 -22.92 -12.34 -71.47
CA ARG B 496 -24.21 -12.57 -72.09
C ARG B 496 -24.15 -12.38 -73.59
N VAL B 497 -23.36 -11.40 -74.01
CA VAL B 497 -23.27 -11.10 -75.42
C VAL B 497 -22.72 -12.30 -76.18
N ALA B 498 -21.48 -12.67 -75.87
CA ALA B 498 -20.79 -13.75 -76.56
C ALA B 498 -21.65 -15.00 -76.71
N ILE B 499 -22.51 -15.23 -75.72
CA ILE B 499 -23.44 -16.35 -75.79
C ILE B 499 -24.47 -16.11 -76.87
N ALA B 500 -25.13 -14.95 -76.80
CA ALA B 500 -26.11 -14.56 -77.79
C ALA B 500 -25.45 -14.69 -79.13
N TRP B 501 -24.33 -14.01 -79.31
CA TRP B 501 -23.61 -14.06 -80.57
C TRP B 501 -23.27 -15.46 -81.02
N CYS B 502 -23.00 -16.34 -80.08
CA CYS B 502 -22.67 -17.69 -80.49
C CYS B 502 -23.91 -18.39 -81.00
N GLU B 503 -25.04 -18.16 -80.33
CA GLU B 503 -26.31 -18.78 -80.71
C GLU B 503 -26.81 -18.20 -82.01
N LEU B 504 -26.29 -17.04 -82.39
CA LEU B 504 -26.67 -16.44 -83.65
C LEU B 504 -26.05 -17.21 -84.80
N GLN B 505 -24.72 -17.19 -84.86
CA GLN B 505 -23.97 -17.91 -85.90
C GLN B 505 -24.53 -19.30 -86.19
N ASN B 506 -24.95 -19.97 -85.14
CA ASN B 506 -25.65 -21.23 -85.29
C ASN B 506 -26.89 -21.03 -86.14
N HIS B 507 -27.97 -20.55 -85.54
CA HIS B 507 -29.23 -20.35 -86.25
C HIS B 507 -29.03 -19.63 -87.59
N GLU B 508 -28.09 -18.69 -87.62
CA GLU B 508 -27.74 -18.02 -88.86
C GLU B 508 -27.33 -19.03 -89.91
N LEU B 509 -26.55 -20.02 -89.50
CA LEU B 509 -26.08 -21.05 -90.44
C LEU B 509 -27.24 -21.65 -91.24
N THR B 510 -28.43 -21.67 -90.62
CA THR B 510 -29.57 -22.28 -91.27
C THR B 510 -29.97 -21.52 -92.54
N LEU B 511 -30.20 -20.23 -92.41
CA LEU B 511 -30.53 -19.41 -93.57
C LEU B 511 -29.52 -19.65 -94.68
N TRP B 512 -28.28 -19.94 -94.30
CA TRP B 512 -27.27 -20.22 -95.31
C TRP B 512 -27.56 -21.56 -95.98
N ASN B 513 -28.05 -22.51 -95.20
CA ASN B 513 -28.24 -23.86 -95.73
C ASN B 513 -29.36 -23.98 -96.76
N GLU B 514 -30.20 -22.96 -96.86
CA GLU B 514 -31.25 -22.98 -97.84
C GLU B 514 -30.81 -22.14 -99.00
N ALA B 515 -29.98 -21.15 -98.69
CA ALA B 515 -29.54 -20.20 -99.70
C ALA B 515 -28.43 -20.75 -100.60
N ARG B 516 -27.69 -21.72 -100.09
CA ARG B 516 -26.64 -22.31 -100.89
C ARG B 516 -27.28 -22.99 -102.09
N LYS B 517 -28.49 -23.49 -101.89
CA LYS B 517 -29.26 -24.04 -103.00
C LYS B 517 -29.51 -22.95 -104.03
N LEU B 518 -30.12 -21.86 -103.60
CA LEU B 518 -30.50 -20.78 -104.53
C LEU B 518 -29.36 -20.19 -105.34
N ASN B 519 -28.16 -20.16 -104.76
CA ASN B 519 -27.00 -19.64 -105.46
C ASN B 519 -25.73 -20.06 -104.77
N PRO B 520 -25.17 -21.21 -105.19
CA PRO B 520 -23.95 -21.68 -104.52
C PRO B 520 -22.76 -20.73 -104.68
N ASN B 521 -22.42 -20.35 -105.91
CA ASN B 521 -21.23 -19.51 -106.14
C ASN B 521 -21.11 -18.36 -105.18
N ALA B 522 -22.05 -17.44 -105.28
CA ALA B 522 -22.07 -16.26 -104.44
C ALA B 522 -21.99 -16.61 -102.95
N ILE B 523 -22.83 -17.55 -102.52
CA ILE B 523 -22.88 -17.95 -101.13
C ILE B 523 -21.55 -18.59 -100.75
N ALA B 524 -21.14 -19.61 -101.50
CA ALA B 524 -19.87 -20.24 -101.20
C ALA B 524 -18.71 -19.25 -101.29
N SER B 525 -18.87 -18.22 -102.13
CA SER B 525 -17.83 -17.24 -102.31
C SER B 525 -17.57 -16.47 -101.04
N VAL B 526 -18.62 -15.84 -100.53
CA VAL B 526 -18.53 -15.05 -99.31
C VAL B 526 -17.98 -15.92 -98.18
N THR B 527 -18.27 -17.21 -98.25
CA THR B 527 -17.91 -18.12 -97.18
C THR B 527 -16.44 -18.52 -97.22
N VAL B 528 -15.90 -18.78 -98.42
CA VAL B 528 -14.48 -19.04 -98.51
C VAL B 528 -13.76 -17.71 -98.42
N GLY B 529 -14.40 -16.66 -98.94
CA GLY B 529 -13.80 -15.36 -98.94
C GLY B 529 -13.37 -14.94 -100.33
N ARG B 530 -13.21 -15.91 -101.23
CA ARG B 530 -12.84 -15.58 -102.60
C ARG B 530 -14.02 -15.83 -103.52
N ARG B 531 -13.97 -15.20 -104.70
CA ARG B 531 -14.91 -15.53 -105.77
C ARG B 531 -14.60 -16.94 -106.21
N VAL B 532 -15.58 -17.81 -106.07
CA VAL B 532 -15.46 -19.21 -106.48
C VAL B 532 -16.67 -19.64 -107.32
N SER B 533 -16.49 -20.69 -108.11
CA SER B 533 -17.60 -21.31 -108.82
C SER B 533 -18.03 -22.51 -108.00
N ALA B 534 -19.34 -22.69 -107.84
CA ALA B 534 -19.80 -23.58 -106.76
C ALA B 534 -21.10 -24.26 -107.11
N ARG B 535 -21.19 -25.55 -106.79
CA ARG B 535 -22.40 -26.34 -107.03
C ARG B 535 -22.51 -27.50 -106.05
N MET B 536 -23.75 -27.89 -105.77
CA MET B 536 -24.01 -28.96 -104.81
C MET B 536 -23.64 -30.28 -105.43
N LEU B 537 -23.14 -31.18 -104.61
CA LEU B 537 -23.04 -32.57 -105.02
C LEU B 537 -23.87 -33.43 -104.05
N GLY B 538 -25.17 -33.15 -104.04
CA GLY B 538 -26.07 -33.81 -103.13
C GLY B 538 -26.09 -33.07 -101.82
N ASP B 539 -25.08 -33.31 -101.00
CA ASP B 539 -25.04 -32.72 -99.66
C ASP B 539 -23.71 -32.07 -99.27
N VAL B 540 -22.96 -31.58 -100.26
CA VAL B 540 -21.73 -30.84 -99.99
C VAL B 540 -21.63 -29.69 -100.96
N MET B 541 -20.40 -29.27 -101.24
CA MET B 541 -20.19 -28.35 -102.33
C MET B 541 -18.85 -28.54 -103.01
N ALA B 542 -18.93 -28.73 -104.32
CA ALA B 542 -17.76 -28.81 -105.15
C ALA B 542 -17.35 -27.39 -105.49
N VAL B 543 -16.05 -27.12 -105.48
CA VAL B 543 -15.59 -25.74 -105.65
C VAL B 543 -14.37 -25.55 -106.56
N SER B 544 -14.54 -24.68 -107.56
CA SER B 544 -13.44 -24.29 -108.44
C SER B 544 -13.22 -22.79 -108.39
N THR B 545 -11.97 -22.37 -108.26
CA THR B 545 -11.70 -20.94 -108.15
C THR B 545 -11.66 -20.26 -109.52
N CYS B 546 -12.41 -19.16 -109.63
CA CYS B 546 -12.59 -18.46 -110.90
C CYS B 546 -11.33 -17.87 -111.49
N VAL B 547 -11.49 -17.26 -112.66
CA VAL B 547 -10.41 -16.49 -113.27
C VAL B 547 -10.88 -15.08 -113.50
N PRO B 548 -10.05 -14.12 -113.09
CA PRO B 548 -10.36 -12.70 -113.28
C PRO B 548 -10.22 -12.24 -114.74
N VAL B 549 -11.08 -11.32 -115.14
CA VAL B 549 -10.93 -10.65 -116.42
C VAL B 549 -11.02 -9.13 -116.26
N ALA B 550 -10.07 -8.41 -116.87
CA ALA B 550 -10.08 -6.95 -116.82
C ALA B 550 -11.12 -6.41 -117.79
N ALA B 551 -11.36 -5.10 -117.77
CA ALA B 551 -12.37 -4.49 -118.63
C ALA B 551 -11.88 -4.25 -120.07
N ASP B 552 -10.58 -4.01 -120.22
CA ASP B 552 -9.94 -3.86 -121.53
C ASP B 552 -10.06 -5.16 -122.29
N ASN B 553 -10.36 -6.22 -121.55
CA ASN B 553 -10.63 -7.53 -122.11
C ASN B 553 -12.12 -7.81 -122.14
N VAL B 554 -12.92 -6.76 -122.04
CA VAL B 554 -14.37 -6.92 -121.95
C VAL B 554 -15.15 -5.88 -122.74
N ILE B 555 -16.04 -6.36 -123.60
CA ILE B 555 -16.89 -5.52 -124.41
C ILE B 555 -18.30 -6.05 -124.32
N VAL B 556 -19.27 -5.15 -124.14
CA VAL B 556 -20.67 -5.55 -124.13
C VAL B 556 -21.33 -5.21 -125.46
N GLN B 557 -22.46 -5.84 -125.76
CA GLN B 557 -23.14 -5.67 -127.05
C GLN B 557 -24.55 -5.09 -126.90
N ASN B 558 -25.09 -4.59 -128.01
CA ASN B 558 -26.34 -3.82 -128.00
C ASN B 558 -27.62 -4.64 -128.02
N SER B 559 -27.51 -5.94 -128.28
CA SER B 559 -28.70 -6.76 -128.41
C SER B 559 -28.84 -7.78 -127.29
N MET B 560 -30.08 -7.99 -126.88
CA MET B 560 -30.44 -9.11 -126.04
C MET B 560 -31.52 -9.84 -126.80
N ARG B 561 -31.50 -9.64 -128.13
CA ARG B 561 -32.55 -10.10 -129.04
C ARG B 561 -32.09 -11.21 -129.98
N ILE B 562 -33.00 -12.13 -130.29
CA ILE B 562 -32.68 -13.18 -131.24
C ILE B 562 -33.55 -13.03 -132.49
N SER B 563 -32.96 -12.52 -133.57
CA SER B 563 -33.69 -12.35 -134.81
C SER B 563 -34.04 -13.72 -135.37
N SER B 564 -33.23 -14.71 -135.04
CA SER B 564 -33.40 -16.07 -135.55
C SER B 564 -34.75 -16.64 -135.16
N ARG B 565 -35.03 -16.67 -133.87
CA ARG B 565 -36.31 -17.17 -133.39
C ARG B 565 -37.08 -16.05 -132.69
N PRO B 566 -37.60 -15.06 -133.45
CA PRO B 566 -38.29 -13.91 -132.86
C PRO B 566 -39.47 -14.34 -131.98
N GLY B 567 -39.34 -14.12 -130.67
CA GLY B 567 -40.28 -14.63 -129.69
C GLY B 567 -39.55 -15.47 -128.65
N ALA B 568 -38.24 -15.27 -128.60
CA ALA B 568 -37.35 -16.01 -127.71
C ALA B 568 -36.05 -15.22 -127.57
N CYS B 569 -35.72 -14.82 -126.33
CA CYS B 569 -34.62 -13.89 -126.12
C CYS B 569 -33.83 -14.15 -124.83
N TYR B 570 -32.86 -13.29 -124.56
CA TYR B 570 -32.02 -13.42 -123.38
C TYR B 570 -32.45 -12.43 -122.33
N SER B 571 -32.78 -12.96 -121.15
CA SER B 571 -33.10 -12.14 -120.00
C SER B 571 -31.91 -11.28 -119.54
N ARG B 572 -30.71 -11.67 -119.95
CA ARG B 572 -29.52 -10.90 -119.63
C ARG B 572 -28.60 -10.84 -120.86
N PRO B 573 -27.80 -9.75 -120.98
CA PRO B 573 -26.99 -9.51 -122.19
C PRO B 573 -25.97 -10.59 -122.47
N LEU B 574 -25.26 -10.41 -123.57
CA LEU B 574 -24.19 -11.31 -123.93
C LEU B 574 -22.95 -10.48 -124.15
N VAL B 575 -21.82 -11.14 -124.31
CA VAL B 575 -20.57 -10.43 -124.44
C VAL B 575 -19.52 -11.21 -125.18
N SER B 576 -18.30 -10.69 -125.12
CA SER B 576 -17.16 -11.29 -125.76
C SER B 576 -15.92 -10.85 -125.00
N PHE B 577 -14.91 -11.69 -124.92
CA PHE B 577 -13.74 -11.36 -124.12
C PHE B 577 -12.47 -12.16 -124.45
N ARG B 578 -11.34 -11.66 -123.92
CA ARG B 578 -10.07 -12.38 -123.92
C ARG B 578 -9.52 -12.42 -122.49
N TYR B 579 -8.78 -13.47 -122.17
CA TYR B 579 -8.20 -13.60 -120.84
C TYR B 579 -7.05 -12.62 -120.74
N GLU B 580 -5.92 -13.01 -121.32
CA GLU B 580 -4.75 -12.14 -121.44
C GLU B 580 -5.13 -10.84 -122.11
N ASP B 581 -4.61 -9.73 -121.58
CA ASP B 581 -4.95 -8.37 -122.04
C ASP B 581 -5.05 -8.23 -123.56
N GLN B 582 -4.21 -8.99 -124.27
CA GLN B 582 -4.29 -9.10 -125.71
C GLN B 582 -4.43 -10.58 -126.08
N GLY B 583 -5.39 -10.90 -126.95
CA GLY B 583 -5.63 -12.28 -127.32
C GLY B 583 -7.02 -12.54 -127.86
N PRO B 584 -7.27 -13.77 -128.32
CA PRO B 584 -8.49 -14.24 -128.98
C PRO B 584 -9.77 -13.93 -128.20
N LEU B 585 -10.90 -13.93 -128.88
CA LEU B 585 -12.16 -13.57 -128.23
C LEU B 585 -13.15 -14.72 -128.12
N VAL B 586 -13.95 -14.70 -127.05
CA VAL B 586 -14.88 -15.79 -126.75
C VAL B 586 -16.34 -15.35 -126.65
N GLU B 587 -17.23 -16.18 -127.18
CA GLU B 587 -18.64 -15.84 -127.32
C GLU B 587 -19.50 -16.33 -126.15
N GLY B 588 -19.76 -15.43 -125.20
CA GLY B 588 -20.53 -15.78 -124.02
C GLY B 588 -21.37 -14.64 -123.48
N GLN B 589 -22.02 -14.87 -122.35
CA GLN B 589 -22.97 -13.89 -121.81
C GLN B 589 -22.77 -13.47 -120.34
N LEU B 590 -23.55 -12.46 -119.94
CA LEU B 590 -23.35 -11.74 -118.68
C LEU B 590 -24.13 -12.29 -117.47
N GLY B 591 -23.42 -12.47 -116.36
CA GLY B 591 -24.01 -13.00 -115.13
C GLY B 591 -23.96 -12.08 -113.92
N GLU B 592 -24.03 -12.68 -112.74
CA GLU B 592 -24.10 -11.93 -111.48
C GLU B 592 -22.75 -11.46 -110.97
N ASN B 593 -22.70 -10.24 -110.44
CA ASN B 593 -21.48 -9.70 -109.85
C ASN B 593 -20.31 -9.77 -110.81
N ASN B 594 -20.58 -9.50 -112.08
CA ASN B 594 -19.55 -9.57 -113.09
C ASN B 594 -18.88 -10.95 -113.18
N GLU B 595 -19.62 -12.01 -112.87
CA GLU B 595 -19.15 -13.33 -113.28
C GLU B 595 -19.35 -13.40 -114.77
N LEU B 596 -18.53 -14.22 -115.44
CA LEU B 596 -18.63 -14.39 -116.89
C LEU B 596 -19.14 -15.78 -117.30
N ARG B 597 -20.38 -15.83 -117.80
CA ARG B 597 -20.94 -17.07 -118.29
C ARG B 597 -20.56 -17.29 -119.75
N LEU B 598 -19.66 -18.24 -119.95
CA LEU B 598 -19.13 -18.53 -121.28
C LEU B 598 -20.21 -19.00 -122.27
N THR B 599 -21.31 -19.53 -121.75
CA THR B 599 -22.34 -20.13 -122.57
C THR B 599 -23.61 -19.30 -122.51
N ARG B 600 -24.35 -19.24 -123.61
CA ARG B 600 -25.54 -18.41 -123.68
C ARG B 600 -26.85 -19.14 -123.34
N ASP B 601 -26.71 -20.34 -122.77
CA ASP B 601 -27.84 -21.24 -122.53
C ASP B 601 -29.15 -20.61 -121.99
N ALA B 602 -29.06 -19.88 -120.89
CA ALA B 602 -30.25 -19.31 -120.24
C ALA B 602 -30.99 -18.32 -121.13
N ILE B 603 -32.25 -18.62 -121.41
CA ILE B 603 -33.03 -17.86 -122.39
C ILE B 603 -34.50 -17.80 -122.00
N GLU B 604 -35.15 -16.68 -122.31
CA GLU B 604 -36.58 -16.58 -122.10
C GLU B 604 -37.31 -16.25 -123.41
N PRO B 605 -38.47 -16.89 -123.65
CA PRO B 605 -39.34 -16.38 -124.71
C PRO B 605 -39.74 -14.93 -124.39
N CYS B 606 -39.08 -14.02 -125.09
CA CYS B 606 -39.09 -12.59 -124.76
C CYS B 606 -40.46 -11.89 -124.75
N THR B 607 -40.43 -10.64 -124.29
CA THR B 607 -41.58 -9.74 -124.32
C THR B 607 -41.03 -8.33 -124.63
N VAL B 608 -41.84 -7.29 -124.38
CA VAL B 608 -41.48 -5.91 -124.72
C VAL B 608 -42.12 -4.94 -123.73
N GLY B 609 -41.49 -3.79 -123.49
CA GLY B 609 -41.93 -2.84 -122.48
C GLY B 609 -40.90 -2.84 -121.38
N HIS B 610 -39.92 -3.70 -121.59
CA HIS B 610 -38.92 -4.07 -120.60
C HIS B 610 -37.84 -3.00 -120.45
N ARG B 611 -37.50 -2.71 -119.22
CA ARG B 611 -36.26 -2.04 -118.91
C ARG B 611 -35.52 -3.02 -118.03
N ARG B 612 -34.21 -2.86 -117.93
CA ARG B 612 -33.37 -3.84 -117.28
C ARG B 612 -32.05 -3.21 -116.85
N TYR B 613 -31.61 -3.57 -115.65
CA TYR B 613 -30.31 -3.13 -115.18
C TYR B 613 -29.43 -4.32 -114.84
N PHE B 614 -28.14 -4.23 -115.18
CA PHE B 614 -27.23 -5.32 -114.87
C PHE B 614 -25.87 -4.83 -114.39
N THR B 615 -25.23 -5.59 -113.50
CA THR B 615 -23.99 -5.19 -112.86
C THR B 615 -22.79 -5.22 -113.82
N PHE B 616 -22.49 -4.08 -114.44
CA PHE B 616 -21.35 -4.04 -115.35
C PHE B 616 -20.16 -3.31 -114.72
N GLY B 617 -19.21 -4.08 -114.22
CA GLY B 617 -18.07 -3.55 -113.52
C GLY B 617 -18.47 -2.79 -112.28
N GLY B 618 -18.02 -1.55 -112.18
CA GLY B 618 -18.43 -0.68 -111.08
C GLY B 618 -19.87 -0.23 -111.24
N GLY B 619 -20.33 -0.13 -112.48
CA GLY B 619 -21.65 0.43 -112.76
C GLY B 619 -22.71 -0.56 -113.18
N TYR B 620 -23.91 -0.05 -113.43
CA TYR B 620 -25.00 -0.88 -113.89
C TYR B 620 -25.24 -0.63 -115.38
N VAL B 621 -25.78 -1.64 -116.07
CA VAL B 621 -26.00 -1.57 -117.50
C VAL B 621 -27.50 -1.57 -117.82
N TYR B 622 -27.89 -0.68 -118.74
CA TYR B 622 -29.31 -0.45 -118.99
C TYR B 622 -29.77 -1.00 -120.34
N PHE B 623 -30.85 -1.76 -120.30
CA PHE B 623 -31.45 -2.34 -121.50
C PHE B 623 -32.93 -2.02 -121.59
N GLU B 624 -33.28 -1.15 -122.53
CA GLU B 624 -34.67 -0.96 -122.89
C GLU B 624 -34.98 -1.77 -124.14
N GLU B 625 -35.95 -2.66 -124.01
CA GLU B 625 -36.36 -3.59 -125.08
C GLU B 625 -35.18 -4.36 -125.68
N TYR B 626 -34.42 -5.04 -124.83
CA TYR B 626 -33.35 -5.93 -125.25
C TYR B 626 -32.21 -5.22 -126.00
N ALA B 627 -32.33 -3.91 -126.13
CA ALA B 627 -31.31 -3.08 -126.78
C ALA B 627 -30.50 -2.24 -125.79
N TYR B 628 -29.18 -2.30 -125.90
CA TYR B 628 -28.32 -1.52 -125.02
C TYR B 628 -28.50 -0.02 -125.21
N SER B 629 -28.83 0.66 -124.12
CA SER B 629 -28.96 2.11 -124.13
C SER B 629 -27.69 2.80 -123.62
N HIS B 630 -27.46 2.80 -122.31
CA HIS B 630 -26.32 3.52 -121.75
C HIS B 630 -25.75 2.90 -120.48
N GLN B 631 -24.63 3.45 -120.01
CA GLN B 631 -23.96 2.99 -118.79
C GLN B 631 -24.01 4.03 -117.68
N LEU B 632 -23.91 3.57 -116.44
CA LEU B 632 -23.96 4.45 -115.27
C LEU B 632 -22.91 4.06 -114.22
N SER B 633 -22.97 4.70 -113.06
CA SER B 633 -22.20 4.29 -111.89
C SER B 633 -23.18 4.23 -110.73
N ARG B 634 -22.79 3.56 -109.65
CA ARG B 634 -23.72 3.39 -108.54
C ARG B 634 -24.25 4.72 -108.04
N ALA B 635 -23.39 5.74 -108.09
CA ALA B 635 -23.74 7.09 -107.66
C ALA B 635 -24.85 7.68 -108.52
N ASP B 636 -25.05 7.08 -109.68
CA ASP B 636 -26.11 7.50 -110.56
C ASP B 636 -27.38 6.83 -110.08
N ILE B 637 -27.26 6.00 -109.04
CA ILE B 637 -28.39 5.24 -108.55
C ILE B 637 -28.57 5.45 -107.06
N THR B 638 -29.82 5.63 -106.64
CA THR B 638 -30.15 5.64 -105.22
C THR B 638 -29.72 4.35 -104.56
N THR B 639 -29.08 4.49 -103.41
CA THR B 639 -28.63 3.36 -102.62
C THR B 639 -29.41 3.33 -101.32
N VAL B 640 -29.83 2.15 -100.91
CA VAL B 640 -30.30 1.97 -99.53
C VAL B 640 -29.48 0.86 -98.90
N SER B 641 -29.79 0.49 -97.67
CA SER B 641 -28.87 -0.32 -96.87
C SER B 641 -29.52 -1.41 -96.04
N THR B 642 -29.03 -2.63 -96.25
CA THR B 642 -29.56 -3.80 -95.56
C THR B 642 -28.91 -3.98 -94.19
N PHE B 643 -27.86 -3.20 -93.95
CA PHE B 643 -27.04 -3.28 -92.76
C PHE B 643 -27.76 -2.76 -91.53
N ILE B 644 -27.18 -2.99 -90.36
CA ILE B 644 -27.72 -2.41 -89.13
C ILE B 644 -26.64 -1.69 -88.35
N ASP B 645 -26.94 -0.45 -87.96
CA ASP B 645 -25.95 0.39 -87.30
C ASP B 645 -25.61 0.04 -85.84
N LEU B 646 -24.32 0.17 -85.53
CA LEU B 646 -23.81 0.09 -84.18
C LEU B 646 -22.56 0.95 -84.06
N ASN B 647 -22.69 2.11 -83.41
CA ASN B 647 -21.57 3.03 -83.26
C ASN B 647 -20.94 2.98 -81.87
N ILE B 648 -19.78 2.35 -81.81
CA ILE B 648 -19.04 2.24 -80.57
C ILE B 648 -17.98 3.29 -80.68
N THR B 649 -17.56 3.84 -79.55
CA THR B 649 -16.33 4.65 -79.51
C THR B 649 -15.44 4.14 -78.41
N MET B 650 -14.16 4.45 -78.52
CA MET B 650 -13.22 4.14 -77.48
C MET B 650 -13.57 4.91 -76.23
N LEU B 651 -12.97 4.51 -75.12
CA LEU B 651 -13.06 5.28 -73.91
C LEU B 651 -11.82 6.17 -73.76
N GLU B 652 -12.08 7.43 -73.46
CA GLU B 652 -11.05 8.45 -73.49
C GLU B 652 -9.90 8.16 -72.55
N ASP B 653 -8.68 8.22 -73.09
CA ASP B 653 -7.50 8.18 -72.24
C ASP B 653 -7.57 9.42 -71.38
N HIS B 654 -7.61 9.20 -70.07
CA HIS B 654 -7.70 10.32 -69.13
C HIS B 654 -6.47 10.44 -68.25
N GLU B 655 -6.19 11.65 -67.78
CA GLU B 655 -4.99 11.91 -66.99
C GLU B 655 -5.25 12.25 -65.52
N PHE B 656 -4.72 11.43 -64.62
CA PHE B 656 -4.94 11.63 -63.20
C PHE B 656 -3.70 12.27 -62.59
N VAL B 657 -3.86 13.45 -61.99
CA VAL B 657 -2.72 14.20 -61.50
C VAL B 657 -2.72 14.30 -59.99
N PRO B 658 -1.57 14.03 -59.37
CA PRO B 658 -1.40 14.11 -57.92
C PRO B 658 -1.89 15.45 -57.37
N LEU B 659 -2.69 15.39 -56.32
CA LEU B 659 -3.21 16.60 -55.72
C LEU B 659 -3.54 16.34 -54.26
N GLU B 660 -3.30 17.31 -53.39
CA GLU B 660 -3.75 17.19 -52.01
C GLU B 660 -4.67 18.31 -51.54
N VAL B 661 -5.54 17.95 -50.61
CA VAL B 661 -6.28 18.93 -49.86
C VAL B 661 -5.28 19.74 -49.05
N TYR B 662 -4.71 19.10 -48.02
CA TYR B 662 -3.67 19.73 -47.23
C TYR B 662 -2.35 18.98 -47.35
N THR B 663 -1.31 19.70 -47.74
CA THR B 663 0.02 19.13 -47.85
C THR B 663 0.65 18.89 -46.48
N ARG B 664 1.72 18.13 -46.46
CA ARG B 664 2.39 17.74 -45.23
C ARG B 664 2.91 18.93 -44.49
N HIS B 665 3.25 19.97 -45.22
CA HIS B 665 3.78 21.16 -44.56
C HIS B 665 2.66 22.05 -44.05
N GLU B 666 1.54 22.01 -44.75
CA GLU B 666 0.36 22.71 -44.28
C GLU B 666 0.01 22.15 -42.92
N ILE B 667 0.09 20.83 -42.81
CA ILE B 667 -0.28 20.12 -41.59
C ILE B 667 0.67 20.50 -40.46
N LYS B 668 1.91 20.81 -40.80
CA LYS B 668 2.84 21.19 -39.75
C LYS B 668 2.55 22.58 -39.22
N ASP B 669 2.28 23.50 -40.14
CA ASP B 669 2.11 24.89 -39.79
C ASP B 669 0.78 25.14 -39.12
N SER B 670 -0.09 24.13 -39.15
CA SER B 670 -1.41 24.27 -38.55
C SER B 670 -1.27 24.31 -37.05
N GLY B 671 -0.19 23.72 -36.56
CA GLY B 671 0.14 23.83 -35.16
C GLY B 671 0.55 25.25 -34.83
N LEU B 672 -0.19 25.88 -33.93
CA LEU B 672 0.14 27.23 -33.47
C LEU B 672 1.59 27.33 -33.01
N LEU B 673 1.86 26.84 -31.80
CA LEU B 673 3.23 26.81 -31.29
C LEU B 673 3.99 25.63 -31.86
N ASP B 674 5.25 25.82 -32.21
CA ASP B 674 6.10 24.70 -32.64
C ASP B 674 7.39 24.53 -31.84
N TYR B 675 7.41 23.49 -31.02
CA TYR B 675 8.48 23.21 -30.08
C TYR B 675 9.91 23.33 -30.64
N THR B 676 10.19 22.73 -31.79
CA THR B 676 11.55 22.75 -32.31
C THR B 676 11.97 24.17 -32.65
N GLU B 677 11.14 24.85 -33.43
CA GLU B 677 11.44 26.20 -33.87
C GLU B 677 11.63 27.13 -32.68
N VAL B 678 10.85 26.89 -31.64
CA VAL B 678 10.98 27.69 -30.44
C VAL B 678 12.32 27.36 -29.81
N GLN B 679 12.45 26.14 -29.32
CA GLN B 679 13.69 25.65 -28.71
C GLN B 679 14.94 26.14 -29.43
N ARG B 680 14.97 25.99 -30.75
CA ARG B 680 16.09 26.49 -31.52
C ARG B 680 16.38 27.94 -31.17
N ARG B 681 15.33 28.77 -31.18
CA ARG B 681 15.52 30.21 -30.99
C ARG B 681 15.96 30.53 -29.57
N ASN B 682 15.23 30.01 -28.60
CA ASN B 682 15.58 30.18 -27.21
C ASN B 682 17.02 29.78 -27.00
N GLN B 683 17.38 28.57 -27.43
CA GLN B 683 18.72 28.05 -27.17
C GLN B 683 19.79 28.84 -27.92
N LEU B 684 19.34 29.74 -28.79
CA LEU B 684 20.22 30.59 -29.57
C LEU B 684 20.39 31.96 -28.93
N HIS B 685 19.71 32.16 -27.80
CA HIS B 685 19.65 33.49 -27.20
C HIS B 685 21.03 34.04 -26.98
N ASP B 686 21.91 33.23 -26.40
CA ASP B 686 23.15 33.81 -25.97
C ASP B 686 24.04 34.26 -27.13
N LEU B 687 24.33 33.37 -28.06
CA LEU B 687 25.18 33.76 -29.17
C LEU B 687 24.66 35.01 -29.90
N ARG B 688 23.35 35.08 -30.10
CA ARG B 688 22.77 36.26 -30.72
C ARG B 688 23.02 37.52 -29.90
N PHE B 689 22.84 37.45 -28.58
CA PHE B 689 22.77 38.67 -27.75
C PHE B 689 23.78 38.80 -26.61
N ALA B 690 24.91 38.10 -26.70
CA ALA B 690 25.88 38.12 -25.61
C ALA B 690 27.24 37.54 -26.00
N ASP B 691 28.08 37.31 -24.99
CA ASP B 691 29.45 36.86 -25.15
C ASP B 691 29.71 35.69 -24.21
N ILE B 692 30.16 34.55 -24.75
CA ILE B 692 30.26 33.33 -23.94
C ILE B 692 31.63 32.62 -23.82
N ASP B 693 32.71 33.23 -24.31
CA ASP B 693 34.02 32.61 -24.07
C ASP B 693 35.00 33.57 -23.38
N THR B 694 34.58 34.82 -23.26
CA THR B 694 35.34 35.83 -22.52
C THR B 694 35.35 35.55 -21.02
N VAL B 695 36.55 35.26 -20.51
CA VAL B 695 36.79 35.06 -19.08
C VAL B 695 37.43 36.31 -18.48
N ILE B 696 37.02 36.68 -17.28
CA ILE B 696 37.50 37.91 -16.66
C ILE B 696 38.16 37.64 -15.30
N HIS B 697 39.14 38.48 -14.95
CA HIS B 697 39.64 38.67 -13.58
C HIS B 697 40.63 39.84 -13.53
N LYS C 78 -31.27 -80.09 -8.32
CA LYS C 78 -31.25 -80.58 -9.69
C LYS C 78 -32.50 -80.19 -10.48
N ALA C 79 -32.37 -80.16 -11.80
CA ALA C 79 -33.48 -79.82 -12.68
C ALA C 79 -34.41 -81.01 -12.89
N GLU C 80 -35.65 -80.89 -12.41
CA GLU C 80 -36.68 -81.89 -12.67
C GLU C 80 -37.07 -81.86 -14.16
N ASN C 81 -37.09 -80.67 -14.72
CA ASN C 81 -37.36 -80.48 -16.14
C ASN C 81 -36.07 -80.69 -16.92
N THR C 82 -36.14 -81.54 -17.93
CA THR C 82 -34.95 -82.11 -18.51
C THR C 82 -34.98 -82.01 -20.03
N ASP C 83 -35.72 -81.03 -20.53
CA ASP C 83 -35.91 -80.88 -21.97
C ASP C 83 -34.88 -79.92 -22.59
N ALA C 84 -34.06 -79.31 -21.75
CA ALA C 84 -33.16 -78.25 -22.20
C ALA C 84 -31.70 -78.50 -21.83
N ASN C 85 -30.79 -77.83 -22.53
CA ASN C 85 -29.35 -77.95 -22.23
C ASN C 85 -28.74 -76.69 -21.59
N PHE C 86 -27.83 -76.87 -20.64
CA PHE C 86 -27.14 -75.75 -20.00
C PHE C 86 -25.89 -75.36 -20.75
N TYR C 87 -25.63 -74.06 -20.82
CA TYR C 87 -24.41 -73.57 -21.47
C TYR C 87 -23.74 -72.55 -20.56
N VAL C 88 -22.43 -72.43 -20.72
CA VAL C 88 -21.66 -71.40 -20.03
C VAL C 88 -20.87 -70.57 -21.05
N CYS C 89 -20.90 -69.25 -20.90
CA CYS C 89 -20.40 -68.36 -21.94
C CYS C 89 -19.32 -67.42 -21.50
N PRO C 90 -18.08 -67.93 -21.44
CA PRO C 90 -16.91 -67.14 -21.06
C PRO C 90 -16.59 -66.14 -22.16
N PRO C 91 -16.75 -64.83 -21.89
CA PRO C 91 -16.66 -63.77 -22.90
C PRO C 91 -15.53 -63.97 -23.91
N PRO C 92 -15.79 -63.64 -25.20
CA PRO C 92 -14.81 -63.82 -26.27
C PRO C 92 -13.64 -62.88 -26.07
N THR C 93 -12.45 -63.35 -26.41
CA THR C 93 -11.25 -62.58 -26.23
C THR C 93 -11.14 -61.44 -27.24
N GLY C 94 -11.20 -61.83 -28.51
CA GLY C 94 -10.89 -60.96 -29.63
C GLY C 94 -10.39 -61.91 -30.69
N ALA C 95 -10.58 -63.19 -30.39
CA ALA C 95 -10.22 -64.27 -31.31
C ALA C 95 -11.08 -64.17 -32.55
N THR C 96 -12.39 -64.26 -32.38
CA THR C 96 -13.30 -64.29 -33.52
C THR C 96 -14.28 -63.12 -33.56
N VAL C 97 -14.40 -62.55 -34.76
CA VAL C 97 -15.21 -61.37 -34.97
C VAL C 97 -16.16 -61.58 -36.15
N VAL C 98 -17.36 -61.02 -36.05
CA VAL C 98 -18.27 -61.04 -37.19
C VAL C 98 -18.84 -59.67 -37.49
N GLN C 99 -19.54 -59.54 -38.63
CA GLN C 99 -20.23 -58.30 -38.95
C GLN C 99 -21.64 -58.56 -39.46
N PHE C 100 -22.49 -57.54 -39.34
CA PHE C 100 -23.86 -57.66 -39.80
C PHE C 100 -23.95 -57.41 -41.28
N GLU C 101 -24.66 -58.29 -41.99
CA GLU C 101 -24.86 -58.11 -43.41
C GLU C 101 -25.53 -56.79 -43.66
N GLN C 102 -24.95 -56.00 -44.55
CA GLN C 102 -25.57 -54.79 -45.01
C GLN C 102 -26.85 -55.17 -45.75
N PRO C 103 -27.81 -54.24 -45.81
CA PRO C 103 -29.02 -54.51 -46.59
C PRO C 103 -28.67 -54.86 -48.02
N ARG C 104 -29.54 -55.59 -48.68
CA ARG C 104 -29.31 -55.90 -50.08
C ARG C 104 -30.18 -54.94 -50.86
N ARG C 105 -30.04 -54.95 -52.18
CA ARG C 105 -30.86 -54.09 -53.04
C ARG C 105 -32.23 -54.72 -53.21
N CYS C 106 -33.27 -53.96 -52.91
CA CYS C 106 -34.62 -54.45 -53.08
C CYS C 106 -34.91 -54.63 -54.56
N PRO C 107 -35.58 -55.75 -54.91
CA PRO C 107 -35.96 -56.03 -56.29
C PRO C 107 -36.85 -54.93 -56.85
N THR C 108 -36.90 -54.84 -58.18
CA THR C 108 -37.70 -53.84 -58.83
C THR C 108 -38.81 -54.52 -59.57
N ARG C 109 -40.04 -54.05 -59.39
CA ARG C 109 -41.11 -54.56 -60.22
C ARG C 109 -41.02 -53.85 -61.57
N PRO C 110 -41.10 -54.63 -62.65
CA PRO C 110 -41.03 -54.10 -64.02
C PRO C 110 -42.11 -53.05 -64.29
N GLU C 111 -41.90 -52.20 -65.30
CA GLU C 111 -42.86 -51.17 -65.70
C GLU C 111 -44.25 -51.75 -66.01
N GLY C 112 -44.29 -53.03 -66.37
CA GLY C 112 -45.54 -53.73 -66.59
C GLY C 112 -45.64 -54.31 -67.99
N GLN C 113 -46.65 -55.16 -68.19
CA GLN C 113 -46.99 -55.65 -69.52
C GLN C 113 -47.80 -54.57 -70.21
N ASN C 114 -47.57 -54.39 -71.50
CA ASN C 114 -48.24 -53.31 -72.24
C ASN C 114 -49.24 -53.80 -73.31
N TYR C 115 -50.53 -53.67 -73.01
CA TYR C 115 -51.57 -54.02 -73.97
C TYR C 115 -51.64 -53.04 -75.14
N THR C 116 -52.52 -53.33 -76.10
CA THR C 116 -52.76 -52.41 -77.20
C THR C 116 -54.21 -52.55 -77.60
N GLU C 117 -55.08 -51.73 -77.02
CA GLU C 117 -56.51 -51.76 -77.33
C GLU C 117 -56.74 -51.92 -78.83
N GLY C 118 -57.71 -52.74 -79.20
CA GLY C 118 -57.92 -53.03 -80.60
C GLY C 118 -59.21 -53.77 -80.91
N ILE C 119 -59.81 -53.44 -82.05
CA ILE C 119 -61.04 -54.09 -82.42
C ILE C 119 -60.75 -55.15 -83.45
N ALA C 120 -61.22 -56.36 -83.19
CA ALA C 120 -60.87 -57.46 -84.08
C ALA C 120 -62.09 -58.12 -84.64
N VAL C 121 -61.89 -58.81 -85.76
CA VAL C 121 -62.89 -59.70 -86.35
C VAL C 121 -62.24 -60.96 -86.90
N VAL C 122 -62.68 -62.12 -86.40
CA VAL C 122 -61.95 -63.34 -86.68
C VAL C 122 -62.65 -64.21 -87.73
N PHE C 123 -61.86 -64.79 -88.62
CA PHE C 123 -62.41 -65.51 -89.76
C PHE C 123 -61.99 -66.96 -89.79
N LYS C 124 -62.97 -67.84 -89.77
CA LYS C 124 -62.68 -69.24 -89.97
C LYS C 124 -62.77 -69.58 -91.46
N GLU C 125 -62.23 -70.73 -91.84
CA GLU C 125 -62.30 -71.19 -93.21
C GLU C 125 -63.76 -71.48 -93.53
N ASN C 126 -64.25 -70.95 -94.65
CA ASN C 126 -65.65 -71.18 -95.02
C ASN C 126 -65.87 -72.54 -95.64
N ILE C 127 -66.33 -73.49 -94.84
CA ILE C 127 -66.45 -74.88 -95.28
C ILE C 127 -67.82 -75.15 -95.90
N ALA C 128 -68.65 -74.11 -95.95
CA ALA C 128 -69.96 -74.25 -96.57
C ALA C 128 -69.83 -74.26 -98.08
N PRO C 129 -70.65 -75.07 -98.76
CA PRO C 129 -70.73 -74.96 -100.21
C PRO C 129 -71.35 -73.63 -100.59
N TYR C 130 -71.21 -73.21 -101.84
CA TYR C 130 -71.96 -72.05 -102.32
C TYR C 130 -73.38 -72.54 -102.47
N LYS C 131 -74.36 -71.66 -102.24
CA LYS C 131 -75.75 -72.03 -102.45
C LYS C 131 -76.44 -71.08 -103.41
N PHE C 132 -77.25 -71.65 -104.30
CA PHE C 132 -78.04 -70.81 -105.17
C PHE C 132 -79.26 -71.56 -105.65
N LYS C 133 -80.41 -70.90 -105.60
CA LYS C 133 -81.62 -71.53 -106.08
C LYS C 133 -81.62 -71.70 -107.61
N ALA C 134 -82.35 -72.69 -108.09
CA ALA C 134 -82.31 -73.04 -109.51
C ALA C 134 -83.58 -73.78 -109.91
N THR C 135 -83.90 -73.75 -111.21
CA THR C 135 -85.13 -74.34 -111.70
C THR C 135 -84.82 -75.35 -112.77
N MET C 136 -85.40 -76.54 -112.66
CA MET C 136 -85.17 -77.63 -113.61
C MET C 136 -86.38 -77.85 -114.49
N TYR C 137 -86.12 -78.35 -115.70
CA TYR C 137 -87.18 -78.64 -116.67
C TYR C 137 -86.82 -79.90 -117.44
N TYR C 138 -87.66 -80.90 -117.35
CA TYR C 138 -87.42 -82.15 -118.05
C TYR C 138 -88.72 -82.88 -118.31
N LYS C 139 -88.65 -83.98 -119.03
CA LYS C 139 -89.85 -84.73 -119.34
C LYS C 139 -89.64 -86.17 -118.94
N ASP C 140 -90.68 -86.78 -118.40
CA ASP C 140 -90.56 -88.15 -117.92
C ASP C 140 -91.32 -89.15 -118.78
N VAL C 141 -90.57 -89.85 -119.62
CA VAL C 141 -91.14 -90.78 -120.58
C VAL C 141 -91.24 -92.20 -120.06
N THR C 142 -92.43 -92.78 -120.15
CA THR C 142 -92.60 -94.18 -119.79
C THR C 142 -93.21 -94.91 -120.99
N VAL C 143 -92.64 -96.07 -121.33
CA VAL C 143 -93.17 -96.87 -122.44
C VAL C 143 -93.52 -98.26 -121.92
N SER C 144 -94.73 -98.41 -121.41
CA SER C 144 -95.17 -99.68 -120.87
C SER C 144 -95.47 -100.68 -121.97
N GLN C 145 -95.26 -101.97 -121.69
CA GLN C 145 -95.71 -103.04 -122.58
C GLN C 145 -96.51 -104.04 -121.77
N VAL C 146 -97.77 -104.20 -122.13
CA VAL C 146 -98.70 -105.08 -121.42
C VAL C 146 -98.98 -106.34 -122.24
N TRP C 147 -99.09 -107.49 -121.57
CA TRP C 147 -99.60 -108.69 -122.21
C TRP C 147 -101.03 -108.90 -121.73
N PHE C 148 -101.93 -109.23 -122.64
CA PHE C 148 -103.31 -109.55 -122.29
C PHE C 148 -103.58 -111.04 -122.44
N GLY C 149 -104.06 -111.65 -121.36
CA GLY C 149 -104.38 -113.06 -121.37
C GLY C 149 -105.69 -113.30 -120.66
N HIS C 150 -106.05 -114.57 -120.47
CA HIS C 150 -107.25 -114.88 -119.71
C HIS C 150 -106.94 -114.62 -118.24
N ARG C 151 -107.95 -114.11 -117.52
CA ARG C 151 -107.87 -113.83 -116.08
C ARG C 151 -107.14 -112.54 -115.67
N TYR C 152 -106.13 -112.10 -116.44
CA TYR C 152 -105.23 -111.03 -115.95
C TYR C 152 -104.70 -110.08 -117.03
N SER C 153 -103.71 -109.27 -116.63
CA SER C 153 -102.96 -108.42 -117.55
C SER C 153 -101.56 -108.07 -116.98
N GLN C 154 -100.50 -108.50 -117.67
CA GLN C 154 -99.14 -108.38 -117.14
C GLN C 154 -98.23 -107.42 -117.91
N PHE C 155 -97.46 -106.62 -117.17
CA PHE C 155 -96.41 -105.79 -117.74
C PHE C 155 -95.25 -106.64 -118.19
N MET C 156 -94.92 -106.55 -119.47
CA MET C 156 -93.79 -107.29 -119.98
C MET C 156 -92.52 -106.44 -119.79
N GLY C 157 -92.71 -105.14 -119.69
CA GLY C 157 -91.60 -104.23 -119.46
C GLY C 157 -92.06 -102.81 -119.27
N ILE C 158 -91.27 -102.00 -118.56
CA ILE C 158 -91.55 -100.58 -118.41
C ILE C 158 -90.28 -99.78 -118.57
N PHE C 159 -90.34 -98.72 -119.36
CA PHE C 159 -89.16 -97.95 -119.73
C PHE C 159 -89.30 -96.47 -119.34
N GLU C 160 -88.72 -96.09 -118.21
CA GLU C 160 -88.76 -94.69 -117.83
C GLU C 160 -87.51 -93.97 -118.34
N ASP C 161 -87.68 -92.74 -118.82
CA ASP C 161 -86.54 -91.94 -119.24
C ASP C 161 -86.77 -90.50 -118.82
N ARG C 162 -85.70 -89.73 -118.74
CA ARG C 162 -85.83 -88.31 -118.46
C ARG C 162 -85.38 -87.53 -119.66
N ALA C 163 -86.30 -86.74 -120.20
CA ALA C 163 -86.03 -86.01 -121.42
C ALA C 163 -86.02 -84.51 -121.17
N PRO C 164 -84.88 -83.87 -121.48
CA PRO C 164 -84.70 -82.42 -121.30
C PRO C 164 -85.66 -81.62 -122.16
N VAL C 165 -85.69 -80.31 -121.93
CA VAL C 165 -86.50 -79.44 -122.73
C VAL C 165 -85.59 -78.55 -123.59
N PRO C 166 -85.84 -78.55 -124.91
CA PRO C 166 -85.24 -77.60 -125.84
C PRO C 166 -85.21 -76.22 -125.23
N PHE C 167 -84.11 -75.52 -125.47
CA PHE C 167 -83.92 -74.17 -124.99
C PHE C 167 -85.11 -73.29 -125.33
N GLU C 168 -85.67 -73.47 -126.53
CA GLU C 168 -86.80 -72.67 -126.97
C GLU C 168 -88.05 -72.91 -126.14
N GLU C 169 -88.50 -74.16 -126.12
CA GLU C 169 -89.72 -74.55 -125.41
C GLU C 169 -89.77 -73.94 -124.02
N VAL C 170 -88.63 -73.84 -123.38
CA VAL C 170 -88.55 -73.19 -122.08
C VAL C 170 -89.02 -71.74 -122.14
N ILE C 171 -88.52 -71.00 -123.12
CA ILE C 171 -88.82 -69.58 -123.22
C ILE C 171 -90.16 -69.34 -123.89
N ASP C 172 -90.33 -69.93 -125.08
CA ASP C 172 -91.50 -69.65 -125.91
C ASP C 172 -92.79 -70.25 -125.39
N LYS C 173 -92.68 -71.32 -124.60
CA LYS C 173 -93.88 -71.99 -124.10
C LYS C 173 -94.09 -71.77 -122.63
N ILE C 174 -93.04 -72.00 -121.85
CA ILE C 174 -93.16 -72.12 -120.40
C ILE C 174 -93.19 -70.80 -119.68
N ASN C 175 -92.09 -70.07 -119.74
CA ASN C 175 -92.04 -68.79 -119.05
C ASN C 175 -92.96 -67.84 -119.78
N ALA C 176 -93.15 -68.14 -121.06
CA ALA C 176 -94.14 -67.43 -121.84
C ALA C 176 -95.50 -67.67 -121.21
N LYS C 177 -96.07 -68.83 -121.52
CA LYS C 177 -97.48 -69.06 -121.29
C LYS C 177 -97.79 -70.18 -120.29
N GLY C 178 -96.87 -70.45 -119.37
CA GLY C 178 -97.09 -71.43 -118.32
C GLY C 178 -97.67 -72.76 -118.76
N VAL C 179 -97.27 -73.23 -119.95
CA VAL C 179 -97.67 -74.56 -120.43
C VAL C 179 -96.52 -75.19 -121.18
N CYS C 180 -96.74 -76.38 -121.70
CA CYS C 180 -95.74 -77.09 -122.49
C CYS C 180 -96.35 -78.27 -123.24
N ARG C 181 -95.55 -78.92 -124.07
CA ARG C 181 -96.06 -79.90 -125.03
C ARG C 181 -96.31 -81.30 -124.49
N SER C 182 -97.05 -82.09 -125.28
CA SER C 182 -97.39 -83.46 -124.92
C SER C 182 -96.38 -84.39 -125.54
N THR C 183 -95.23 -83.85 -125.92
CA THR C 183 -94.24 -84.70 -126.54
C THR C 183 -92.90 -84.40 -125.97
N ALA C 184 -92.02 -85.39 -126.02
CA ALA C 184 -90.62 -85.16 -125.75
C ALA C 184 -89.92 -85.44 -127.06
N LYS C 185 -88.78 -84.78 -127.25
CA LYS C 185 -87.99 -85.02 -128.44
C LYS C 185 -86.54 -84.76 -128.10
N TYR C 186 -85.75 -85.83 -128.09
CA TYR C 186 -84.37 -85.74 -127.62
C TYR C 186 -83.43 -86.77 -128.23
N VAL C 187 -82.16 -86.59 -127.96
CA VAL C 187 -81.14 -87.51 -128.40
C VAL C 187 -80.90 -88.54 -127.31
N ARG C 188 -81.45 -89.75 -127.48
CA ARG C 188 -81.06 -90.85 -126.62
C ARG C 188 -80.16 -91.79 -127.40
N ASN C 189 -78.96 -92.01 -126.88
CA ASN C 189 -78.02 -92.96 -127.45
C ASN C 189 -77.72 -92.72 -128.91
N ASN C 190 -77.37 -91.46 -129.21
CA ASN C 190 -77.10 -91.02 -130.57
C ASN C 190 -78.30 -91.26 -131.51
N LEU C 191 -79.47 -90.83 -131.07
CA LEU C 191 -80.70 -91.05 -131.82
C LEU C 191 -81.85 -90.15 -131.36
N GLU C 192 -82.40 -89.37 -132.28
CA GLU C 192 -83.51 -88.52 -131.94
C GLU C 192 -84.77 -89.33 -131.68
N THR C 193 -84.92 -89.73 -130.42
CA THR C 193 -86.20 -90.28 -129.98
C THR C 193 -87.16 -89.13 -129.97
N THR C 194 -88.39 -89.44 -130.33
CA THR C 194 -89.47 -88.55 -129.99
C THR C 194 -90.44 -89.45 -129.27
N ALA C 195 -91.35 -88.86 -128.52
CA ALA C 195 -92.37 -89.64 -127.85
C ALA C 195 -93.60 -88.79 -127.73
N PHE C 196 -94.74 -89.41 -127.89
CA PHE C 196 -95.99 -88.69 -127.90
C PHE C 196 -96.77 -89.07 -126.68
N HIS C 197 -97.21 -88.07 -125.93
CA HIS C 197 -98.07 -88.37 -124.81
C HIS C 197 -99.28 -89.10 -125.36
N ARG C 198 -99.64 -90.19 -124.69
CA ARG C 198 -100.82 -90.99 -125.01
C ARG C 198 -100.82 -91.53 -126.43
N ASP C 199 -99.69 -91.37 -127.12
CA ASP C 199 -99.59 -91.68 -128.55
C ASP C 199 -100.55 -90.83 -129.35
N ASP C 200 -101.01 -89.73 -128.77
CA ASP C 200 -101.84 -88.76 -129.46
C ASP C 200 -100.92 -87.66 -130.01
N HIS C 201 -101.36 -86.97 -131.04
CA HIS C 201 -100.57 -85.90 -131.66
C HIS C 201 -100.36 -84.76 -130.66
N GLU C 202 -99.48 -83.83 -130.99
CA GLU C 202 -99.03 -82.81 -130.03
C GLU C 202 -100.12 -81.97 -129.42
N THR C 203 -100.11 -81.90 -128.11
CA THR C 203 -101.03 -81.08 -127.35
C THR C 203 -100.20 -80.29 -126.37
N ASP C 204 -100.19 -78.97 -126.50
CA ASP C 204 -99.58 -78.13 -125.48
C ASP C 204 -100.34 -78.35 -124.19
N MET C 205 -99.65 -78.74 -123.13
CA MET C 205 -100.33 -79.13 -121.90
C MET C 205 -100.15 -78.13 -120.77
N GLU C 206 -101.22 -77.93 -120.02
CA GLU C 206 -101.23 -76.97 -118.94
C GLU C 206 -100.31 -77.48 -117.84
N LEU C 207 -99.50 -76.59 -117.30
CA LEU C 207 -98.61 -76.91 -116.19
C LEU C 207 -99.29 -76.62 -114.87
N LYS C 208 -99.42 -77.64 -114.02
CA LYS C 208 -100.08 -77.49 -112.74
C LYS C 208 -99.17 -77.95 -111.60
N PRO C 209 -99.37 -77.39 -110.40
CA PRO C 209 -98.68 -77.82 -109.18
C PRO C 209 -98.67 -79.34 -108.98
N ALA C 210 -97.60 -79.79 -108.32
CA ALA C 210 -97.49 -81.17 -107.87
C ALA C 210 -98.36 -81.34 -106.64
N ASN C 211 -98.50 -82.57 -106.16
CA ASN C 211 -99.26 -82.83 -104.96
C ASN C 211 -98.61 -82.25 -103.70
N ALA C 212 -99.30 -82.39 -102.57
CA ALA C 212 -98.80 -81.91 -101.29
C ALA C 212 -97.65 -82.78 -100.80
N ALA C 213 -96.54 -82.14 -100.44
CA ALA C 213 -95.42 -82.82 -99.77
C ALA C 213 -94.67 -81.88 -98.84
N THR C 214 -94.67 -82.20 -97.55
CA THR C 214 -93.98 -81.35 -96.57
C THR C 214 -92.50 -81.20 -96.92
N ARG C 215 -91.90 -80.11 -96.48
CA ARG C 215 -90.50 -79.86 -96.72
C ARG C 215 -90.10 -80.12 -98.16
N THR C 216 -90.85 -79.58 -99.13
CA THR C 216 -90.43 -79.66 -100.52
C THR C 216 -90.44 -78.30 -101.18
N SER C 217 -89.59 -78.16 -102.19
CA SER C 217 -89.55 -76.97 -103.00
C SER C 217 -90.66 -77.10 -104.02
N ARG C 218 -90.82 -76.10 -104.86
CA ARG C 218 -91.96 -76.11 -105.78
C ARG C 218 -91.82 -76.98 -107.03
N GLY C 219 -92.87 -77.75 -107.30
CA GLY C 219 -92.86 -78.66 -108.42
C GLY C 219 -94.11 -78.51 -109.24
N TRP C 220 -93.94 -78.61 -110.56
CA TRP C 220 -95.05 -78.39 -111.47
C TRP C 220 -95.03 -79.47 -112.52
N HIS C 221 -96.21 -79.99 -112.88
CA HIS C 221 -96.33 -80.96 -113.96
C HIS C 221 -97.56 -80.76 -114.85
N THR C 222 -97.79 -81.68 -115.79
CA THR C 222 -98.87 -81.56 -116.75
C THR C 222 -99.99 -82.59 -116.59
N THR C 223 -99.63 -83.84 -116.25
CA THR C 223 -100.60 -84.93 -116.07
C THR C 223 -100.49 -85.69 -114.72
N ASP C 224 -101.26 -86.74 -114.53
CA ASP C 224 -101.14 -87.55 -113.33
C ASP C 224 -101.04 -89.03 -113.62
N LEU C 225 -101.97 -89.52 -114.43
CA LEU C 225 -102.05 -90.94 -114.66
C LEU C 225 -100.98 -91.41 -115.62
N LYS C 226 -100.83 -92.73 -115.72
CA LYS C 226 -99.98 -93.34 -116.72
C LYS C 226 -100.87 -93.95 -117.79
N TYR C 227 -100.60 -93.62 -119.05
CA TYR C 227 -101.37 -94.19 -120.16
C TYR C 227 -100.83 -95.55 -120.60
N ASN C 228 -101.60 -96.59 -120.35
CA ASN C 228 -101.25 -97.93 -120.81
C ASN C 228 -102.08 -98.40 -122.02
N PRO C 229 -101.53 -99.34 -122.81
CA PRO C 229 -102.21 -99.92 -123.97
C PRO C 229 -103.52 -100.61 -123.60
N SER C 230 -104.61 -100.25 -124.28
CA SER C 230 -105.92 -100.86 -124.01
C SER C 230 -106.00 -102.31 -124.47
N ARG C 231 -106.86 -103.07 -123.80
CA ARG C 231 -106.89 -104.52 -123.98
C ARG C 231 -107.11 -104.96 -125.42
N VAL C 232 -106.18 -105.76 -125.90
CA VAL C 232 -106.30 -106.45 -127.17
C VAL C 232 -105.84 -107.84 -126.84
N GLU C 233 -106.76 -108.80 -126.72
CA GLU C 233 -106.39 -110.07 -126.09
C GLU C 233 -105.35 -110.91 -126.83
N ALA C 234 -104.55 -111.64 -126.05
CA ALA C 234 -103.48 -112.47 -126.59
C ALA C 234 -102.62 -111.69 -127.56
N PHE C 235 -102.29 -110.45 -127.19
CA PHE C 235 -101.58 -109.52 -128.08
C PHE C 235 -100.60 -108.64 -127.32
N HIS C 236 -99.62 -108.10 -128.05
CA HIS C 236 -98.61 -107.20 -127.48
C HIS C 236 -98.78 -105.77 -128.00
N ARG C 237 -98.93 -104.81 -127.08
CA ARG C 237 -98.95 -103.39 -127.45
C ARG C 237 -98.31 -102.44 -126.41
N TYR C 238 -97.88 -101.27 -126.89
CA TYR C 238 -97.12 -100.33 -126.09
C TYR C 238 -97.86 -99.00 -125.89
N GLY C 239 -97.62 -98.38 -124.74
CA GLY C 239 -98.18 -97.08 -124.42
C GLY C 239 -97.11 -96.07 -124.03
N THR C 240 -97.27 -94.83 -124.48
CA THR C 240 -96.30 -93.80 -124.19
C THR C 240 -96.93 -92.65 -123.46
N THR C 241 -96.24 -92.20 -122.40
CA THR C 241 -96.65 -91.07 -121.57
C THR C 241 -95.56 -90.00 -121.53
N VAL C 242 -95.91 -88.78 -121.96
CA VAL C 242 -95.01 -87.65 -121.80
C VAL C 242 -95.50 -86.81 -120.65
N ASN C 243 -94.79 -86.88 -119.53
CA ASN C 243 -95.06 -85.99 -118.41
C ASN C 243 -94.01 -84.90 -118.28
N CYS C 244 -94.49 -83.67 -118.40
CA CYS C 244 -93.69 -82.47 -118.34
C CYS C 244 -93.47 -82.13 -116.86
N ILE C 245 -92.22 -81.99 -116.44
CA ILE C 245 -91.93 -81.67 -115.02
C ILE C 245 -90.94 -80.52 -114.81
N VAL C 246 -91.39 -79.53 -114.04
CA VAL C 246 -90.55 -78.39 -113.73
C VAL C 246 -90.37 -78.27 -112.24
N GLU C 247 -89.14 -78.11 -111.81
CA GLU C 247 -88.87 -78.03 -110.39
C GLU C 247 -87.96 -76.88 -110.16
N GLU C 248 -88.26 -76.11 -109.14
CA GLU C 248 -87.33 -75.16 -108.60
C GLU C 248 -86.54 -75.93 -107.54
N VAL C 249 -85.22 -75.83 -107.58
CA VAL C 249 -84.38 -76.60 -106.66
C VAL C 249 -83.18 -75.85 -106.13
N ASP C 250 -82.87 -76.07 -104.87
CA ASP C 250 -81.65 -75.52 -104.32
C ASP C 250 -80.47 -76.21 -105.00
N ALA C 251 -79.41 -75.43 -105.20
CA ALA C 251 -78.18 -75.94 -105.80
C ALA C 251 -77.02 -75.66 -104.85
N ARG C 252 -75.99 -76.49 -104.97
CA ARG C 252 -74.83 -76.42 -104.10
C ARG C 252 -73.59 -76.69 -104.92
N SER C 253 -72.52 -75.94 -104.65
CA SER C 253 -71.24 -76.23 -105.27
C SER C 253 -70.07 -75.93 -104.31
N VAL C 254 -69.06 -76.77 -104.30
CA VAL C 254 -67.91 -76.45 -103.47
C VAL C 254 -66.71 -76.04 -104.29
N TYR C 255 -65.77 -75.42 -103.60
CA TYR C 255 -64.52 -74.96 -104.19
C TYR C 255 -63.91 -76.04 -105.05
N PRO C 256 -63.28 -75.65 -106.17
CA PRO C 256 -63.17 -74.30 -106.75
C PRO C 256 -64.33 -73.93 -107.67
N TYR C 257 -65.49 -74.56 -107.45
CA TYR C 257 -66.72 -74.14 -108.09
C TYR C 257 -66.73 -74.22 -109.62
N ASP C 258 -66.53 -75.42 -110.15
CA ASP C 258 -66.67 -75.62 -111.58
C ASP C 258 -67.57 -76.79 -111.88
N GLU C 259 -68.17 -77.32 -110.83
CA GLU C 259 -69.30 -78.21 -110.98
C GLU C 259 -70.29 -77.73 -109.95
N PHE C 260 -71.51 -78.25 -110.02
CA PHE C 260 -72.45 -78.06 -108.93
C PHE C 260 -73.51 -79.12 -109.05
N VAL C 261 -74.34 -79.22 -108.01
CA VAL C 261 -75.30 -80.30 -107.90
C VAL C 261 -76.59 -79.80 -107.34
N LEU C 262 -77.60 -80.66 -107.36
CA LEU C 262 -78.94 -80.26 -107.01
C LEU C 262 -79.42 -80.89 -105.72
N ALA C 263 -80.73 -80.82 -105.49
CA ALA C 263 -81.33 -81.50 -104.36
C ALA C 263 -81.76 -82.88 -104.81
N THR C 264 -81.59 -83.16 -106.11
CA THR C 264 -82.14 -84.35 -106.74
C THR C 264 -81.08 -85.40 -106.95
N GLY C 265 -79.84 -85.02 -106.69
CA GLY C 265 -78.72 -85.91 -106.87
C GLY C 265 -77.98 -85.63 -108.14
N ASP C 266 -78.59 -84.88 -109.03
CA ASP C 266 -78.00 -84.77 -110.35
C ASP C 266 -76.82 -83.83 -110.34
N PHE C 267 -75.68 -84.36 -110.74
CA PHE C 267 -74.52 -83.51 -110.94
C PHE C 267 -74.70 -82.70 -112.21
N VAL C 268 -73.97 -81.61 -112.29
CA VAL C 268 -74.06 -80.71 -113.42
C VAL C 268 -72.66 -80.17 -113.60
N TYR C 269 -71.94 -80.73 -114.57
CA TYR C 269 -70.51 -80.49 -114.66
C TYR C 269 -70.11 -79.14 -115.28
N MET C 270 -70.52 -78.06 -114.61
CA MET C 270 -70.20 -76.71 -115.03
C MET C 270 -70.06 -75.77 -113.83
N SER C 271 -69.35 -74.67 -114.01
CA SER C 271 -69.28 -73.69 -112.95
C SER C 271 -70.57 -72.90 -112.91
N PRO C 272 -71.06 -72.57 -111.73
CA PRO C 272 -72.27 -71.75 -111.57
C PRO C 272 -72.03 -70.30 -112.02
N PHE C 273 -70.80 -70.02 -112.44
CA PHE C 273 -70.43 -68.67 -112.79
C PHE C 273 -70.10 -68.57 -114.27
N TYR C 274 -70.11 -69.72 -114.92
CA TYR C 274 -69.85 -69.82 -116.35
C TYR C 274 -70.80 -69.00 -117.21
N GLY C 275 -70.26 -68.45 -118.31
CA GLY C 275 -71.07 -67.71 -119.24
C GLY C 275 -70.27 -66.91 -120.24
N TYR C 276 -70.97 -66.18 -121.10
CA TYR C 276 -70.35 -65.37 -122.12
C TYR C 276 -69.79 -64.07 -121.54
N ARG C 277 -70.67 -63.26 -120.98
CA ARG C 277 -70.28 -61.94 -120.47
C ARG C 277 -69.19 -61.98 -119.40
N GLU C 278 -68.57 -60.83 -119.17
CA GLU C 278 -67.42 -60.73 -118.27
C GLU C 278 -66.38 -61.77 -118.57
N GLY C 279 -65.66 -62.19 -117.53
CA GLY C 279 -64.64 -63.22 -117.66
C GLY C 279 -65.19 -64.61 -117.42
N SER C 280 -66.51 -64.73 -117.40
CA SER C 280 -67.16 -65.97 -117.05
C SER C 280 -66.89 -67.05 -118.08
N HIS C 281 -66.20 -66.67 -119.15
CA HIS C 281 -65.98 -67.55 -120.29
C HIS C 281 -64.95 -68.64 -120.00
N THR C 282 -63.90 -68.31 -119.26
CA THR C 282 -62.89 -69.30 -118.92
C THR C 282 -63.33 -70.11 -117.70
N GLU C 283 -64.48 -69.76 -117.16
CA GLU C 283 -65.11 -70.58 -116.14
C GLU C 283 -65.41 -71.91 -116.80
N HIS C 284 -65.51 -72.98 -116.04
CA HIS C 284 -65.47 -74.32 -116.63
C HIS C 284 -66.81 -74.87 -117.08
N THR C 285 -66.80 -75.59 -118.20
CA THR C 285 -67.90 -76.46 -118.62
C THR C 285 -67.32 -77.76 -119.16
N SER C 286 -68.18 -78.77 -119.26
CA SER C 286 -67.75 -80.09 -119.71
C SER C 286 -68.60 -80.47 -120.90
N TYR C 287 -69.57 -79.63 -121.21
CA TYR C 287 -70.56 -79.97 -122.19
C TYR C 287 -70.26 -79.28 -123.51
N ALA C 288 -70.94 -79.71 -124.57
CA ALA C 288 -70.88 -79.02 -125.85
C ALA C 288 -71.54 -77.65 -125.67
N ALA C 289 -71.19 -76.71 -126.55
CA ALA C 289 -71.68 -75.34 -126.43
C ALA C 289 -73.15 -75.20 -126.83
N ASP C 290 -73.66 -76.13 -127.63
CA ASP C 290 -75.05 -76.07 -128.04
C ASP C 290 -76.01 -76.58 -126.96
N ARG C 291 -75.47 -76.97 -125.81
CA ARG C 291 -76.30 -77.34 -124.69
C ARG C 291 -76.46 -76.10 -123.83
N PHE C 292 -75.52 -75.18 -123.96
CA PHE C 292 -75.55 -73.98 -123.15
C PHE C 292 -76.07 -72.78 -123.94
N LYS C 293 -76.91 -72.01 -123.27
CA LYS C 293 -77.41 -70.78 -123.82
C LYS C 293 -77.54 -69.82 -122.66
N GLN C 294 -77.03 -68.60 -122.83
CA GLN C 294 -77.31 -67.52 -121.89
C GLN C 294 -78.37 -66.63 -122.52
N VAL C 295 -79.45 -66.32 -121.80
CA VAL C 295 -80.41 -65.34 -122.31
C VAL C 295 -80.26 -64.01 -121.60
N ASP C 296 -80.09 -62.97 -122.38
CA ASP C 296 -79.88 -61.66 -121.81
C ASP C 296 -81.25 -60.98 -121.68
N GLY C 297 -81.36 -60.07 -120.71
CA GLY C 297 -82.60 -59.36 -120.45
C GLY C 297 -83.79 -60.30 -120.38
N PHE C 298 -83.92 -60.99 -119.26
CA PHE C 298 -84.90 -62.06 -119.14
C PHE C 298 -85.81 -61.93 -117.90
N TYR C 299 -87.11 -62.06 -118.12
CA TYR C 299 -88.09 -61.87 -117.04
C TYR C 299 -88.88 -63.13 -116.68
N ALA C 300 -88.55 -63.72 -115.54
CA ALA C 300 -89.22 -64.94 -115.10
C ALA C 300 -90.69 -64.76 -114.78
N ARG C 301 -91.54 -65.51 -115.46
CA ARG C 301 -92.96 -65.44 -115.17
C ARG C 301 -93.26 -66.54 -114.18
N ASP C 302 -93.79 -66.17 -113.03
CA ASP C 302 -94.12 -67.18 -112.02
C ASP C 302 -95.07 -68.24 -112.56
N LEU C 303 -95.00 -69.45 -112.02
CA LEU C 303 -95.85 -70.56 -112.46
C LEU C 303 -97.01 -70.81 -111.50
N THR C 304 -97.30 -69.82 -110.68
CA THR C 304 -98.43 -69.92 -109.77
C THR C 304 -99.00 -68.53 -109.61
N THR C 305 -98.18 -67.58 -109.16
CA THR C 305 -98.64 -66.20 -109.03
C THR C 305 -98.84 -65.56 -110.40
N LYS C 306 -98.29 -66.20 -111.43
CA LYS C 306 -98.39 -65.73 -112.82
C LYS C 306 -97.68 -64.39 -113.05
N ALA C 307 -97.27 -63.77 -111.96
CA ALA C 307 -96.57 -62.50 -112.02
C ALA C 307 -95.29 -62.62 -112.84
N ARG C 308 -95.23 -61.83 -113.90
CA ARG C 308 -94.02 -61.68 -114.68
C ARG C 308 -92.97 -61.10 -113.76
N ALA C 309 -91.71 -61.39 -114.04
CA ALA C 309 -90.65 -60.85 -113.21
C ALA C 309 -90.77 -59.36 -113.31
N THR C 310 -90.59 -58.68 -112.19
CA THR C 310 -90.56 -57.24 -112.19
C THR C 310 -89.11 -56.78 -112.24
N ALA C 311 -88.24 -57.65 -112.76
CA ALA C 311 -86.81 -57.38 -112.90
C ALA C 311 -86.15 -58.49 -113.70
N PRO C 312 -85.17 -58.14 -114.56
CA PRO C 312 -84.54 -59.03 -115.54
C PRO C 312 -83.28 -59.70 -115.07
N THR C 313 -83.15 -61.00 -115.34
CA THR C 313 -81.95 -61.72 -114.97
C THR C 313 -81.22 -62.22 -116.22
N THR C 314 -79.89 -62.27 -116.14
CA THR C 314 -79.12 -62.97 -117.16
C THR C 314 -79.28 -64.44 -116.82
N ARG C 315 -79.93 -65.22 -117.67
CA ARG C 315 -80.27 -66.58 -117.29
C ARG C 315 -79.50 -67.63 -118.08
N ASN C 316 -78.58 -68.33 -117.42
CA ASN C 316 -77.88 -69.44 -118.05
C ASN C 316 -78.85 -70.57 -118.27
N LEU C 317 -78.64 -71.38 -119.31
CA LEU C 317 -79.57 -72.47 -119.63
C LEU C 317 -78.92 -73.73 -120.17
N LEU C 318 -78.33 -74.49 -119.27
CA LEU C 318 -77.65 -75.72 -119.64
C LEU C 318 -78.65 -76.85 -119.85
N THR C 319 -78.38 -77.71 -120.83
CA THR C 319 -79.28 -78.81 -121.14
C THR C 319 -78.54 -80.16 -121.12
N THR C 320 -78.43 -80.80 -119.96
CA THR C 320 -77.82 -82.14 -119.98
C THR C 320 -78.69 -83.16 -120.71
N PRO C 321 -78.13 -84.35 -121.00
CA PRO C 321 -78.84 -85.47 -121.61
C PRO C 321 -80.16 -85.81 -120.97
N LYS C 322 -80.27 -85.71 -119.64
CA LYS C 322 -81.51 -86.09 -118.96
C LYS C 322 -82.39 -84.91 -118.63
N PHE C 323 -81.83 -83.70 -118.70
CA PHE C 323 -82.61 -82.50 -118.40
C PHE C 323 -81.94 -81.18 -118.82
N THR C 324 -82.78 -80.17 -119.05
CA THR C 324 -82.29 -78.80 -119.14
C THR C 324 -82.23 -78.25 -117.73
N VAL C 325 -81.54 -77.14 -117.56
CA VAL C 325 -81.48 -76.51 -116.25
C VAL C 325 -81.11 -75.05 -116.42
N ALA C 326 -81.54 -74.22 -115.49
CA ALA C 326 -81.33 -72.79 -115.66
C ALA C 326 -81.24 -72.14 -114.32
N TRP C 327 -80.60 -70.97 -114.29
CA TRP C 327 -80.44 -70.16 -113.08
C TRP C 327 -79.94 -68.78 -113.49
N ASP C 328 -79.89 -67.85 -112.53
CA ASP C 328 -79.38 -66.50 -112.78
C ASP C 328 -77.86 -66.42 -112.67
N TRP C 329 -77.19 -66.19 -113.80
CA TRP C 329 -75.75 -65.97 -113.79
C TRP C 329 -75.42 -64.78 -112.92
N VAL C 330 -74.34 -64.91 -112.16
CA VAL C 330 -73.83 -63.84 -111.30
C VAL C 330 -72.30 -63.89 -111.31
N PRO C 331 -71.65 -62.77 -110.96
CA PRO C 331 -70.19 -62.80 -110.94
C PRO C 331 -69.69 -63.61 -109.77
N LYS C 332 -68.53 -64.21 -109.91
CA LYS C 332 -67.97 -65.06 -108.88
C LYS C 332 -67.64 -64.24 -107.63
N ARG C 333 -66.55 -63.46 -107.68
CA ARG C 333 -66.02 -62.76 -106.50
C ARG C 333 -67.03 -62.23 -105.48
N PRO C 334 -68.06 -61.50 -105.94
CA PRO C 334 -69.01 -60.94 -104.97
C PRO C 334 -69.92 -61.99 -104.36
N SER C 335 -70.03 -63.12 -105.04
CA SER C 335 -70.98 -64.14 -104.67
C SER C 335 -70.39 -65.17 -103.71
N VAL C 336 -69.08 -65.36 -103.76
CA VAL C 336 -68.41 -66.34 -102.89
C VAL C 336 -67.31 -65.78 -101.99
N CYS C 337 -66.74 -66.64 -101.14
CA CYS C 337 -65.75 -66.24 -100.15
C CYS C 337 -65.18 -67.48 -99.46
N THR C 338 -63.85 -67.57 -99.39
CA THR C 338 -63.22 -68.78 -98.88
C THR C 338 -62.96 -68.73 -97.39
N MET C 339 -63.63 -67.81 -96.70
CA MET C 339 -63.55 -67.72 -95.26
C MET C 339 -64.85 -67.14 -94.77
N THR C 340 -65.10 -67.27 -93.48
CA THR C 340 -66.35 -66.77 -92.91
C THR C 340 -66.05 -65.94 -91.69
N LYS C 341 -66.75 -64.81 -91.54
CA LYS C 341 -66.73 -64.05 -90.29
C LYS C 341 -67.18 -64.91 -89.11
N TRP C 342 -66.25 -65.19 -88.20
CA TRP C 342 -66.56 -66.04 -87.08
C TRP C 342 -66.99 -65.21 -85.87
N GLN C 343 -66.03 -64.54 -85.25
CA GLN C 343 -66.39 -63.72 -84.09
C GLN C 343 -66.02 -62.26 -84.31
N GLU C 344 -66.78 -61.38 -83.67
CA GLU C 344 -66.45 -59.97 -83.63
C GLU C 344 -66.07 -59.61 -82.20
N VAL C 345 -65.01 -58.83 -82.07
CA VAL C 345 -64.50 -58.50 -80.74
C VAL C 345 -64.32 -57.00 -80.57
N ASP C 346 -65.07 -56.43 -79.65
CA ASP C 346 -64.96 -55.02 -79.32
C ASP C 346 -63.55 -54.74 -78.82
N GLU C 347 -63.25 -55.22 -77.63
CA GLU C 347 -61.93 -55.05 -77.10
C GLU C 347 -61.14 -56.32 -77.23
N MET C 348 -60.10 -56.27 -78.05
CA MET C 348 -59.20 -57.36 -78.25
C MET C 348 -57.82 -56.86 -77.89
N LEU C 349 -57.27 -57.35 -76.79
CA LEU C 349 -55.94 -56.90 -76.40
C LEU C 349 -54.86 -57.63 -77.17
N ARG C 350 -54.02 -56.86 -77.85
CA ARG C 350 -52.87 -57.48 -78.48
C ARG C 350 -51.60 -57.05 -77.81
N SER C 351 -50.86 -58.03 -77.31
CA SER C 351 -49.54 -57.76 -76.81
C SER C 351 -48.57 -58.46 -77.72
N GLU C 352 -47.31 -58.33 -77.38
CA GLU C 352 -46.25 -58.91 -78.17
C GLU C 352 -45.29 -59.52 -77.19
N TYR C 353 -45.18 -60.83 -77.19
CA TYR C 353 -44.23 -61.45 -76.29
C TYR C 353 -43.32 -62.42 -77.03
N GLY C 354 -42.23 -61.86 -77.56
CA GLY C 354 -41.21 -62.63 -78.23
C GLY C 354 -41.10 -62.31 -79.70
N GLY C 355 -41.49 -61.10 -80.09
CA GLY C 355 -41.54 -60.74 -81.49
C GLY C 355 -42.63 -61.52 -82.20
N SER C 356 -43.58 -62.01 -81.40
CA SER C 356 -44.74 -62.70 -81.91
C SER C 356 -45.91 -62.08 -81.17
N PHE C 357 -47.02 -61.88 -81.87
CA PHE C 357 -48.16 -61.20 -81.28
C PHE C 357 -49.06 -62.14 -80.52
N ARG C 358 -49.93 -61.57 -79.71
CA ARG C 358 -50.81 -62.37 -78.90
C ARG C 358 -52.06 -61.57 -78.60
N PHE C 359 -53.17 -62.02 -79.15
CA PHE C 359 -54.42 -61.28 -79.06
C PHE C 359 -55.32 -61.94 -78.04
N SER C 360 -55.87 -61.15 -77.14
CA SER C 360 -56.56 -61.75 -76.03
C SER C 360 -57.96 -61.21 -75.85
N SER C 361 -58.94 -62.07 -76.05
CA SER C 361 -60.33 -61.68 -75.82
C SER C 361 -60.89 -62.06 -74.46
N ASP C 362 -61.36 -61.05 -73.74
CA ASP C 362 -61.98 -61.25 -72.45
C ASP C 362 -63.21 -62.15 -72.54
N ALA C 363 -64.12 -61.82 -73.45
CA ALA C 363 -65.42 -62.46 -73.46
C ALA C 363 -65.37 -63.89 -73.95
N ILE C 364 -64.74 -64.08 -75.09
CA ILE C 364 -64.65 -65.42 -75.66
C ILE C 364 -63.62 -66.25 -74.91
N SER C 365 -62.78 -65.58 -74.12
CA SER C 365 -61.89 -66.25 -73.19
C SER C 365 -60.79 -67.02 -73.89
N THR C 366 -60.45 -66.57 -75.10
CA THR C 366 -59.38 -67.19 -75.84
C THR C 366 -58.28 -66.20 -76.17
N THR C 367 -57.10 -66.74 -76.45
CA THR C 367 -55.95 -65.94 -76.79
C THR C 367 -55.16 -66.54 -77.97
N PHE C 368 -55.01 -65.74 -79.02
CA PHE C 368 -54.40 -66.19 -80.26
C PHE C 368 -53.00 -65.68 -80.46
N THR C 369 -52.14 -66.49 -81.13
CA THR C 369 -50.75 -66.09 -81.34
C THR C 369 -50.43 -65.92 -82.82
N THR C 370 -49.68 -64.87 -83.16
CA THR C 370 -49.24 -64.67 -84.53
C THR C 370 -47.82 -64.13 -84.64
N ASN C 371 -47.38 -63.91 -85.87
CA ASN C 371 -46.12 -63.23 -86.14
C ASN C 371 -46.41 -61.76 -86.04
N LEU C 372 -45.38 -60.93 -86.05
CA LEU C 372 -45.57 -59.49 -86.08
C LEU C 372 -45.87 -59.07 -87.51
N THR C 373 -45.45 -59.90 -88.44
CA THR C 373 -45.69 -59.66 -89.85
C THR C 373 -47.17 -59.91 -90.24
N GLU C 374 -47.79 -58.91 -90.89
CA GLU C 374 -49.21 -59.00 -91.23
C GLU C 374 -49.49 -60.04 -92.32
N TYR C 375 -50.77 -60.28 -92.62
CA TYR C 375 -51.12 -61.28 -93.63
C TYR C 375 -51.66 -60.68 -94.92
N PRO C 376 -50.97 -60.96 -96.03
CA PRO C 376 -51.27 -60.45 -97.38
C PRO C 376 -52.54 -61.02 -98.03
N LEU C 377 -53.69 -60.42 -97.74
CA LEU C 377 -54.99 -60.83 -98.32
C LEU C 377 -54.95 -61.27 -99.79
N SER C 378 -54.03 -60.67 -100.55
CA SER C 378 -53.78 -61.04 -101.93
C SER C 378 -53.48 -62.52 -101.97
N ARG C 379 -52.81 -63.02 -100.93
CA ARG C 379 -52.47 -64.42 -100.87
C ARG C 379 -53.71 -65.29 -100.71
N VAL C 380 -54.82 -64.69 -100.27
CA VAL C 380 -56.04 -65.46 -100.18
C VAL C 380 -56.67 -65.60 -101.55
N ASP C 381 -57.13 -66.81 -101.89
CA ASP C 381 -57.98 -66.92 -103.06
C ASP C 381 -59.44 -66.72 -102.67
N LEU C 382 -60.04 -65.70 -103.26
CA LEU C 382 -61.45 -65.41 -103.07
C LEU C 382 -61.81 -64.91 -101.66
N GLY C 383 -61.35 -63.71 -101.34
CA GLY C 383 -61.68 -63.08 -100.08
C GLY C 383 -62.24 -61.67 -100.20
N ASP C 384 -63.28 -61.51 -101.01
CA ASP C 384 -63.89 -60.19 -101.18
C ASP C 384 -64.60 -59.74 -99.91
N CYS C 385 -65.54 -60.56 -99.44
CA CYS C 385 -66.34 -60.22 -98.25
C CYS C 385 -65.48 -59.92 -97.04
N ILE C 386 -64.24 -60.42 -97.05
CA ILE C 386 -63.33 -60.25 -95.91
C ILE C 386 -63.22 -58.80 -95.46
N GLY C 387 -62.32 -58.05 -96.11
CA GLY C 387 -62.19 -56.62 -95.92
C GLY C 387 -63.55 -55.94 -95.92
N LYS C 388 -64.42 -56.36 -96.83
CA LYS C 388 -65.74 -55.75 -96.88
C LYS C 388 -66.49 -55.95 -95.57
N ASP C 389 -66.54 -57.18 -95.08
CA ASP C 389 -67.24 -57.44 -93.84
C ASP C 389 -66.44 -57.06 -92.63
N ALA C 390 -65.12 -57.15 -92.73
CA ALA C 390 -64.26 -56.74 -91.63
C ALA C 390 -64.43 -55.24 -91.30
N ARG C 391 -64.15 -54.38 -92.27
CA ARG C 391 -64.41 -52.95 -92.17
C ARG C 391 -65.83 -52.69 -91.69
N ASP C 392 -66.78 -53.42 -92.24
CA ASP C 392 -68.17 -53.32 -91.84
C ASP C 392 -68.35 -53.38 -90.35
N ALA C 393 -67.64 -54.31 -89.74
CA ALA C 393 -67.81 -54.60 -88.33
C ALA C 393 -67.15 -53.52 -87.47
N MET C 394 -65.85 -53.33 -87.67
CA MET C 394 -65.10 -52.34 -86.91
C MET C 394 -65.78 -50.96 -86.92
N ASP C 395 -66.22 -50.52 -88.09
CA ASP C 395 -66.98 -49.28 -88.19
C ASP C 395 -68.18 -49.34 -87.25
N ARG C 396 -69.19 -50.12 -87.64
CA ARG C 396 -70.42 -50.29 -86.83
C ARG C 396 -70.16 -50.45 -85.33
N ILE C 397 -68.95 -50.84 -84.99
CA ILE C 397 -68.60 -51.06 -83.60
C ILE C 397 -68.41 -49.74 -82.84
N PHE C 398 -67.54 -48.87 -83.36
CA PHE C 398 -67.22 -47.61 -82.69
C PHE C 398 -68.44 -46.81 -82.22
N ALA C 399 -69.29 -46.44 -83.17
CA ALA C 399 -70.42 -45.54 -82.90
C ALA C 399 -71.36 -46.01 -81.80
N ARG C 400 -71.61 -47.32 -81.74
CA ARG C 400 -72.56 -47.87 -80.79
C ARG C 400 -72.11 -47.61 -79.36
N ARG C 401 -70.79 -47.63 -79.20
CA ARG C 401 -70.23 -47.53 -77.87
C ARG C 401 -69.35 -46.30 -77.74
N TYR C 402 -68.32 -46.24 -78.58
CA TYR C 402 -67.20 -45.34 -78.37
C TYR C 402 -67.32 -43.96 -78.98
N ASN C 403 -68.53 -43.47 -79.30
CA ASN C 403 -68.62 -42.23 -80.11
C ASN C 403 -67.71 -41.07 -79.64
N ALA C 404 -67.40 -41.08 -78.35
CA ALA C 404 -66.53 -40.07 -77.76
C ALA C 404 -65.28 -40.69 -77.12
N THR C 405 -65.25 -42.01 -77.01
CA THR C 405 -64.30 -42.73 -76.16
C THR C 405 -62.83 -42.82 -76.64
N HIS C 406 -62.67 -42.99 -77.93
CA HIS C 406 -61.34 -43.38 -78.40
C HIS C 406 -60.99 -42.82 -79.78
N ILE C 407 -59.79 -43.19 -80.25
CA ILE C 407 -59.27 -42.78 -81.56
C ILE C 407 -58.45 -43.90 -82.24
N LYS C 408 -58.74 -44.16 -83.51
CA LYS C 408 -58.23 -45.37 -84.17
C LYS C 408 -56.93 -45.18 -84.95
N VAL C 409 -55.90 -45.92 -84.56
CA VAL C 409 -54.56 -45.78 -85.13
C VAL C 409 -54.39 -46.34 -86.55
N GLY C 410 -54.72 -45.52 -87.53
CA GLY C 410 -54.57 -45.88 -88.92
C GLY C 410 -55.66 -46.80 -89.47
N GLN C 411 -55.21 -47.78 -90.25
CA GLN C 411 -56.11 -48.69 -90.94
C GLN C 411 -56.17 -50.04 -90.25
N PRO C 412 -57.26 -50.79 -90.50
CA PRO C 412 -57.33 -52.19 -90.04
C PRO C 412 -56.15 -53.03 -90.53
N GLN C 413 -55.94 -54.17 -89.89
CA GLN C 413 -54.81 -55.02 -90.21
C GLN C 413 -55.16 -56.52 -90.08
N TYR C 414 -54.45 -57.35 -90.81
CA TYR C 414 -54.81 -58.75 -90.91
C TYR C 414 -53.70 -59.72 -90.53
N TYR C 415 -53.92 -60.45 -89.43
CA TYR C 415 -52.98 -61.47 -89.00
C TYR C 415 -53.67 -62.81 -88.97
N LEU C 416 -52.86 -63.86 -89.08
CA LEU C 416 -53.35 -65.22 -89.11
C LEU C 416 -52.92 -65.98 -87.88
N ALA C 417 -53.79 -65.99 -86.87
CA ALA C 417 -53.60 -66.80 -85.68
C ALA C 417 -53.26 -68.22 -86.07
N ASN C 418 -52.23 -68.77 -85.41
CA ASN C 418 -51.95 -70.18 -85.54
C ASN C 418 -53.23 -70.91 -85.21
N GLY C 419 -53.61 -71.82 -86.10
CA GLY C 419 -54.88 -72.49 -86.01
C GLY C 419 -55.56 -72.30 -87.34
N GLY C 420 -55.19 -71.22 -88.02
CA GLY C 420 -55.73 -70.91 -89.32
C GLY C 420 -56.90 -69.95 -89.24
N PHE C 421 -56.96 -69.17 -88.16
CA PHE C 421 -57.99 -68.16 -88.02
C PHE C 421 -57.43 -66.85 -88.44
N LEU C 422 -58.02 -66.22 -89.43
CA LEU C 422 -57.52 -64.95 -89.88
C LEU C 422 -58.10 -63.92 -88.95
N ILE C 423 -57.24 -63.02 -88.50
CA ILE C 423 -57.69 -61.97 -87.60
C ILE C 423 -57.57 -60.63 -88.27
N ALA C 424 -58.69 -59.92 -88.30
CA ALA C 424 -58.70 -58.55 -88.77
C ALA C 424 -58.54 -57.71 -87.52
N TYR C 425 -57.67 -56.69 -87.55
CA TYR C 425 -57.42 -55.89 -86.35
C TYR C 425 -57.44 -54.40 -86.63
N GLN C 426 -58.02 -53.62 -85.72
CA GLN C 426 -57.88 -52.17 -85.76
C GLN C 426 -57.46 -51.58 -84.41
N PRO C 427 -56.22 -51.05 -84.35
CA PRO C 427 -55.67 -50.42 -83.15
C PRO C 427 -56.50 -49.23 -82.69
N LEU C 428 -56.58 -49.04 -81.38
CA LEU C 428 -57.29 -47.90 -80.83
C LEU C 428 -56.39 -47.13 -79.86
N LEU C 429 -56.92 -45.99 -79.41
CA LEU C 429 -56.27 -45.12 -78.43
C LEU C 429 -57.32 -44.25 -77.74
N SER C 430 -57.30 -44.23 -76.41
CA SER C 430 -58.32 -43.49 -75.65
C SER C 430 -58.34 -42.00 -75.97
N ASN C 431 -59.50 -41.38 -75.78
CA ASN C 431 -59.70 -40.00 -76.20
C ASN C 431 -59.32 -38.96 -75.15
N THR C 432 -59.23 -39.36 -73.89
CA THR C 432 -58.81 -38.44 -72.82
C THR C 432 -57.37 -37.99 -73.06
N LEU C 433 -56.54 -38.90 -73.55
CA LEU C 433 -55.20 -38.55 -74.01
C LEU C 433 -55.05 -38.76 -75.51
N ALA C 434 -55.60 -37.82 -76.27
CA ALA C 434 -55.61 -37.90 -77.73
C ALA C 434 -54.30 -37.42 -78.35
N GLU C 435 -53.19 -37.58 -77.64
CA GLU C 435 -51.94 -36.92 -78.02
C GLU C 435 -50.90 -37.83 -78.68
N LEU C 436 -50.90 -39.10 -78.27
CA LEU C 436 -49.84 -40.02 -78.64
C LEU C 436 -50.05 -40.67 -80.00
N TYR C 437 -51.27 -40.54 -80.52
CA TYR C 437 -51.68 -41.12 -81.80
C TYR C 437 -50.56 -41.25 -82.81
N VAL C 438 -50.25 -40.11 -83.42
CA VAL C 438 -49.07 -39.88 -84.23
C VAL C 438 -47.93 -40.87 -84.00
N ARG C 439 -47.55 -41.04 -82.74
CA ARG C 439 -46.43 -41.90 -82.38
C ARG C 439 -46.68 -43.34 -82.83
N GLU C 440 -47.95 -43.74 -82.84
CA GLU C 440 -48.31 -45.10 -83.14
C GLU C 440 -48.67 -45.33 -84.60
N HIS C 441 -49.17 -44.28 -85.26
CA HIS C 441 -49.62 -44.39 -86.65
C HIS C 441 -48.55 -45.05 -87.50
N LEU C 442 -47.35 -44.53 -87.41
CA LEU C 442 -46.21 -45.03 -88.15
C LEU C 442 -46.01 -46.49 -87.86
N ARG C 443 -45.69 -46.78 -86.61
CA ARG C 443 -45.44 -48.12 -86.09
C ARG C 443 -46.37 -49.16 -86.73
N GLU C 444 -47.68 -48.87 -86.70
CA GLU C 444 -48.65 -49.77 -87.28
C GLU C 444 -48.48 -49.89 -88.79
N GLN C 445 -48.14 -48.77 -89.42
CA GLN C 445 -47.99 -48.75 -90.88
C GLN C 445 -46.85 -49.64 -91.34
N SER C 446 -45.89 -49.86 -90.46
CA SER C 446 -44.78 -50.76 -90.75
C SER C 446 -45.21 -52.22 -90.84
N VAL C 465 -52.04 -66.66 -104.76
CA VAL C 465 -53.26 -66.71 -103.98
C VAL C 465 -53.50 -68.12 -103.44
N GLU C 466 -54.21 -68.22 -102.31
CA GLU C 466 -54.36 -69.52 -101.65
C GLU C 466 -55.58 -69.62 -100.71
N ARG C 467 -55.56 -70.66 -99.88
CA ARG C 467 -56.66 -70.96 -98.97
C ARG C 467 -56.15 -71.51 -97.64
N ILE C 468 -56.58 -70.85 -96.56
CA ILE C 468 -56.17 -71.23 -95.21
C ILE C 468 -57.09 -72.29 -94.60
N LYS C 469 -56.50 -73.26 -93.91
CA LYS C 469 -57.27 -74.29 -93.25
C LYS C 469 -57.38 -74.05 -91.75
N THR C 470 -58.60 -74.13 -91.24
CA THR C 470 -58.85 -73.88 -89.82
C THR C 470 -59.05 -75.16 -89.06
N THR C 471 -58.42 -75.25 -87.89
CA THR C 471 -58.62 -76.41 -87.03
C THR C 471 -60.07 -76.45 -86.59
N SER C 472 -60.48 -77.54 -85.97
CA SER C 472 -61.81 -77.55 -85.40
C SER C 472 -61.70 -77.28 -83.93
N SER C 473 -60.50 -77.50 -83.39
CA SER C 473 -60.26 -77.38 -81.96
C SER C 473 -59.82 -75.99 -81.58
N ILE C 474 -60.56 -75.39 -80.66
CA ILE C 474 -60.29 -74.03 -80.20
C ILE C 474 -59.88 -74.09 -78.73
N GLU C 475 -59.46 -75.26 -78.29
CA GLU C 475 -59.21 -75.44 -76.88
C GLU C 475 -58.01 -74.66 -76.38
N PHE C 476 -56.87 -74.80 -77.05
CA PHE C 476 -55.67 -74.13 -76.60
C PHE C 476 -55.80 -72.61 -76.47
N PRO C 477 -56.29 -71.93 -77.52
CA PRO C 477 -56.54 -70.48 -77.40
C PRO C 477 -57.26 -70.10 -76.11
N GLY C 478 -58.15 -70.94 -75.63
CA GLY C 478 -58.71 -70.72 -74.32
C GLY C 478 -57.70 -71.01 -73.22
N LEU C 479 -56.98 -72.12 -73.35
CA LEU C 479 -56.01 -72.54 -72.35
C LEU C 479 -55.03 -71.43 -72.11
N GLY C 480 -54.41 -70.96 -73.18
CA GLY C 480 -53.38 -69.96 -73.07
C GLY C 480 -53.89 -68.74 -72.36
N PHE C 481 -55.06 -68.29 -72.79
CA PHE C 481 -55.72 -67.18 -72.18
C PHE C 481 -55.72 -67.46 -70.70
N THR C 482 -56.32 -68.59 -70.36
CA THR C 482 -56.59 -68.91 -68.96
C THR C 482 -55.30 -69.01 -68.18
N TYR C 483 -54.37 -69.82 -68.66
CA TYR C 483 -53.07 -69.96 -68.02
C TYR C 483 -52.40 -68.60 -67.95
N GLY C 484 -52.61 -67.82 -69.00
CA GLY C 484 -51.93 -66.54 -69.12
C GLY C 484 -52.35 -65.62 -68.03
N HIS C 485 -53.65 -65.46 -67.86
CA HIS C 485 -54.13 -64.48 -66.92
C HIS C 485 -53.79 -64.88 -65.50
N ILE C 486 -53.71 -66.17 -65.27
CA ILE C 486 -53.45 -66.61 -63.92
C ILE C 486 -51.96 -66.49 -63.66
N GLN C 487 -51.17 -66.73 -64.68
CA GLN C 487 -49.73 -66.60 -64.53
C GLN C 487 -49.41 -65.17 -64.13
N ARG C 488 -50.03 -64.22 -64.80
CA ARG C 488 -49.68 -62.84 -64.55
C ARG C 488 -50.02 -62.43 -63.13
N HIS C 489 -51.30 -62.44 -62.75
CA HIS C 489 -51.70 -62.05 -61.40
C HIS C 489 -50.87 -62.76 -60.33
N VAL C 490 -50.68 -64.06 -60.50
CA VAL C 490 -49.87 -64.78 -59.56
C VAL C 490 -48.46 -64.25 -59.61
N ASN C 491 -47.82 -64.29 -60.77
CA ASN C 491 -46.47 -63.80 -60.84
C ASN C 491 -46.35 -62.35 -60.44
N ASP C 492 -47.44 -61.60 -60.58
CA ASP C 492 -47.40 -60.23 -60.13
C ASP C 492 -47.32 -60.17 -58.61
N MET C 493 -48.35 -60.67 -57.95
CA MET C 493 -48.44 -60.66 -56.48
C MET C 493 -47.19 -61.09 -55.75
N LEU C 494 -46.84 -62.36 -55.93
CA LEU C 494 -45.65 -62.93 -55.32
C LEU C 494 -44.48 -61.98 -55.47
N GLY C 495 -44.33 -61.42 -56.67
CA GLY C 495 -43.32 -60.42 -56.90
C GLY C 495 -43.39 -59.32 -55.86
N ARG C 496 -44.59 -58.81 -55.63
CA ARG C 496 -44.76 -57.72 -54.68
C ARG C 496 -44.36 -58.22 -53.30
N VAL C 497 -44.75 -59.45 -53.01
CA VAL C 497 -44.39 -60.05 -51.74
C VAL C 497 -42.88 -60.20 -51.67
N ALA C 498 -42.28 -60.59 -52.79
CA ALA C 498 -40.83 -60.74 -52.84
C ALA C 498 -40.15 -59.43 -52.47
N ILE C 499 -40.81 -58.32 -52.75
CA ILE C 499 -40.20 -57.04 -52.44
C ILE C 499 -40.53 -56.59 -51.04
N ALA C 500 -41.82 -56.53 -50.72
CA ALA C 500 -42.26 -56.08 -49.41
C ALA C 500 -41.53 -56.87 -48.33
N TRP C 501 -41.33 -58.15 -48.58
CA TRP C 501 -40.45 -58.93 -47.72
C TRP C 501 -39.13 -58.23 -47.64
N CYS C 502 -38.42 -58.10 -48.75
CA CYS C 502 -37.10 -57.45 -48.76
C CYS C 502 -37.04 -56.11 -48.03
N GLU C 503 -38.06 -55.28 -48.24
CA GLU C 503 -38.09 -53.98 -47.60
C GLU C 503 -38.16 -54.12 -46.08
N LEU C 504 -39.05 -54.99 -45.62
CA LEU C 504 -39.12 -55.31 -44.20
C LEU C 504 -37.81 -55.92 -43.74
N GLN C 505 -37.21 -56.76 -44.57
CA GLN C 505 -35.97 -57.41 -44.19
C GLN C 505 -34.90 -56.38 -43.91
N ASN C 506 -34.78 -55.41 -44.82
CA ASN C 506 -33.79 -54.37 -44.66
C ASN C 506 -34.14 -53.52 -43.43
N HIS C 507 -35.31 -52.90 -43.49
CA HIS C 507 -35.90 -52.16 -42.38
C HIS C 507 -35.45 -52.61 -40.99
N GLU C 508 -35.60 -53.90 -40.72
CA GLU C 508 -35.42 -54.39 -39.37
C GLU C 508 -33.98 -54.38 -38.86
N LEU C 509 -33.03 -54.32 -39.78
CA LEU C 509 -31.63 -54.38 -39.37
C LEU C 509 -31.32 -53.33 -38.33
N THR C 510 -31.96 -52.17 -38.48
CA THR C 510 -31.97 -51.12 -37.46
C THR C 510 -32.20 -51.70 -36.07
N LEU C 511 -33.16 -52.60 -35.97
CA LEU C 511 -33.51 -53.17 -34.69
C LEU C 511 -32.50 -54.21 -34.27
N TRP C 512 -31.96 -54.96 -35.21
CA TRP C 512 -30.95 -55.92 -34.82
C TRP C 512 -29.72 -55.18 -34.30
N ASN C 513 -29.58 -53.93 -34.70
CA ASN C 513 -28.50 -53.12 -34.23
C ASN C 513 -28.60 -52.87 -32.73
N GLU C 514 -29.66 -52.18 -32.34
CA GLU C 514 -29.87 -51.86 -30.95
C GLU C 514 -29.99 -53.11 -30.11
N ALA C 515 -30.60 -54.13 -30.69
CA ALA C 515 -30.78 -55.37 -29.96
C ALA C 515 -29.44 -56.01 -29.62
N ARG C 516 -28.53 -56.00 -30.59
CA ARG C 516 -27.24 -56.63 -30.33
C ARG C 516 -26.52 -55.90 -29.23
N LYS C 517 -26.81 -54.61 -29.08
CA LYS C 517 -26.22 -53.85 -27.99
C LYS C 517 -26.71 -54.33 -26.64
N LEU C 518 -28.02 -54.46 -26.49
CA LEU C 518 -28.60 -54.82 -25.20
C LEU C 518 -28.23 -56.24 -24.75
N ASN C 519 -28.55 -57.23 -25.57
CA ASN C 519 -28.33 -58.62 -25.18
C ASN C 519 -27.40 -59.36 -26.14
N PRO C 520 -26.20 -58.82 -26.37
CA PRO C 520 -25.29 -59.38 -27.37
C PRO C 520 -25.21 -60.88 -27.25
N ASN C 521 -25.32 -61.38 -26.03
CA ASN C 521 -25.39 -62.81 -25.80
C ASN C 521 -26.44 -63.46 -26.71
N ALA C 522 -27.66 -62.98 -26.60
CA ALA C 522 -28.79 -63.58 -27.30
C ALA C 522 -28.81 -63.29 -28.80
N ILE C 523 -28.62 -62.03 -29.16
CA ILE C 523 -28.63 -61.64 -30.56
C ILE C 523 -27.59 -62.43 -31.35
N ALA C 524 -26.42 -62.64 -30.76
CA ALA C 524 -25.40 -63.43 -31.44
C ALA C 524 -25.86 -64.87 -31.72
N SER C 525 -26.55 -65.48 -30.75
CA SER C 525 -26.87 -66.89 -30.84
C SER C 525 -27.90 -67.24 -31.90
N VAL C 526 -29.05 -66.58 -31.88
CA VAL C 526 -30.10 -66.85 -32.84
C VAL C 526 -29.68 -66.45 -34.24
N THR C 527 -28.52 -65.84 -34.35
CA THR C 527 -28.09 -65.33 -35.64
C THR C 527 -27.08 -66.26 -36.34
N VAL C 528 -26.11 -66.77 -35.60
CA VAL C 528 -25.23 -67.79 -36.15
C VAL C 528 -25.95 -69.12 -36.02
N GLY C 529 -27.17 -69.07 -35.50
CA GLY C 529 -27.98 -70.25 -35.37
C GLY C 529 -27.25 -71.24 -34.48
N ARG C 530 -26.64 -70.72 -33.43
CA ARG C 530 -25.86 -71.55 -32.53
C ARG C 530 -25.57 -70.79 -31.26
N ARG C 531 -25.38 -71.51 -30.16
CA ARG C 531 -25.10 -70.86 -28.88
C ARG C 531 -23.62 -70.56 -28.70
N VAL C 532 -23.29 -69.27 -28.72
CA VAL C 532 -21.90 -68.80 -28.60
C VAL C 532 -21.81 -67.51 -27.78
N SER C 533 -20.63 -67.25 -27.22
CA SER C 533 -20.40 -66.07 -26.37
C SER C 533 -20.04 -64.87 -27.26
N ALA C 534 -20.39 -63.67 -26.83
CA ALA C 534 -20.28 -62.51 -27.71
C ALA C 534 -19.83 -61.21 -27.04
N ARG C 535 -19.29 -60.30 -27.86
CA ARG C 535 -18.85 -58.99 -27.40
C ARG C 535 -18.82 -57.96 -28.54
N MET C 536 -18.96 -56.70 -28.19
CA MET C 536 -19.02 -55.64 -29.17
C MET C 536 -17.81 -54.72 -29.12
N LEU C 537 -17.00 -54.77 -30.18
CA LEU C 537 -15.83 -53.88 -30.26
C LEU C 537 -16.22 -52.54 -30.89
N GLY C 538 -17.32 -51.98 -30.38
CA GLY C 538 -17.82 -50.69 -30.83
C GLY C 538 -18.77 -50.80 -32.01
N ASP C 539 -18.23 -51.19 -33.16
CA ASP C 539 -19.05 -51.29 -34.36
C ASP C 539 -19.21 -52.70 -34.90
N VAL C 540 -18.23 -53.56 -34.64
CA VAL C 540 -18.36 -54.94 -35.04
C VAL C 540 -18.46 -55.82 -33.81
N MET C 541 -18.74 -57.10 -34.05
CA MET C 541 -19.09 -58.02 -32.99
C MET C 541 -18.10 -59.15 -32.90
N ALA C 542 -17.33 -59.17 -31.83
CA ALA C 542 -16.36 -60.22 -31.57
C ALA C 542 -17.01 -61.34 -30.78
N VAL C 543 -16.74 -62.58 -31.19
CA VAL C 543 -17.42 -63.70 -30.57
C VAL C 543 -16.51 -64.89 -30.33
N SER C 544 -16.97 -65.77 -29.46
CA SER C 544 -16.33 -67.05 -29.17
C SER C 544 -17.43 -67.94 -28.64
N THR C 545 -17.06 -69.10 -28.12
CA THR C 545 -18.01 -70.19 -27.96
C THR C 545 -18.66 -70.30 -26.57
N CYS C 546 -19.63 -71.21 -26.47
CA CYS C 546 -20.32 -71.57 -25.22
C CYS C 546 -20.43 -73.08 -25.09
N VAL C 547 -20.40 -73.59 -23.87
CA VAL C 547 -20.19 -75.03 -23.63
C VAL C 547 -21.35 -75.80 -22.98
N PRO C 548 -21.77 -76.91 -23.60
CA PRO C 548 -22.89 -77.72 -23.10
C PRO C 548 -22.60 -78.49 -21.80
N VAL C 549 -23.52 -78.32 -20.85
CA VAL C 549 -23.45 -79.01 -19.57
C VAL C 549 -24.57 -80.04 -19.47
N ALA C 550 -24.18 -81.31 -19.34
CA ALA C 550 -25.13 -82.41 -19.19
C ALA C 550 -26.21 -82.09 -18.16
N ALA C 551 -27.44 -81.95 -18.63
CA ALA C 551 -28.59 -81.52 -17.82
C ALA C 551 -28.70 -82.12 -16.42
N ASP C 552 -28.15 -83.33 -16.24
CA ASP C 552 -28.19 -84.01 -14.94
C ASP C 552 -27.12 -83.49 -13.96
N ASN C 553 -25.99 -83.06 -14.50
CA ASN C 553 -24.91 -82.55 -13.65
C ASN C 553 -25.04 -81.07 -13.31
N VAL C 554 -26.21 -80.68 -12.80
CA VAL C 554 -26.47 -79.29 -12.43
C VAL C 554 -27.28 -79.18 -11.13
N ILE C 555 -26.74 -78.42 -10.18
CA ILE C 555 -27.39 -78.20 -8.89
C ILE C 555 -27.20 -76.76 -8.40
N VAL C 556 -28.30 -76.20 -7.92
CA VAL C 556 -28.37 -74.82 -7.49
C VAL C 556 -28.19 -74.68 -5.97
N GLN C 557 -27.35 -73.74 -5.54
CA GLN C 557 -27.34 -73.33 -4.14
C GLN C 557 -28.60 -72.51 -3.85
N ASN C 558 -29.37 -72.92 -2.85
CA ASN C 558 -30.78 -72.48 -2.71
C ASN C 558 -31.12 -71.28 -1.81
N SER C 559 -30.24 -70.29 -1.77
CA SER C 559 -30.55 -69.01 -1.12
C SER C 559 -29.84 -67.88 -1.84
N MET C 560 -30.41 -66.68 -1.75
CA MET C 560 -29.94 -65.55 -2.54
C MET C 560 -29.19 -64.48 -1.73
N ARG C 561 -28.96 -64.73 -0.45
CA ARG C 561 -28.33 -63.75 0.42
C ARG C 561 -26.84 -64.04 0.69
N ILE C 562 -25.97 -63.15 0.24
CA ILE C 562 -24.53 -63.34 0.41
C ILE C 562 -24.20 -63.30 1.90
N SER C 563 -23.23 -64.09 2.31
CA SER C 563 -22.72 -63.98 3.68
C SER C 563 -21.48 -63.10 3.68
N SER C 564 -20.98 -62.83 2.46
CA SER C 564 -19.83 -61.96 2.27
C SER C 564 -20.23 -60.49 2.37
N ARG C 565 -21.51 -60.21 2.12
CA ARG C 565 -22.04 -58.85 2.25
C ARG C 565 -23.36 -58.87 3.03
N PRO C 566 -23.55 -57.89 3.91
CA PRO C 566 -24.84 -57.75 4.61
C PRO C 566 -25.88 -57.07 3.72
N GLY C 567 -27.14 -57.47 3.84
CA GLY C 567 -28.24 -56.78 3.19
C GLY C 567 -28.50 -57.14 1.74
N ALA C 568 -27.51 -56.96 0.87
CA ALA C 568 -27.70 -57.17 -0.57
C ALA C 568 -27.87 -58.65 -0.92
N CYS C 569 -28.21 -58.92 -2.19
CA CYS C 569 -28.44 -60.29 -2.65
C CYS C 569 -27.88 -60.56 -4.05
N TYR C 570 -27.51 -61.81 -4.30
CA TYR C 570 -27.19 -62.25 -5.64
C TYR C 570 -28.44 -62.16 -6.48
N SER C 571 -28.36 -61.41 -7.58
CA SER C 571 -29.52 -61.12 -8.42
C SER C 571 -30.20 -62.39 -8.93
N ARG C 572 -29.40 -63.38 -9.30
CA ARG C 572 -29.90 -64.64 -9.83
C ARG C 572 -29.28 -65.81 -9.07
N PRO C 573 -30.04 -66.92 -8.94
CA PRO C 573 -29.72 -68.08 -8.10
C PRO C 573 -28.30 -68.59 -8.26
N LEU C 574 -27.73 -69.10 -7.18
CA LEU C 574 -26.37 -69.62 -7.18
C LEU C 574 -26.34 -71.09 -7.57
N VAL C 575 -25.36 -71.48 -8.35
CA VAL C 575 -25.34 -72.85 -8.84
C VAL C 575 -23.93 -73.42 -8.98
N SER C 576 -23.86 -74.73 -9.08
CA SER C 576 -22.60 -75.38 -9.42
C SER C 576 -22.84 -76.67 -10.19
N PHE C 577 -21.74 -77.21 -10.70
CA PHE C 577 -21.81 -78.16 -11.78
C PHE C 577 -20.42 -78.66 -12.13
N ARG C 578 -20.34 -79.85 -12.70
CA ARG C 578 -19.14 -80.31 -13.36
C ARG C 578 -19.46 -80.44 -14.85
N TYR C 579 -18.42 -80.34 -15.68
CA TYR C 579 -18.57 -80.26 -17.12
C TYR C 579 -18.42 -81.65 -17.66
N GLU C 580 -17.22 -82.19 -17.49
CA GLU C 580 -17.00 -83.61 -17.66
C GLU C 580 -17.46 -84.26 -16.36
N ASP C 581 -18.07 -85.44 -16.47
CA ASP C 581 -18.68 -86.11 -15.32
C ASP C 581 -17.70 -86.28 -14.16
N GLN C 582 -16.60 -86.96 -14.43
CA GLN C 582 -15.57 -87.17 -13.44
C GLN C 582 -14.86 -85.87 -13.06
N GLY C 583 -14.95 -84.89 -13.95
CA GLY C 583 -14.28 -83.61 -13.79
C GLY C 583 -14.44 -82.95 -12.42
N PRO C 584 -13.47 -82.11 -12.05
CA PRO C 584 -13.55 -81.37 -10.80
C PRO C 584 -14.53 -80.22 -10.92
N LEU C 585 -15.63 -80.29 -10.17
CA LEU C 585 -16.70 -79.30 -10.20
C LEU C 585 -16.25 -77.85 -10.26
N VAL C 586 -17.02 -77.02 -10.95
CA VAL C 586 -16.84 -75.57 -10.92
C VAL C 586 -18.10 -74.86 -10.37
N GLU C 587 -17.89 -73.66 -9.83
CA GLU C 587 -18.94 -72.89 -9.17
C GLU C 587 -19.42 -71.73 -9.99
N GLY C 588 -20.74 -71.58 -10.10
CA GLY C 588 -21.30 -70.57 -10.98
C GLY C 588 -22.61 -69.95 -10.55
N GLN C 589 -23.18 -69.13 -11.44
CA GLN C 589 -24.47 -68.50 -11.17
C GLN C 589 -25.40 -68.55 -12.39
N LEU C 590 -26.69 -68.75 -12.11
CA LEU C 590 -27.71 -68.94 -13.14
C LEU C 590 -28.03 -67.65 -13.87
N GLY C 591 -28.36 -67.78 -15.15
CA GLY C 591 -28.62 -66.62 -15.99
C GLY C 591 -29.87 -66.71 -16.84
N GLU C 592 -29.92 -65.83 -17.83
CA GLU C 592 -30.98 -65.85 -18.80
C GLU C 592 -30.81 -67.09 -19.64
N ASN C 593 -31.89 -67.84 -19.80
CA ASN C 593 -31.89 -69.03 -20.62
C ASN C 593 -30.73 -69.98 -20.32
N ASN C 594 -30.76 -70.55 -19.12
CA ASN C 594 -29.90 -71.66 -18.76
C ASN C 594 -28.42 -71.38 -19.03
N GLU C 595 -28.07 -70.11 -19.14
CA GLU C 595 -26.67 -69.74 -19.21
C GLU C 595 -26.10 -69.61 -17.81
N LEU C 596 -25.00 -70.31 -17.59
CA LEU C 596 -24.34 -70.32 -16.29
C LEU C 596 -23.23 -69.26 -16.25
N ARG C 597 -23.02 -68.67 -15.07
CA ARG C 597 -22.06 -67.59 -14.93
C ARG C 597 -20.97 -67.86 -13.90
N LEU C 598 -19.72 -67.86 -14.36
CA LEU C 598 -18.56 -68.21 -13.52
C LEU C 598 -18.24 -67.16 -12.45
N THR C 599 -18.08 -65.91 -12.87
CA THR C 599 -17.91 -64.81 -11.93
C THR C 599 -19.27 -64.51 -11.32
N ARG C 600 -19.45 -64.86 -10.06
CA ARG C 600 -20.75 -64.71 -9.41
C ARG C 600 -20.94 -63.27 -8.92
N ASP C 601 -21.03 -62.33 -9.85
CA ASP C 601 -21.15 -60.91 -9.48
C ASP C 601 -22.57 -60.38 -9.63
N ALA C 602 -23.48 -61.23 -10.06
CA ALA C 602 -24.86 -60.79 -10.33
C ALA C 602 -25.62 -60.55 -9.04
N ILE C 603 -25.64 -59.28 -8.63
CA ILE C 603 -26.06 -58.87 -7.29
C ILE C 603 -27.13 -57.78 -7.27
N GLU C 604 -28.15 -57.98 -6.43
CA GLU C 604 -29.24 -57.02 -6.23
C GLU C 604 -29.75 -57.05 -4.78
N PRO C 605 -29.73 -55.89 -4.09
CA PRO C 605 -30.15 -55.69 -2.68
C PRO C 605 -31.45 -56.36 -2.23
N CYS C 606 -31.41 -57.08 -1.10
CA CYS C 606 -32.58 -57.82 -0.60
C CYS C 606 -33.79 -56.95 -0.29
N THR C 607 -34.92 -57.32 -0.87
CA THR C 607 -36.09 -56.46 -0.86
C THR C 607 -37.33 -57.23 -0.44
N VAL C 608 -38.21 -56.56 0.29
CA VAL C 608 -39.51 -57.13 0.59
C VAL C 608 -40.28 -57.14 -0.71
N GLY C 609 -41.33 -57.96 -0.78
CA GLY C 609 -42.07 -58.12 -2.02
C GLY C 609 -41.17 -58.61 -3.13
N HIS C 610 -40.22 -59.46 -2.76
CA HIS C 610 -39.29 -60.04 -3.72
C HIS C 610 -39.74 -61.45 -4.06
N ARG C 611 -40.07 -61.64 -5.33
CA ARG C 611 -40.61 -62.91 -5.84
C ARG C 611 -40.14 -63.06 -7.29
N ARG C 612 -39.69 -64.25 -7.67
CA ARG C 612 -39.09 -64.47 -9.00
C ARG C 612 -39.25 -65.91 -9.53
N TYR C 613 -39.42 -66.04 -10.85
CA TYR C 613 -39.24 -67.32 -11.54
C TYR C 613 -37.99 -67.27 -12.42
N PHE C 614 -37.38 -68.43 -12.68
CA PHE C 614 -36.20 -68.49 -13.56
C PHE C 614 -36.20 -69.67 -14.54
N THR C 615 -35.66 -69.45 -15.73
CA THR C 615 -35.53 -70.51 -16.72
C THR C 615 -34.51 -71.54 -16.25
N PHE C 616 -34.97 -72.76 -16.05
CA PHE C 616 -34.13 -73.80 -15.48
C PHE C 616 -34.57 -75.20 -15.91
N GLY C 617 -33.73 -75.84 -16.72
CA GLY C 617 -34.09 -77.12 -17.30
C GLY C 617 -35.13 -76.91 -18.38
N GLY C 618 -35.96 -77.93 -18.62
CA GLY C 618 -37.04 -77.80 -19.57
C GLY C 618 -38.26 -77.14 -18.97
N GLY C 619 -38.03 -76.35 -17.93
CA GLY C 619 -39.10 -75.71 -17.19
C GLY C 619 -38.55 -74.59 -16.32
N TYR C 620 -39.20 -74.33 -15.19
CA TYR C 620 -38.79 -73.24 -14.32
C TYR C 620 -38.59 -73.66 -12.86
N VAL C 621 -37.85 -72.82 -12.13
CA VAL C 621 -37.69 -72.96 -10.68
C VAL C 621 -38.03 -71.65 -9.96
N TYR C 622 -38.86 -71.75 -8.91
CA TYR C 622 -39.42 -70.57 -8.24
C TYR C 622 -39.11 -70.47 -6.75
N PHE C 623 -38.71 -69.27 -6.34
CA PHE C 623 -38.26 -69.02 -4.97
C PHE C 623 -39.36 -68.41 -4.13
N GLU C 624 -38.94 -67.84 -3.00
CA GLU C 624 -39.84 -67.07 -2.16
C GLU C 624 -38.99 -66.19 -1.26
N GLU C 625 -38.89 -64.91 -1.63
CA GLU C 625 -38.12 -63.93 -0.87
C GLU C 625 -36.71 -64.39 -0.53
N TYR C 626 -35.92 -64.62 -1.57
CA TYR C 626 -34.51 -64.98 -1.46
C TYR C 626 -34.30 -66.42 -1.00
N ALA C 627 -35.40 -67.07 -0.62
CA ALA C 627 -35.39 -68.50 -0.28
C ALA C 627 -36.31 -69.30 -1.21
N TYR C 628 -35.80 -70.44 -1.67
CA TYR C 628 -36.49 -71.32 -2.62
C TYR C 628 -37.94 -71.65 -2.24
N SER C 629 -38.74 -71.97 -3.25
CA SER C 629 -40.09 -72.50 -3.04
C SER C 629 -40.27 -73.88 -3.66
N HIS C 630 -40.77 -73.94 -4.89
CA HIS C 630 -40.86 -75.22 -5.59
C HIS C 630 -40.47 -75.11 -7.07
N GLN C 631 -40.37 -76.25 -7.76
CA GLN C 631 -39.96 -76.26 -9.17
C GLN C 631 -41.03 -76.90 -10.07
N LEU C 632 -41.20 -76.35 -11.27
CA LEU C 632 -42.33 -76.71 -12.14
C LEU C 632 -41.99 -76.75 -13.65
N SER C 633 -43.02 -77.02 -14.46
CA SER C 633 -42.88 -77.09 -15.92
C SER C 633 -43.39 -75.82 -16.63
N ARG C 634 -43.01 -75.64 -17.88
CA ARG C 634 -43.47 -74.50 -18.66
C ARG C 634 -44.98 -74.53 -18.82
N ALA C 635 -45.53 -75.73 -18.78
CA ALA C 635 -46.96 -75.94 -19.00
C ALA C 635 -47.84 -75.17 -18.03
N ASP C 636 -47.49 -75.19 -16.76
CA ASP C 636 -48.31 -74.53 -15.77
C ASP C 636 -48.43 -73.02 -15.98
N ILE C 637 -47.41 -72.40 -16.56
CA ILE C 637 -47.51 -70.96 -16.83
C ILE C 637 -48.21 -70.72 -18.13
N THR C 638 -49.29 -69.96 -18.06
CA THR C 638 -49.95 -69.42 -19.22
C THR C 638 -48.92 -68.86 -20.21
N THR C 639 -49.03 -69.30 -21.46
CA THR C 639 -48.06 -68.90 -22.47
C THR C 639 -48.67 -67.85 -23.37
N VAL C 640 -47.87 -66.89 -23.80
CA VAL C 640 -48.34 -65.96 -24.81
C VAL C 640 -47.41 -66.09 -25.99
N SER C 641 -47.83 -65.56 -27.14
CA SER C 641 -47.09 -65.75 -28.38
C SER C 641 -46.89 -64.45 -29.11
N THR C 642 -45.64 -64.19 -29.45
CA THR C 642 -45.28 -63.01 -30.23
C THR C 642 -45.52 -63.26 -31.70
N PHE C 643 -45.86 -64.51 -32.01
CA PHE C 643 -45.95 -64.99 -33.38
C PHE C 643 -47.25 -64.56 -34.04
N ILE C 644 -47.13 -63.66 -35.02
CA ILE C 644 -48.23 -63.37 -35.91
C ILE C 644 -48.44 -64.56 -36.82
N ASP C 645 -49.56 -65.24 -36.68
CA ASP C 645 -49.71 -66.50 -37.42
C ASP C 645 -50.16 -66.36 -38.86
N LEU C 646 -49.75 -67.34 -39.67
CA LEU C 646 -50.17 -67.46 -41.06
C LEU C 646 -50.25 -68.92 -41.39
N ASN C 647 -51.45 -69.35 -41.78
CA ASN C 647 -51.69 -70.76 -42.02
C ASN C 647 -51.84 -71.04 -43.51
N ILE C 648 -50.78 -71.59 -44.09
CA ILE C 648 -50.81 -71.97 -45.50
C ILE C 648 -51.29 -73.41 -45.62
N THR C 649 -52.07 -73.66 -46.66
CA THR C 649 -52.57 -75.00 -46.97
C THR C 649 -52.35 -75.21 -48.45
N MET C 650 -52.42 -76.46 -48.89
CA MET C 650 -52.07 -76.73 -50.28
C MET C 650 -53.18 -77.23 -51.16
N LEU C 651 -53.24 -76.60 -52.33
CA LEU C 651 -54.17 -76.97 -53.39
C LEU C 651 -53.86 -78.38 -53.93
N GLU C 652 -54.67 -79.34 -53.55
CA GLU C 652 -54.38 -80.75 -53.81
C GLU C 652 -54.33 -81.13 -55.29
N ASP C 653 -53.78 -82.31 -55.55
CA ASP C 653 -53.82 -82.87 -56.89
C ASP C 653 -55.28 -82.98 -57.28
N HIS C 654 -55.53 -82.97 -58.58
CA HIS C 654 -56.88 -83.26 -59.07
C HIS C 654 -56.75 -83.98 -60.39
N GLU C 655 -57.71 -84.85 -60.68
CA GLU C 655 -57.63 -85.59 -61.94
C GLU C 655 -58.78 -85.27 -62.88
N PHE C 656 -58.42 -84.99 -64.13
CA PHE C 656 -59.37 -84.64 -65.18
C PHE C 656 -59.56 -85.80 -66.14
N VAL C 657 -60.54 -86.64 -65.87
CA VAL C 657 -60.79 -87.79 -66.72
C VAL C 657 -61.31 -87.27 -68.05
N PRO C 658 -60.85 -87.86 -69.18
CA PRO C 658 -61.24 -87.44 -70.52
C PRO C 658 -62.74 -87.60 -70.71
N LEU C 659 -63.38 -86.64 -71.37
CA LEU C 659 -64.83 -86.66 -71.42
C LEU C 659 -65.40 -85.97 -72.66
N GLU C 660 -66.25 -86.68 -73.39
CA GLU C 660 -66.92 -86.11 -74.54
C GLU C 660 -68.38 -85.89 -74.27
N VAL C 661 -68.93 -84.88 -74.92
CA VAL C 661 -70.36 -84.71 -74.95
C VAL C 661 -70.96 -85.79 -75.84
N TYR C 662 -70.53 -85.85 -77.10
CA TYR C 662 -70.99 -86.89 -78.05
C TYR C 662 -69.83 -87.71 -78.62
N THR C 663 -69.96 -89.03 -78.53
CA THR C 663 -69.02 -89.96 -79.16
C THR C 663 -69.09 -89.81 -80.69
N ARG C 664 -67.97 -89.97 -81.38
CA ARG C 664 -68.02 -89.72 -82.81
C ARG C 664 -68.91 -90.73 -83.51
N HIS C 665 -69.25 -91.80 -82.80
CA HIS C 665 -70.25 -92.73 -83.28
C HIS C 665 -71.66 -92.17 -83.18
N GLU C 666 -71.95 -91.47 -82.09
CA GLU C 666 -73.26 -90.85 -81.90
C GLU C 666 -73.59 -89.92 -83.06
N ILE C 667 -72.59 -89.18 -83.55
CA ILE C 667 -72.78 -88.38 -84.74
C ILE C 667 -73.06 -89.26 -85.93
N LYS C 668 -72.21 -90.25 -86.14
CA LYS C 668 -72.36 -91.09 -87.30
C LYS C 668 -73.75 -91.70 -87.33
N ASP C 669 -74.19 -92.18 -86.17
CA ASP C 669 -75.49 -92.81 -86.07
C ASP C 669 -76.59 -91.76 -86.05
N SER C 670 -76.23 -90.50 -85.87
CA SER C 670 -77.23 -89.45 -85.96
C SER C 670 -77.67 -89.32 -87.40
N GLY C 671 -76.90 -89.92 -88.29
CA GLY C 671 -77.29 -89.99 -89.69
C GLY C 671 -78.52 -90.84 -89.81
N LEU C 672 -79.56 -90.33 -90.47
CA LEU C 672 -80.79 -91.11 -90.63
C LEU C 672 -80.48 -92.36 -91.45
N LEU C 673 -80.17 -92.16 -92.73
CA LEU C 673 -79.77 -93.25 -93.62
C LEU C 673 -78.27 -93.36 -93.84
N ASP C 674 -77.66 -94.45 -93.40
CA ASP C 674 -76.24 -94.64 -93.69
C ASP C 674 -76.04 -95.25 -95.06
N TYR C 675 -75.49 -94.45 -95.95
CA TYR C 675 -75.24 -94.84 -97.32
C TYR C 675 -74.40 -96.11 -97.46
N THR C 676 -73.36 -96.29 -96.66
CA THR C 676 -72.53 -97.48 -96.81
C THR C 676 -73.37 -98.68 -96.42
N GLU C 677 -74.09 -98.54 -95.31
CA GLU C 677 -74.95 -99.61 -94.82
C GLU C 677 -75.94 -100.03 -95.91
N VAL C 678 -76.57 -99.06 -96.54
CA VAL C 678 -77.56 -99.37 -97.54
C VAL C 678 -76.94 -100.06 -98.72
N GLN C 679 -75.90 -99.46 -99.29
CA GLN C 679 -75.22 -100.08 -100.42
C GLN C 679 -74.66 -101.43 -100.05
N ARG C 680 -74.16 -101.56 -98.83
CA ARG C 680 -73.69 -102.84 -98.35
C ARG C 680 -74.81 -103.85 -98.51
N ARG C 681 -75.98 -103.49 -98.02
CA ARG C 681 -77.14 -104.39 -98.07
C ARG C 681 -77.59 -104.64 -99.51
N ASN C 682 -77.98 -103.58 -100.20
CA ASN C 682 -78.51 -103.66 -101.55
C ASN C 682 -77.66 -104.55 -102.46
N GLN C 683 -76.36 -104.60 -102.19
CA GLN C 683 -75.42 -105.34 -103.05
C GLN C 683 -75.21 -106.78 -102.56
N LEU C 684 -75.77 -107.10 -101.40
CA LEU C 684 -75.77 -108.46 -100.88
C LEU C 684 -76.94 -109.26 -101.43
N HIS C 685 -78.00 -108.54 -101.74
CA HIS C 685 -79.30 -109.08 -102.11
C HIS C 685 -79.21 -110.42 -102.82
N ASP C 686 -78.43 -110.45 -103.89
CA ASP C 686 -78.38 -111.61 -104.75
C ASP C 686 -77.82 -112.82 -104.03
N LEU C 687 -76.73 -112.61 -103.31
CA LEU C 687 -76.12 -113.72 -102.61
C LEU C 687 -77.09 -114.23 -101.56
N ARG C 688 -77.85 -113.33 -100.96
CA ARG C 688 -78.77 -113.74 -99.92
C ARG C 688 -80.04 -114.38 -100.48
N PHE C 689 -80.52 -113.89 -101.60
CA PHE C 689 -81.87 -114.27 -101.99
C PHE C 689 -81.99 -115.10 -103.28
N ALA C 690 -80.92 -115.25 -104.03
CA ALA C 690 -81.04 -115.98 -105.28
C ALA C 690 -79.80 -116.79 -105.55
N ASP C 691 -79.81 -117.48 -106.69
CA ASP C 691 -78.69 -118.31 -107.10
C ASP C 691 -78.06 -117.74 -108.36
N ILE C 692 -76.96 -117.02 -108.17
CA ILE C 692 -76.30 -116.25 -109.22
C ILE C 692 -75.27 -117.05 -110.01
N ASP C 693 -75.24 -118.36 -109.79
CA ASP C 693 -74.16 -119.19 -110.32
C ASP C 693 -74.66 -120.38 -111.13
N THR C 694 -75.63 -121.09 -110.57
CA THR C 694 -76.20 -122.25 -111.24
C THR C 694 -76.72 -121.84 -112.61
N VAL C 695 -76.33 -122.60 -113.64
CA VAL C 695 -76.68 -122.25 -115.00
C VAL C 695 -77.69 -123.22 -115.59
N ILE C 696 -78.68 -122.69 -116.30
CA ILE C 696 -79.69 -123.53 -116.95
C ILE C 696 -79.45 -123.56 -118.47
N HIS C 697 -79.87 -124.64 -119.12
CA HIS C 697 -79.63 -124.85 -120.55
C HIS C 697 -80.94 -125.10 -121.29
N ASP D 76 55.30 64.97 -3.11
CA ASP D 76 55.34 66.41 -2.88
C ASP D 76 55.03 66.78 -1.43
N ILE D 77 53.79 66.53 -1.01
CA ILE D 77 53.34 67.00 0.28
C ILE D 77 54.06 66.30 1.41
N LYS D 78 55.24 66.78 1.75
CA LYS D 78 55.89 66.27 2.93
C LYS D 78 55.26 66.96 4.13
N ALA D 79 55.68 66.58 5.33
CA ALA D 79 55.12 67.15 6.54
C ALA D 79 55.52 68.61 6.73
N GLU D 80 54.59 69.47 7.09
CA GLU D 80 54.90 70.87 7.36
C GLU D 80 55.82 71.05 8.57
N ASN D 81 55.38 70.56 9.72
CA ASN D 81 56.24 70.58 10.91
C ASN D 81 57.43 69.66 10.72
N THR D 82 58.61 70.25 10.59
CA THR D 82 59.84 69.51 10.37
C THR D 82 60.18 68.53 11.49
N ASP D 83 60.04 69.00 12.73
CA ASP D 83 60.50 68.26 13.89
C ASP D 83 59.51 67.18 14.28
N ALA D 84 59.89 65.92 14.08
CA ALA D 84 59.01 64.79 14.40
C ALA D 84 59.70 63.43 14.28
N ASN D 85 59.03 62.39 14.76
CA ASN D 85 59.47 61.03 14.49
C ASN D 85 58.34 60.08 14.13
N PHE D 86 58.65 59.09 13.30
CA PHE D 86 57.65 58.18 12.77
C PHE D 86 58.11 56.76 13.02
N TYR D 87 57.16 55.83 13.09
CA TYR D 87 57.53 54.44 13.33
C TYR D 87 56.75 53.46 12.50
N VAL D 88 57.46 52.51 11.92
CA VAL D 88 56.81 51.38 11.30
C VAL D 88 56.82 50.29 12.33
N CYS D 89 55.64 49.81 12.69
CA CYS D 89 55.55 48.81 13.73
C CYS D 89 55.00 47.54 13.14
N PRO D 90 55.90 46.66 12.71
CA PRO D 90 55.50 45.37 12.14
C PRO D 90 54.74 44.58 13.20
N PRO D 91 53.90 43.62 12.78
CA PRO D 91 53.24 42.72 13.72
C PRO D 91 54.29 42.00 14.54
N PRO D 92 54.03 41.82 15.84
CA PRO D 92 55.02 41.26 16.78
C PRO D 92 55.62 39.95 16.31
N THR D 93 56.87 39.75 16.65
CA THR D 93 57.55 38.49 16.40
C THR D 93 56.76 37.30 16.95
N GLY D 94 56.44 37.35 18.25
CA GLY D 94 55.88 36.23 18.96
C GLY D 94 56.98 35.61 19.81
N ALA D 95 58.21 35.95 19.42
CA ALA D 95 59.39 35.57 20.17
C ALA D 95 59.28 36.04 21.60
N THR D 96 58.71 37.22 21.81
CA THR D 96 58.59 37.76 23.14
C THR D 96 57.16 38.08 23.52
N VAL D 97 56.80 37.65 24.72
CA VAL D 97 55.50 37.96 25.32
C VAL D 97 55.74 38.39 26.75
N VAL D 98 54.81 39.16 27.30
CA VAL D 98 55.01 39.68 28.63
C VAL D 98 53.71 39.68 29.44
N GLN D 99 53.83 39.75 30.75
CA GLN D 99 52.65 39.73 31.60
C GLN D 99 52.59 40.96 32.48
N PHE D 100 51.38 41.48 32.68
CA PHE D 100 51.23 42.61 33.58
C PHE D 100 51.54 42.18 34.99
N GLU D 101 52.22 43.03 35.74
CA GLU D 101 52.44 42.73 37.14
C GLU D 101 51.10 42.65 37.81
N GLN D 102 50.84 41.51 38.43
CA GLN D 102 49.60 41.28 39.14
C GLN D 102 49.55 42.10 40.41
N PRO D 103 48.32 42.36 40.93
CA PRO D 103 48.12 43.22 42.10
C PRO D 103 49.04 42.85 43.24
N ARG D 104 49.52 43.88 43.95
CA ARG D 104 50.44 43.69 45.06
C ARG D 104 49.67 43.69 46.36
N ARG D 105 50.33 43.25 47.43
CA ARG D 105 49.74 43.27 48.76
C ARG D 105 49.86 44.67 49.28
N CYS D 106 48.74 45.27 49.68
CA CYS D 106 48.80 46.63 50.18
C CYS D 106 48.77 46.68 51.69
N PRO D 107 49.84 47.20 52.28
CA PRO D 107 50.21 47.26 53.71
C PRO D 107 49.07 47.64 54.65
N THR D 108 49.27 47.36 55.93
CA THR D 108 48.28 47.70 56.94
C THR D 108 48.74 48.94 57.67
N ARG D 109 47.78 49.71 58.16
CA ARG D 109 48.10 50.90 58.94
C ARG D 109 48.89 50.52 60.18
N PRO D 110 50.09 51.07 60.33
CA PRO D 110 50.99 50.84 61.46
C PRO D 110 50.22 50.88 62.79
N GLU D 111 50.41 49.86 63.63
CA GLU D 111 49.57 49.61 64.81
C GLU D 111 49.47 50.78 65.80
N GLY D 112 48.24 51.31 65.94
CA GLY D 112 47.94 52.54 66.66
C GLY D 112 48.52 52.78 68.05
N GLN D 113 48.88 54.04 68.29
CA GLN D 113 49.55 54.45 69.52
C GLN D 113 48.64 54.27 70.70
N ASN D 114 49.06 53.47 71.67
CA ASN D 114 48.24 53.27 72.84
C ASN D 114 48.71 54.12 74.01
N TYR D 115 47.86 55.05 74.39
CA TYR D 115 48.14 56.02 75.45
C TYR D 115 47.35 55.68 76.70
N THR D 116 47.91 55.96 77.87
CA THR D 116 47.11 55.94 79.09
C THR D 116 46.76 57.36 79.52
N GLU D 117 45.54 57.59 79.96
CA GLU D 117 45.21 58.88 80.55
C GLU D 117 45.55 58.83 82.02
N GLY D 118 45.95 59.97 82.58
CA GLY D 118 46.17 60.07 84.00
C GLY D 118 46.35 61.50 84.45
N ILE D 119 46.48 61.69 85.75
CA ILE D 119 46.80 62.98 86.32
C ILE D 119 48.24 62.96 86.76
N ALA D 120 48.97 64.00 86.43
CA ALA D 120 50.35 64.03 86.83
C ALA D 120 50.61 65.23 87.69
N VAL D 121 51.62 65.11 88.54
CA VAL D 121 52.15 66.25 89.27
C VAL D 121 53.65 66.21 89.11
N VAL D 122 54.22 67.28 88.55
CA VAL D 122 55.64 67.29 88.28
C VAL D 122 56.38 68.09 89.33
N PHE D 123 57.36 67.48 89.96
CA PHE D 123 58.11 68.14 91.00
C PHE D 123 59.53 68.49 90.53
N LYS D 124 60.06 69.60 91.02
CA LYS D 124 61.43 69.99 90.71
C LYS D 124 62.24 70.06 91.99
N GLU D 125 63.56 70.06 91.89
CA GLU D 125 64.41 70.19 93.06
C GLU D 125 64.16 71.51 93.79
N ASN D 126 64.03 71.44 95.12
CA ASN D 126 63.82 72.65 95.92
C ASN D 126 65.12 73.39 96.21
N ILE D 127 65.19 74.65 95.78
CA ILE D 127 66.43 75.42 95.83
C ILE D 127 66.30 76.70 96.64
N ALA D 128 65.05 77.07 96.95
CA ALA D 128 64.81 78.23 97.78
C ALA D 128 64.85 77.75 99.21
N PRO D 129 65.62 78.45 100.06
CA PRO D 129 65.96 77.90 101.37
C PRO D 129 64.78 77.91 102.35
N TYR D 130 64.94 77.22 103.48
CA TYR D 130 63.96 77.30 104.55
C TYR D 130 63.89 78.71 105.14
N LYS D 131 62.68 79.22 105.27
CA LYS D 131 62.48 80.58 105.78
C LYS D 131 61.60 80.59 107.04
N PHE D 132 62.07 81.30 108.06
CA PHE D 132 61.34 81.38 109.32
C PHE D 132 61.65 82.70 109.99
N LYS D 133 60.86 83.05 110.98
CA LYS D 133 61.04 84.33 111.64
C LYS D 133 61.61 84.13 113.03
N ALA D 134 62.25 85.18 113.56
CA ALA D 134 62.89 85.14 114.87
C ALA D 134 62.79 86.49 115.57
N THR D 135 63.74 86.78 116.45
CA THR D 135 63.88 88.10 117.08
C THR D 135 65.27 88.26 117.67
N MET D 136 65.88 89.44 117.52
CA MET D 136 67.24 89.65 118.00
C MET D 136 67.31 90.47 119.28
N TYR D 137 67.76 89.86 120.35
CA TYR D 137 67.85 90.57 121.62
C TYR D 137 69.29 90.86 122.02
N TYR D 138 69.72 92.11 121.81
CA TYR D 138 71.08 92.51 122.16
C TYR D 138 71.18 94.00 122.45
N LYS D 139 72.32 94.43 122.98
CA LYS D 139 72.55 95.82 123.33
C LYS D 139 73.88 96.30 122.75
N ASP D 140 73.88 97.53 122.25
CA ASP D 140 75.10 98.14 121.75
C ASP D 140 75.89 98.90 122.80
N VAL D 141 76.97 98.28 123.26
CA VAL D 141 77.84 98.89 124.25
C VAL D 141 78.88 99.79 123.61
N THR D 142 78.95 101.04 124.06
CA THR D 142 79.88 102.00 123.47
C THR D 142 80.66 102.79 124.51
N VAL D 143 81.94 102.45 124.66
CA VAL D 143 82.83 103.16 125.57
C VAL D 143 83.76 103.98 124.73
N SER D 144 83.62 105.30 124.78
CA SER D 144 84.44 106.18 123.94
C SER D 144 85.44 106.95 124.77
N GLN D 145 86.43 107.54 124.11
CA GLN D 145 87.46 108.33 124.77
C GLN D 145 87.74 109.68 124.10
N VAL D 146 87.53 110.75 124.85
CA VAL D 146 87.72 112.09 124.32
C VAL D 146 88.81 112.84 125.06
N TRP D 147 89.80 113.33 124.34
CA TRP D 147 90.75 114.22 124.96
C TRP D 147 90.38 115.66 124.67
N PHE D 148 90.13 116.42 125.74
CA PHE D 148 89.68 117.79 125.62
C PHE D 148 90.84 118.74 125.41
N GLY D 149 91.02 119.21 124.19
CA GLY D 149 91.96 120.27 123.90
C GLY D 149 91.41 121.59 124.40
N HIS D 150 92.22 122.64 124.40
CA HIS D 150 91.70 123.96 124.75
C HIS D 150 90.88 124.48 123.58
N ARG D 151 89.64 124.87 123.86
CA ARG D 151 88.69 125.31 122.83
C ARG D 151 88.19 124.17 121.93
N TYR D 152 88.67 122.94 122.15
CA TYR D 152 88.17 121.81 121.38
C TYR D 152 88.07 120.50 122.17
N SER D 153 87.72 119.42 121.45
CA SER D 153 87.63 118.08 122.04
C SER D 153 87.66 117.03 120.93
N GLN D 154 88.39 115.94 121.15
CA GLN D 154 88.62 114.95 120.09
C GLN D 154 88.53 113.51 120.56
N PHE D 155 87.90 112.66 119.77
CA PHE D 155 87.86 111.24 120.05
C PHE D 155 89.22 110.64 119.91
N MET D 156 89.75 110.14 121.02
CA MET D 156 91.03 109.48 120.98
C MET D 156 90.83 108.00 120.74
N GLY D 157 89.57 107.62 120.63
CA GLY D 157 89.19 106.24 120.38
C GLY D 157 87.74 105.96 120.73
N ILE D 158 87.14 105.01 120.03
CA ILE D 158 85.76 104.60 120.31
C ILE D 158 85.68 103.08 120.27
N PHE D 159 85.13 102.49 121.32
CA PHE D 159 85.00 101.05 121.38
C PHE D 159 83.53 100.69 121.18
N GLU D 160 83.25 99.79 120.23
CA GLU D 160 81.90 99.29 120.04
C GLU D 160 81.82 97.77 120.15
N ASP D 161 80.85 97.28 120.91
CA ASP D 161 80.59 95.84 120.94
C ASP D 161 79.10 95.62 120.90
N ARG D 162 78.69 94.47 120.37
CA ARG D 162 77.32 93.98 120.53
C ARG D 162 77.33 93.00 121.69
N ALA D 163 76.37 93.14 122.58
CA ALA D 163 76.30 92.28 123.75
C ALA D 163 74.93 91.63 123.84
N PRO D 164 74.90 90.34 124.22
CA PRO D 164 73.63 89.61 124.26
C PRO D 164 72.81 90.06 125.44
N VAL D 165 71.50 90.26 125.21
CA VAL D 165 70.60 90.31 126.35
C VAL D 165 70.37 88.89 126.83
N PRO D 166 70.77 88.59 128.08
CA PRO D 166 70.83 87.20 128.56
C PRO D 166 69.45 86.58 128.60
N PHE D 167 69.40 85.28 128.84
CA PHE D 167 68.12 84.59 128.98
C PHE D 167 67.15 85.30 129.94
N GLU D 168 67.57 85.46 131.19
CA GLU D 168 66.74 86.07 132.25
C GLU D 168 66.09 87.36 131.81
N GLU D 169 66.93 88.37 131.57
CA GLU D 169 66.47 89.71 131.21
C GLU D 169 65.39 89.69 130.13
N VAL D 170 65.53 88.73 129.21
CA VAL D 170 64.57 88.59 128.12
C VAL D 170 63.24 88.09 128.63
N ILE D 171 63.30 87.06 129.47
CA ILE D 171 62.11 86.44 130.04
C ILE D 171 61.52 87.34 131.10
N ASP D 172 62.36 87.68 132.07
CA ASP D 172 62.00 88.53 133.20
C ASP D 172 61.46 89.87 132.74
N LYS D 173 62.25 90.59 131.96
CA LYS D 173 61.99 92.02 131.77
C LYS D 173 61.36 92.44 130.46
N ILE D 174 61.73 91.78 129.38
CA ILE D 174 61.28 92.28 128.09
C ILE D 174 60.02 91.56 127.66
N ASN D 175 60.10 90.24 127.67
CA ASN D 175 58.94 89.41 127.47
C ASN D 175 57.79 89.92 128.33
N ALA D 176 58.02 89.94 129.63
CA ALA D 176 56.98 90.31 130.57
C ALA D 176 56.67 91.79 130.52
N LYS D 177 57.48 92.56 131.24
CA LYS D 177 57.27 93.99 131.42
C LYS D 177 57.41 94.77 130.12
N GLY D 178 58.40 94.44 129.32
CA GLY D 178 58.69 95.21 128.13
C GLY D 178 59.67 96.30 128.45
N VAL D 179 60.72 95.94 129.21
CA VAL D 179 61.82 96.85 129.52
C VAL D 179 63.16 96.16 129.47
N CYS D 180 64.21 96.97 129.57
CA CYS D 180 65.56 96.51 129.46
C CYS D 180 66.29 97.08 130.65
N ARG D 181 67.40 96.45 131.04
CA ARG D 181 68.28 97.07 132.01
C ARG D 181 69.22 97.97 131.25
N SER D 182 69.85 98.91 131.96
CA SER D 182 70.80 99.81 131.34
C SER D 182 72.21 99.30 131.59
N THR D 183 72.32 98.07 132.07
CA THR D 183 73.63 97.47 132.24
C THR D 183 73.77 96.20 131.41
N ALA D 184 75.00 95.73 131.26
CA ALA D 184 75.28 94.63 130.34
C ALA D 184 76.51 93.85 130.75
N LYS D 185 76.30 92.75 131.46
CA LYS D 185 77.43 91.89 131.80
C LYS D 185 77.38 90.62 130.97
N TYR D 186 78.53 90.27 130.41
CA TYR D 186 78.62 89.18 129.46
C TYR D 186 80.06 88.76 129.24
N VAL D 187 80.22 87.64 128.55
CA VAL D 187 81.52 87.01 128.36
C VAL D 187 82.14 87.43 127.04
N ARG D 188 83.24 88.15 127.12
CA ARG D 188 83.90 88.65 125.93
C ARG D 188 85.39 88.55 126.12
N ASN D 189 86.06 87.85 125.22
CA ASN D 189 87.48 87.57 125.39
C ASN D 189 87.77 87.00 126.79
N ASN D 190 87.02 85.97 127.18
CA ASN D 190 87.30 85.22 128.39
C ASN D 190 87.08 85.94 129.73
N LEU D 191 87.19 87.26 129.75
CA LEU D 191 86.83 88.02 130.95
C LEU D 191 85.32 88.29 130.98
N GLU D 192 84.72 88.29 132.17
CA GLU D 192 83.37 88.83 132.30
C GLU D 192 83.39 90.36 132.42
N THR D 193 82.90 91.05 131.40
CA THR D 193 82.90 92.50 131.39
C THR D 193 81.52 93.08 131.69
N THR D 194 81.50 94.24 132.31
CA THR D 194 80.25 94.90 132.66
C THR D 194 80.29 96.34 132.23
N ALA D 195 79.16 96.87 131.79
CA ALA D 195 79.08 98.26 131.38
C ALA D 195 77.79 98.90 131.85
N PHE D 196 77.89 100.09 132.40
CA PHE D 196 76.71 100.80 132.88
C PHE D 196 76.46 101.98 131.96
N HIS D 197 75.24 102.08 131.47
CA HIS D 197 74.86 103.22 130.67
C HIS D 197 75.17 104.51 131.41
N ARG D 198 75.73 105.48 130.70
CA ARG D 198 76.18 106.75 131.29
C ARG D 198 77.04 106.59 132.54
N ASP D 199 77.45 105.36 132.82
CA ASP D 199 78.27 104.99 133.97
C ASP D 199 77.54 105.12 135.29
N ASP D 200 76.27 105.47 135.22
CA ASP D 200 75.46 105.66 136.40
C ASP D 200 74.98 104.33 136.96
N HIS D 201 73.91 104.35 137.73
CA HIS D 201 73.40 103.12 138.33
C HIS D 201 72.33 102.47 137.44
N GLU D 202 71.95 101.24 137.77
CA GLU D 202 71.01 100.49 136.92
C GLU D 202 69.55 100.93 137.07
N THR D 203 68.91 101.17 135.94
CA THR D 203 67.46 101.39 135.90
C THR D 203 66.86 100.65 134.73
N ASP D 204 65.63 100.18 134.89
CA ASP D 204 64.91 99.57 133.78
C ASP D 204 64.34 100.64 132.86
N MET D 205 64.54 100.47 131.55
CA MET D 205 64.17 101.49 130.58
C MET D 205 63.28 100.88 129.53
N GLU D 206 62.24 101.63 129.14
CA GLU D 206 61.17 101.17 128.24
C GLU D 206 61.54 101.30 126.76
N LEU D 207 60.87 100.53 125.91
CA LEU D 207 61.26 100.42 124.50
C LEU D 207 60.28 101.06 123.53
N LYS D 208 60.77 102.04 122.78
CA LYS D 208 59.99 102.65 121.72
C LYS D 208 60.40 102.04 120.40
N PRO D 209 59.48 101.95 119.45
CA PRO D 209 59.85 101.39 118.15
C PRO D 209 60.88 102.27 117.48
N ALA D 210 61.75 101.66 116.70
CA ALA D 210 62.84 102.37 116.06
C ALA D 210 62.35 103.45 115.10
N ASN D 211 63.28 104.28 114.65
CA ASN D 211 62.94 105.38 113.75
C ASN D 211 62.65 104.87 112.34
N ALA D 212 61.44 105.14 111.87
CA ALA D 212 60.92 104.66 110.57
C ALA D 212 61.91 104.57 109.39
N ALA D 213 61.73 103.50 108.61
CA ALA D 213 62.58 103.18 107.47
C ALA D 213 61.86 102.24 106.49
N THR D 214 61.70 102.70 105.26
CA THR D 214 61.12 101.91 104.18
C THR D 214 61.77 100.53 104.08
N ARG D 215 60.96 99.53 103.80
CA ARG D 215 61.43 98.17 103.58
C ARG D 215 62.24 97.66 104.77
N THR D 216 61.60 97.56 105.93
CA THR D 216 62.32 97.16 107.14
C THR D 216 61.40 96.71 108.26
N SER D 217 61.67 95.52 108.82
CA SER D 217 60.86 94.98 109.91
C SER D 217 61.02 95.78 111.21
N ARG D 218 60.64 95.18 112.32
CA ARG D 218 60.55 95.98 113.54
C ARG D 218 61.85 96.06 114.31
N GLY D 219 61.86 96.98 115.26
CA GLY D 219 63.05 97.34 116.00
C GLY D 219 62.69 98.27 117.13
N TRP D 220 63.14 97.93 118.32
CA TRP D 220 62.88 98.76 119.47
C TRP D 220 64.20 98.90 120.18
N HIS D 221 64.29 99.91 121.04
CA HIS D 221 65.52 100.17 121.75
C HIS D 221 65.28 101.06 122.96
N THR D 222 66.35 101.45 123.65
CA THR D 222 66.22 102.26 124.85
C THR D 222 66.86 103.65 124.71
N THR D 223 68.06 103.70 124.17
CA THR D 223 68.86 104.92 124.22
C THR D 223 68.94 105.66 122.90
N ASP D 224 68.66 106.95 122.94
CA ASP D 224 68.71 107.78 121.75
C ASP D 224 70.13 108.13 121.34
N LEU D 225 70.86 108.79 122.23
CA LEU D 225 72.15 109.39 121.91
C LEU D 225 73.26 108.65 122.59
N LYS D 226 74.48 108.81 122.07
CA LYS D 226 75.67 108.22 122.67
C LYS D 226 76.13 109.00 123.90
N TYR D 227 76.63 108.31 124.92
CA TYR D 227 77.13 109.03 126.10
C TYR D 227 78.62 109.36 126.05
N ASN D 228 78.92 110.63 126.27
CA ASN D 228 80.27 111.13 126.28
C ASN D 228 80.49 112.01 127.52
N PRO D 229 81.69 111.93 128.13
CA PRO D 229 82.06 112.65 129.36
C PRO D 229 82.36 114.12 129.11
N SER D 230 82.41 114.94 130.16
CA SER D 230 82.67 116.36 130.00
C SER D 230 84.02 116.80 130.56
N ARG D 231 84.46 117.98 130.13
CA ARG D 231 85.74 118.52 130.56
C ARG D 231 85.61 119.21 131.91
N ALA D 234 90.54 119.28 130.17
CA ALA D 234 91.80 119.50 129.45
C ALA D 234 92.60 118.21 129.24
N PHE D 235 91.92 117.07 129.43
CA PHE D 235 92.54 115.74 129.39
C PHE D 235 91.64 114.73 128.68
N HIS D 236 91.91 113.45 128.89
CA HIS D 236 91.07 112.36 128.40
C HIS D 236 89.93 112.00 129.36
N ARG D 237 89.06 111.08 128.93
CA ARG D 237 87.95 110.58 129.74
C ARG D 237 87.18 109.47 129.02
N TYR D 238 86.60 108.54 129.77
CA TYR D 238 85.79 107.46 129.21
C TYR D 238 84.29 107.76 129.37
N GLY D 239 83.48 107.30 128.43
CA GLY D 239 82.05 107.54 128.49
C GLY D 239 81.31 106.35 127.93
N THR D 240 80.48 105.73 128.78
CA THR D 240 79.81 104.50 128.37
C THR D 240 78.38 104.75 127.84
N THR D 241 78.06 104.07 126.75
CA THR D 241 76.72 104.12 126.21
C THR D 241 76.21 102.70 126.12
N VAL D 242 74.93 102.49 126.43
CA VAL D 242 74.36 101.15 126.45
C VAL D 242 72.93 101.17 125.92
N ASN D 243 72.77 100.94 124.61
CA ASN D 243 71.45 100.92 124.02
C ASN D 243 71.00 99.51 123.70
N CYS D 244 69.89 99.11 124.30
CA CYS D 244 69.38 97.76 124.16
C CYS D 244 68.46 97.68 122.95
N ILE D 245 68.80 96.83 121.97
CA ILE D 245 68.06 96.75 120.72
C ILE D 245 67.46 95.37 120.44
N VAL D 246 66.19 95.39 120.02
CA VAL D 246 65.49 94.19 119.61
C VAL D 246 64.90 94.37 118.25
N GLU D 247 65.22 93.45 117.34
CA GLU D 247 64.62 93.53 116.00
C GLU D 247 64.04 92.19 115.60
N GLU D 248 62.79 92.20 115.18
CA GLU D 248 62.23 91.02 114.56
C GLU D 248 62.89 91.06 113.21
N VAL D 249 63.56 89.98 112.85
CA VAL D 249 64.27 89.93 111.59
C VAL D 249 63.85 88.66 110.87
N ASP D 250 64.26 88.51 109.62
CA ASP D 250 64.02 87.28 108.88
C ASP D 250 65.22 86.34 108.98
N ALA D 251 64.98 85.05 108.80
CA ALA D 251 66.00 84.03 108.93
C ALA D 251 65.92 83.00 107.83
N ARG D 252 67.07 82.66 107.25
CA ARG D 252 67.08 81.74 106.12
C ARG D 252 68.03 80.57 106.43
N SER D 253 67.51 79.34 106.35
CA SER D 253 68.34 78.16 106.64
C SER D 253 68.52 77.37 105.37
N VAL D 254 69.69 76.77 105.19
CA VAL D 254 69.94 75.96 103.99
C VAL D 254 70.27 74.51 104.30
N TYR D 255 69.60 73.62 103.57
CA TYR D 255 69.91 72.20 103.59
C TYR D 255 71.39 71.93 103.74
N PRO D 256 71.76 71.05 104.67
CA PRO D 256 70.85 70.29 105.53
C PRO D 256 70.35 71.07 106.76
N TYR D 257 70.42 72.39 106.73
CA TYR D 257 69.80 73.22 107.76
C TYR D 257 70.49 72.96 109.09
N ASP D 258 71.76 72.58 109.03
CA ASP D 258 72.55 72.37 110.23
C ASP D 258 72.87 73.70 110.90
N GLU D 259 72.77 74.80 110.16
CA GLU D 259 72.89 76.13 110.75
C GLU D 259 71.96 77.08 110.03
N PHE D 260 71.89 78.33 110.49
CA PHE D 260 71.09 79.32 109.77
C PHE D 260 71.61 80.75 109.92
N VAL D 261 70.91 81.70 109.30
CA VAL D 261 71.34 83.11 109.28
C VAL D 261 70.21 84.10 109.39
N LEU D 262 70.54 85.29 109.89
CA LEU D 262 69.58 86.33 110.14
C LEU D 262 69.75 87.46 109.16
N ALA D 263 68.73 88.30 109.05
CA ALA D 263 68.73 89.39 108.07
C ALA D 263 69.90 90.31 108.26
N THR D 264 70.43 90.37 109.47
CA THR D 264 71.48 91.34 109.72
C THR D 264 72.78 90.84 109.12
N GLY D 265 72.77 89.61 108.65
CA GLY D 265 73.94 89.01 108.02
C GLY D 265 74.61 88.07 108.98
N ASP D 266 73.94 87.80 110.10
CA ASP D 266 74.57 87.01 111.13
C ASP D 266 74.32 85.52 111.01
N PHE D 267 75.41 84.75 111.10
CA PHE D 267 75.29 83.31 111.14
C PHE D 267 75.01 82.81 112.54
N VAL D 268 74.21 81.76 112.64
CA VAL D 268 73.95 81.08 113.89
C VAL D 268 74.11 79.59 113.71
N TYR D 269 75.14 79.03 114.32
CA TYR D 269 75.60 77.69 113.95
C TYR D 269 74.87 76.55 114.66
N MET D 270 73.56 76.55 114.49
CA MET D 270 72.72 75.57 115.10
C MET D 270 71.59 75.29 114.12
N SER D 271 71.07 74.07 114.10
CA SER D 271 69.90 73.79 113.27
C SER D 271 68.72 74.61 113.79
N PRO D 272 67.86 75.10 112.88
CA PRO D 272 66.67 75.84 113.30
C PRO D 272 65.68 74.91 113.97
N PHE D 273 65.97 73.61 113.87
CA PHE D 273 65.06 72.60 114.38
C PHE D 273 65.50 72.05 115.72
N TYR D 274 66.72 72.36 116.14
CA TYR D 274 67.22 71.93 117.44
C TYR D 274 66.27 72.23 118.59
N GLY D 275 66.02 71.22 119.42
CA GLY D 275 65.12 71.35 120.54
C GLY D 275 65.33 70.19 121.51
N TYR D 276 64.40 70.02 122.44
CA TYR D 276 64.48 68.90 123.36
C TYR D 276 63.48 67.81 122.96
N ARG D 277 62.33 68.24 122.43
CA ARG D 277 61.32 67.28 122.05
C ARG D 277 61.86 66.52 120.86
N GLU D 278 61.43 65.26 120.74
CA GLU D 278 61.76 64.39 119.61
C GLU D 278 63.25 64.24 119.36
N GLY D 279 63.60 64.05 118.09
CA GLY D 279 65.00 63.91 117.73
C GLY D 279 65.74 65.22 117.78
N SER D 280 65.03 66.34 117.94
CA SER D 280 65.67 67.63 117.76
C SER D 280 66.71 67.93 118.81
N HIS D 281 67.04 66.94 119.62
CA HIS D 281 68.22 67.03 120.47
C HIS D 281 69.32 66.24 119.79
N THR D 282 69.07 65.83 118.55
CA THR D 282 70.09 65.13 117.79
C THR D 282 70.44 65.99 116.60
N GLU D 283 69.78 67.15 116.53
CA GLU D 283 70.05 68.13 115.49
C GLU D 283 71.31 68.90 115.83
N HIS D 284 71.89 69.55 114.83
CA HIS D 284 73.22 70.15 115.02
C HIS D 284 73.27 71.37 115.91
N THR D 285 74.25 71.38 116.80
CA THR D 285 74.59 72.60 117.52
C THR D 285 76.10 72.70 117.70
N SER D 286 76.61 73.90 117.44
CA SER D 286 78.02 74.16 117.53
C SER D 286 78.30 74.87 118.85
N TYR D 287 77.34 74.82 119.75
CA TYR D 287 77.39 75.65 120.94
C TYR D 287 77.37 74.86 122.27
N ALA D 288 78.00 75.44 123.29
CA ALA D 288 77.99 74.85 124.63
C ALA D 288 76.57 74.81 125.18
N ALA D 289 76.25 73.70 125.84
CA ALA D 289 74.87 73.38 126.26
C ALA D 289 74.08 74.50 126.92
N ASP D 290 74.77 75.34 127.69
CA ASP D 290 74.10 76.36 128.49
C ASP D 290 73.78 77.64 127.71
N ARG D 291 74.20 77.69 126.45
CA ARG D 291 73.86 78.81 125.62
C ARG D 291 72.43 78.67 125.13
N PHE D 292 71.92 77.45 125.15
CA PHE D 292 70.57 77.22 124.61
C PHE D 292 69.51 76.93 125.65
N LYS D 293 68.34 77.54 125.46
CA LYS D 293 67.22 77.32 126.37
C LYS D 293 65.90 77.25 125.60
N GLN D 294 65.37 76.05 125.47
CA GLN D 294 64.02 75.86 124.92
C GLN D 294 63.03 76.03 126.06
N VAL D 295 62.05 76.90 125.85
CA VAL D 295 61.08 77.23 126.90
C VAL D 295 59.68 76.89 126.48
N ASP D 296 58.97 76.18 127.33
CA ASP D 296 57.65 75.71 126.95
C ASP D 296 56.52 76.62 127.36
N GLY D 297 55.36 76.35 126.79
CA GLY D 297 54.15 77.10 127.09
C GLY D 297 54.33 78.60 127.00
N PHE D 298 55.21 79.02 126.08
CA PHE D 298 55.59 80.42 125.99
C PHE D 298 54.51 81.33 125.40
N TYR D 299 54.41 82.54 125.95
CA TYR D 299 53.41 83.53 125.55
C TYR D 299 54.05 84.90 125.37
N ALA D 300 54.31 85.29 124.13
CA ALA D 300 54.98 86.56 123.87
C ALA D 300 54.10 87.77 124.12
N ARG D 301 54.72 88.89 124.47
CA ARG D 301 53.99 90.14 124.58
C ARG D 301 54.51 91.08 123.53
N ASP D 302 53.62 91.51 122.64
CA ASP D 302 53.97 92.46 121.59
C ASP D 302 54.57 93.74 122.19
N LEU D 303 55.54 94.31 121.48
CA LEU D 303 56.25 95.46 122.01
C LEU D 303 55.68 96.78 121.53
N THR D 304 54.54 96.71 120.89
CA THR D 304 53.86 97.92 120.50
C THR D 304 52.51 97.86 121.20
N THR D 305 51.74 96.84 120.86
CA THR D 305 50.38 96.68 121.35
C THR D 305 50.33 96.41 122.85
N LYS D 306 51.39 95.81 123.37
CA LYS D 306 51.42 95.20 124.71
C LYS D 306 50.48 93.98 124.77
N ALA D 307 49.99 93.53 123.63
CA ALA D 307 49.09 92.38 123.59
C ALA D 307 49.87 91.11 123.91
N ARG D 308 49.15 90.03 124.19
CA ARG D 308 49.79 88.75 124.47
C ARG D 308 49.24 87.71 123.50
N ALA D 309 49.98 86.61 123.33
CA ALA D 309 49.66 85.59 122.33
C ALA D 309 48.32 84.90 122.57
N THR D 310 47.73 84.38 121.50
CA THR D 310 46.51 83.59 121.62
C THR D 310 46.90 82.20 122.13
N ALA D 311 47.70 81.51 121.32
CA ALA D 311 48.17 80.19 121.68
C ALA D 311 49.61 80.33 122.08
N PRO D 312 50.16 79.32 122.76
CA PRO D 312 51.58 79.34 123.09
C PRO D 312 52.46 78.79 121.98
N THR D 313 53.77 78.75 122.24
CA THR D 313 54.74 78.18 121.33
C THR D 313 55.90 77.59 122.12
N THR D 314 56.65 76.70 121.50
CA THR D 314 57.82 76.15 122.15
C THR D 314 59.04 76.98 121.78
N ARG D 315 59.25 78.07 122.54
CA ARG D 315 60.29 79.07 122.28
C ARG D 315 61.72 78.57 122.46
N ASN D 316 62.56 78.78 121.44
CA ASN D 316 63.99 78.57 121.59
C ASN D 316 64.66 79.91 121.84
N LEU D 317 65.75 79.91 122.61
CA LEU D 317 66.58 81.11 122.81
C LEU D 317 68.05 80.77 122.84
N LEU D 318 68.79 81.28 121.86
CA LEU D 318 70.21 81.01 121.79
C LEU D 318 70.97 82.28 122.08
N THR D 319 72.06 82.16 122.83
CA THR D 319 72.88 83.31 123.16
C THR D 319 74.26 83.22 122.55
N THR D 320 74.43 83.80 121.38
CA THR D 320 75.75 83.89 120.79
C THR D 320 76.59 84.85 121.63
N PRO D 321 77.91 84.85 121.42
CA PRO D 321 78.75 85.81 122.15
C PRO D 321 78.32 87.22 121.82
N LYS D 322 77.80 87.42 120.60
CA LYS D 322 77.39 88.75 120.19
C LYS D 322 75.90 89.02 120.40
N PHE D 323 75.07 87.98 120.57
CA PHE D 323 73.63 88.24 120.79
C PHE D 323 72.81 87.04 121.26
N THR D 324 71.53 87.30 121.56
CA THR D 324 70.58 86.25 121.93
C THR D 324 69.43 86.23 120.97
N VAL D 325 69.08 85.05 120.47
CA VAL D 325 68.05 84.97 119.45
C VAL D 325 66.92 83.98 119.76
N ALA D 326 65.68 84.42 119.55
CA ALA D 326 64.52 83.58 119.86
C ALA D 326 63.67 83.30 118.62
N TRP D 327 63.08 82.12 118.56
CA TRP D 327 62.19 81.75 117.47
C TRP D 327 61.32 80.55 117.81
N ASP D 328 60.13 80.49 117.23
CA ASP D 328 59.23 79.37 117.48
C ASP D 328 59.78 78.08 116.92
N TRP D 329 60.08 77.14 117.81
CA TRP D 329 60.47 75.83 117.35
C TRP D 329 59.30 75.19 116.64
N VAL D 330 59.57 74.59 115.48
CA VAL D 330 58.67 73.60 114.86
C VAL D 330 59.54 72.52 114.19
N PRO D 331 59.09 71.26 114.22
CA PRO D 331 59.89 70.11 113.79
C PRO D 331 60.32 70.19 112.32
N LYS D 332 61.39 69.48 111.99
CA LYS D 332 62.02 69.58 110.67
C LYS D 332 61.19 69.01 109.54
N ARG D 333 61.05 67.68 109.54
CA ARG D 333 60.38 66.98 108.44
C ARG D 333 59.06 67.58 107.95
N PRO D 334 58.16 67.98 108.86
CA PRO D 334 56.91 68.53 108.32
C PRO D 334 57.08 69.96 107.80
N SER D 335 58.28 70.50 107.94
CA SER D 335 58.49 71.91 107.72
C SER D 335 59.29 72.21 106.47
N VAL D 336 59.96 71.20 105.94
CA VAL D 336 60.77 71.37 104.73
C VAL D 336 60.63 70.21 103.75
N CYS D 337 61.26 70.37 102.59
CA CYS D 337 61.26 69.34 101.56
C CYS D 337 62.31 69.61 100.51
N THR D 338 63.06 68.60 100.13
CA THR D 338 64.09 68.79 99.13
C THR D 338 63.48 68.80 97.73
N MET D 339 62.19 69.10 97.66
CA MET D 339 61.47 69.04 96.42
C MET D 339 60.38 70.08 96.43
N THR D 340 59.98 70.51 95.24
CA THR D 340 59.00 71.57 95.11
C THR D 340 57.95 71.21 94.07
N LYS D 341 56.68 71.30 94.46
CA LYS D 341 55.57 71.16 93.53
C LYS D 341 55.73 72.24 92.49
N TRP D 342 55.70 71.86 91.22
CA TRP D 342 55.99 72.83 90.21
C TRP D 342 54.94 72.88 89.11
N GLN D 343 54.31 71.73 88.84
CA GLN D 343 53.20 71.72 87.89
C GLN D 343 52.14 70.68 88.26
N GLU D 344 50.87 71.07 88.09
CA GLU D 344 49.71 70.20 88.25
C GLU D 344 49.16 69.92 86.88
N VAL D 345 49.34 68.70 86.36
CA VAL D 345 48.81 68.38 85.04
C VAL D 345 47.64 67.41 85.05
N ASP D 346 46.48 67.94 84.66
CA ASP D 346 45.24 67.18 84.59
C ASP D 346 45.41 65.93 83.78
N GLU D 347 45.75 66.12 82.52
CA GLU D 347 45.77 65.03 81.57
C GLU D 347 47.16 64.84 80.99
N MET D 348 48.03 64.19 81.74
CA MET D 348 49.33 63.85 81.21
C MET D 348 49.21 62.44 80.70
N LEU D 349 49.32 62.28 79.39
CA LEU D 349 49.15 60.96 78.73
C LEU D 349 50.41 60.16 78.79
N ARG D 350 50.24 58.87 79.02
CA ARG D 350 51.38 58.02 79.24
C ARG D 350 51.38 56.90 78.23
N SER D 351 52.42 56.89 77.41
CA SER D 351 52.54 55.92 76.33
C SER D 351 53.83 55.17 76.51
N GLU D 352 53.90 53.98 75.92
CA GLU D 352 55.01 53.07 76.18
C GLU D 352 55.86 52.88 74.94
N TYR D 353 57.16 53.15 75.05
CA TYR D 353 58.06 53.01 73.91
C TYR D 353 59.20 52.00 74.11
N GLY D 354 60.45 52.44 73.90
CA GLY D 354 61.57 51.53 73.84
C GLY D 354 62.35 51.35 75.13
N GLY D 355 61.72 50.73 76.11
CA GLY D 355 62.30 50.65 77.44
C GLY D 355 62.41 52.07 77.94
N SER D 356 61.27 52.77 77.92
CA SER D 356 61.14 54.17 78.35
C SER D 356 59.66 54.55 78.29
N PHE D 357 59.27 55.50 79.12
CA PHE D 357 57.93 56.05 79.10
C PHE D 357 57.99 57.43 78.50
N ARG D 358 56.86 57.92 78.00
CA ARG D 358 56.79 59.25 77.44
C ARG D 358 55.61 59.96 78.04
N PHE D 359 55.86 60.75 79.07
CA PHE D 359 54.77 61.46 79.68
C PHE D 359 54.52 62.74 78.92
N SER D 360 53.40 62.78 78.23
CA SER D 360 53.10 63.94 77.44
C SER D 360 52.06 64.75 78.13
N SER D 361 52.20 66.06 78.05
CA SER D 361 51.09 66.95 78.34
C SER D 361 51.00 68.01 77.29
N ASP D 362 49.76 68.41 77.01
CA ASP D 362 49.51 69.31 75.92
C ASP D 362 49.39 70.70 76.48
N ALA D 363 48.93 70.75 77.72
CA ALA D 363 48.75 72.00 78.42
C ALA D 363 50.08 72.70 78.47
N ILE D 364 51.06 72.06 79.10
CA ILE D 364 52.41 72.58 79.13
C ILE D 364 53.11 72.35 77.79
N SER D 365 52.47 71.59 76.91
CA SER D 365 53.01 71.33 75.57
C SER D 365 54.38 70.73 75.74
N THR D 366 54.46 69.63 76.49
CA THR D 366 55.77 69.07 76.85
C THR D 366 55.72 67.56 77.03
N THR D 367 56.86 66.91 76.83
CA THR D 367 56.94 65.47 77.05
C THR D 367 58.23 65.03 77.70
N PHE D 368 58.10 64.26 78.78
CA PHE D 368 59.25 63.82 79.55
C PHE D 368 59.41 62.33 79.40
N THR D 369 60.61 61.84 79.65
CA THR D 369 60.84 60.39 79.63
C THR D 369 61.44 59.97 80.93
N THR D 370 61.11 58.74 81.34
CA THR D 370 61.72 58.14 82.50
C THR D 370 62.21 56.74 82.13
N ASN D 371 62.42 55.91 83.14
CA ASN D 371 62.57 54.50 82.90
C ASN D 371 61.22 53.85 83.00
N LEU D 372 61.15 52.56 82.70
CA LEU D 372 59.88 51.85 82.83
C LEU D 372 59.60 51.58 84.30
N THR D 373 60.66 51.50 85.08
CA THR D 373 60.53 51.19 86.49
C THR D 373 60.13 52.41 87.30
N GLU D 374 59.22 52.23 88.26
CA GLU D 374 58.77 53.31 89.12
C GLU D 374 59.88 53.77 90.04
N TYR D 375 59.85 55.04 90.42
CA TYR D 375 60.81 55.60 91.36
C TYR D 375 60.34 55.53 92.80
N PRO D 376 61.20 55.05 93.70
CA PRO D 376 60.92 54.86 95.13
C PRO D 376 61.02 56.14 95.94
N LEU D 377 59.88 56.68 96.37
CA LEU D 377 59.84 57.87 97.21
C LEU D 377 60.70 57.73 98.46
N SER D 378 60.75 56.52 98.98
CA SER D 378 61.56 56.16 100.12
C SER D 378 62.95 56.73 99.99
N ARG D 379 63.58 56.50 98.85
CA ARG D 379 64.97 56.93 98.60
C ARG D 379 65.25 58.43 98.84
N VAL D 380 64.21 59.24 98.93
CA VAL D 380 64.40 60.69 99.04
C VAL D 380 64.68 61.13 100.47
N ASP D 381 65.83 61.76 100.67
CA ASP D 381 66.09 62.42 101.94
C ASP D 381 65.09 63.55 102.10
N LEU D 382 64.38 63.57 103.22
CA LEU D 382 63.62 64.74 103.65
C LEU D 382 62.45 65.18 102.80
N GLY D 383 62.24 64.53 101.65
CA GLY D 383 61.17 64.92 100.75
C GLY D 383 59.83 64.31 101.12
N ASP D 384 59.25 64.77 102.21
CA ASP D 384 58.02 64.17 102.71
C ASP D 384 56.89 65.19 102.66
N CYS D 385 56.80 65.86 101.51
CA CYS D 385 55.77 66.87 101.26
C CYS D 385 55.11 66.51 99.93
N ILE D 386 55.81 65.63 99.23
CA ILE D 386 55.48 65.25 97.87
C ILE D 386 54.15 64.51 97.89
N GLY D 387 54.18 63.35 98.53
CA GLY D 387 53.00 62.52 98.71
C GLY D 387 51.82 63.35 99.15
N LYS D 388 52.04 64.22 100.13
CA LYS D 388 50.96 65.07 100.59
C LYS D 388 50.37 65.86 99.43
N ASP D 389 51.17 66.76 98.85
CA ASP D 389 50.66 67.64 97.82
C ASP D 389 50.20 66.88 96.60
N ALA D 390 50.86 65.76 96.31
CA ALA D 390 50.49 64.90 95.21
C ALA D 390 49.03 64.49 95.32
N ARG D 391 48.71 63.67 96.32
CA ARG D 391 47.34 63.24 96.55
C ARG D 391 46.49 64.47 96.60
N ASP D 392 46.90 65.42 97.44
CA ASP D 392 46.16 66.64 97.73
C ASP D 392 45.53 67.25 96.50
N ALA D 393 46.35 67.45 95.46
CA ALA D 393 45.89 67.98 94.19
C ALA D 393 45.24 66.90 93.33
N MET D 394 45.85 65.72 93.31
CA MET D 394 45.31 64.63 92.52
C MET D 394 43.87 64.37 92.93
N ASP D 395 43.67 64.12 94.23
CA ASP D 395 42.35 64.02 94.80
C ASP D 395 41.52 65.23 94.38
N ARG D 396 42.08 66.42 94.56
CA ARG D 396 41.39 67.65 94.19
C ARG D 396 40.95 67.66 92.71
N ILE D 397 41.72 67.05 91.83
CA ILE D 397 41.40 67.09 90.41
C ILE D 397 40.54 65.93 89.95
N PHE D 398 40.98 64.71 90.27
CA PHE D 398 40.29 63.51 89.79
C PHE D 398 38.82 63.62 90.11
N ALA D 399 38.56 64.15 91.29
CA ALA D 399 37.24 64.58 91.69
C ALA D 399 36.67 65.42 90.56
N ARG D 400 37.17 66.65 90.48
CA ARG D 400 36.62 67.63 89.55
C ARG D 400 36.59 67.17 88.10
N ARG D 401 37.59 66.42 87.67
CA ARG D 401 37.63 66.03 86.26
C ARG D 401 37.18 64.60 85.94
N TYR D 402 37.65 63.61 86.69
CA TYR D 402 37.52 62.26 86.17
C TYR D 402 36.47 61.33 86.79
N ASN D 403 36.11 61.56 88.05
CA ASN D 403 35.26 60.62 88.80
C ASN D 403 34.07 60.02 88.04
N ALA D 404 33.36 60.87 87.32
CA ALA D 404 32.25 60.40 86.49
C ALA D 404 32.77 59.40 85.47
N THR D 405 33.40 59.92 84.42
CA THR D 405 33.77 59.15 83.26
C THR D 405 34.75 58.03 83.55
N HIS D 406 35.61 58.26 84.54
CA HIS D 406 36.60 57.25 84.85
C HIS D 406 36.84 57.19 86.35
N ILE D 407 37.33 56.06 86.84
CA ILE D 407 37.72 56.00 88.25
C ILE D 407 39.10 55.36 88.41
N LYS D 408 39.87 55.93 89.34
CA LYS D 408 41.28 55.61 89.54
C LYS D 408 41.67 54.16 89.37
N VAL D 409 42.86 53.95 88.83
CA VAL D 409 43.51 52.64 88.78
C VAL D 409 44.71 52.68 89.72
N GLY D 410 44.59 52.00 90.86
CA GLY D 410 45.70 51.88 91.79
C GLY D 410 46.09 53.15 92.50
N GLN D 411 47.25 53.10 93.15
CA GLN D 411 47.75 54.20 93.96
C GLN D 411 48.77 55.03 93.17
N PRO D 412 49.03 56.28 93.61
CA PRO D 412 49.91 57.19 92.87
C PRO D 412 51.30 56.61 92.59
N GLN D 413 51.77 56.84 91.38
CA GLN D 413 53.04 56.32 90.95
C GLN D 413 54.02 57.45 90.81
N TYR D 414 55.30 57.12 90.77
CA TYR D 414 56.33 58.14 90.75
C TYR D 414 57.47 57.68 89.88
N TYR D 415 57.72 58.40 88.79
CA TYR D 415 58.88 58.07 87.96
C TYR D 415 59.76 59.29 87.88
N LEU D 416 61.05 59.07 87.59
CA LEU D 416 62.03 60.13 87.52
C LEU D 416 62.37 60.46 86.08
N ALA D 417 62.00 61.66 85.65
CA ALA D 417 62.26 62.04 84.27
C ALA D 417 63.71 62.39 84.07
N ASN D 418 64.17 62.38 82.84
CA ASN D 418 65.46 62.95 82.55
C ASN D 418 65.43 64.42 82.86
N GLY D 419 66.53 64.95 83.38
CA GLY D 419 66.58 66.37 83.71
C GLY D 419 66.18 66.63 85.14
N GLY D 420 65.65 65.60 85.81
CA GLY D 420 65.43 65.63 87.24
C GLY D 420 64.03 66.05 87.65
N PHE D 421 63.04 65.43 87.06
CA PHE D 421 61.68 65.74 87.43
C PHE D 421 61.06 64.56 88.13
N LEU D 422 60.09 64.86 89.00
CA LEU D 422 59.36 63.82 89.67
C LEU D 422 57.92 63.92 89.27
N ILE D 423 57.52 63.03 88.39
CA ILE D 423 56.14 62.97 87.98
C ILE D 423 55.39 62.09 88.95
N ALA D 424 54.55 62.70 89.76
CA ALA D 424 53.58 61.92 90.48
C ALA D 424 52.59 61.50 89.41
N TYR D 425 52.19 60.24 89.37
CA TYR D 425 51.21 59.86 88.36
C TYR D 425 50.07 59.03 88.93
N GLN D 426 48.84 59.44 88.62
CA GLN D 426 47.67 58.63 88.91
C GLN D 426 46.97 58.31 87.62
N PRO D 427 46.94 57.02 87.27
CA PRO D 427 46.34 56.50 86.03
C PRO D 427 44.84 56.39 86.16
N LEU D 428 44.12 56.74 85.09
CA LEU D 428 42.68 56.62 85.04
C LEU D 428 42.31 55.59 83.98
N LEU D 429 41.14 54.97 84.13
CA LEU D 429 40.60 54.09 83.08
C LEU D 429 39.13 54.40 82.84
N SER D 430 38.77 54.67 81.59
CA SER D 430 37.37 54.95 81.27
C SER D 430 36.55 53.74 81.61
N ASN D 431 35.47 53.96 82.34
CA ASN D 431 34.55 52.89 82.73
C ASN D 431 34.07 52.15 81.49
N THR D 432 34.15 52.84 80.35
CA THR D 432 33.79 52.25 79.07
C THR D 432 34.78 51.16 78.69
N LEU D 433 35.94 51.16 79.33
CA LEU D 433 36.91 50.08 79.11
C LEU D 433 37.15 49.35 80.41
N ALA D 434 36.11 49.28 81.24
CA ALA D 434 36.19 48.67 82.55
C ALA D 434 36.84 47.30 82.47
N GLU D 435 36.23 46.40 81.71
CA GLU D 435 36.70 45.02 81.52
C GLU D 435 38.22 44.83 81.48
N LEU D 436 38.94 45.92 81.29
CA LEU D 436 40.40 45.94 81.36
C LEU D 436 40.90 46.26 82.77
N TYR D 437 40.05 46.88 83.59
CA TYR D 437 40.34 47.20 85.00
C TYR D 437 41.04 46.01 85.64
N VAL D 438 40.37 44.87 85.63
CA VAL D 438 40.93 43.63 86.13
C VAL D 438 42.35 43.40 85.59
N ARG D 439 42.52 43.54 84.28
CA ARG D 439 43.85 43.45 83.68
C ARG D 439 44.69 44.67 84.05
N GLU D 440 44.08 45.84 83.91
CA GLU D 440 44.83 47.09 84.08
C GLU D 440 45.27 47.27 85.53
N HIS D 441 44.41 46.82 86.45
CA HIS D 441 44.76 46.92 87.86
C HIS D 441 46.09 46.21 88.08
N LEU D 442 46.18 45.00 87.57
CA LEU D 442 47.41 44.24 87.72
C LEU D 442 48.55 44.88 86.95
N ARG D 443 48.34 45.00 85.63
CA ARG D 443 49.35 45.49 84.67
C ARG D 443 50.26 46.59 85.21
N GLU D 444 49.64 47.62 85.76
CA GLU D 444 50.36 48.81 86.21
C GLU D 444 51.17 48.59 87.47
N GLN D 445 50.65 47.76 88.35
CA GLN D 445 51.28 47.53 89.63
C GLN D 445 52.43 46.53 89.50
N SER D 446 53.09 46.55 88.34
CA SER D 446 54.27 45.73 88.06
C SER D 446 55.48 46.62 87.84
N ARG D 447 55.35 47.88 88.25
CA ARG D 447 56.42 48.85 88.09
C ARG D 447 56.94 49.27 89.45
N LYS D 448 56.14 49.02 90.48
CA LYS D 448 56.51 49.38 91.82
C LYS D 448 57.91 48.90 92.19
N PRO D 449 58.60 49.68 93.03
CA PRO D 449 59.93 49.33 93.52
C PRO D 449 59.84 48.13 94.47
N PRO D 450 60.84 47.23 94.40
CA PRO D 450 60.87 45.98 95.18
C PRO D 450 60.92 46.26 96.69
N ASN D 451 61.94 46.99 97.12
CA ASN D 451 62.08 47.44 98.50
C ASN D 451 62.47 48.91 98.56
N ARG D 467 68.36 65.15 96.85
CA ARG D 467 69.66 65.13 96.18
C ARG D 467 69.50 65.15 94.65
N ILE D 468 68.31 64.80 94.18
CA ILE D 468 67.95 65.04 92.78
C ILE D 468 68.23 66.48 92.38
N LYS D 469 68.92 66.61 91.25
CA LYS D 469 69.11 67.89 90.61
C LYS D 469 68.19 68.05 89.41
N THR D 470 67.58 69.22 89.30
CA THR D 470 66.68 69.55 88.21
C THR D 470 67.36 70.53 87.26
N THR D 471 67.15 70.35 85.97
CA THR D 471 67.70 71.28 85.01
C THR D 471 66.88 72.58 85.02
N SER D 472 67.46 73.69 84.56
CA SER D 472 66.67 74.90 84.44
C SER D 472 65.96 74.86 83.11
N SER D 473 66.34 73.90 82.27
CA SER D 473 65.93 73.91 80.88
C SER D 473 64.76 72.96 80.60
N ILE D 474 64.03 73.27 79.54
CA ILE D 474 62.83 72.56 79.19
C ILE D 474 62.80 72.40 77.68
N GLU D 475 63.78 73.02 77.04
CA GLU D 475 63.90 72.99 75.59
C GLU D 475 63.61 71.61 75.08
N PHE D 476 64.32 70.63 75.62
CA PHE D 476 64.25 69.32 75.01
C PHE D 476 62.97 68.54 75.22
N PRO D 477 62.47 68.50 76.45
CA PRO D 477 61.11 67.96 76.55
C PRO D 477 60.19 68.75 75.63
N GLY D 478 60.27 70.08 75.70
CA GLY D 478 59.49 70.91 74.81
C GLY D 478 59.72 70.58 73.34
N LEU D 479 60.94 70.17 73.02
CA LEU D 479 61.23 69.79 71.63
C LEU D 479 60.58 68.45 71.30
N GLY D 480 60.73 67.49 72.21
CA GLY D 480 60.12 66.19 72.02
C GLY D 480 58.65 66.31 71.68
N PHE D 481 57.90 66.99 72.56
CA PHE D 481 56.47 67.18 72.40
C PHE D 481 56.13 67.59 70.98
N THR D 482 56.93 68.51 70.45
CA THR D 482 56.65 69.06 69.14
C THR D 482 56.97 68.08 68.05
N TYR D 483 58.22 67.64 67.97
CA TYR D 483 58.62 66.68 66.93
C TYR D 483 57.67 65.49 66.95
N GLY D 484 57.46 64.95 68.14
CA GLY D 484 56.63 63.77 68.30
C GLY D 484 55.29 64.02 67.65
N HIS D 485 54.59 65.05 68.12
CA HIS D 485 53.25 65.34 67.65
C HIS D 485 53.12 65.44 66.14
N ILE D 486 54.05 66.17 65.54
CA ILE D 486 53.96 66.40 64.13
C ILE D 486 54.29 65.12 63.39
N GLN D 487 55.44 64.53 63.72
CA GLN D 487 55.88 63.31 63.09
C GLN D 487 54.73 62.31 62.95
N ARG D 488 54.12 61.99 64.09
CA ARG D 488 53.06 60.99 64.08
C ARG D 488 51.97 61.47 63.17
N HIS D 489 51.82 62.77 63.02
CA HIS D 489 50.80 63.23 62.10
C HIS D 489 51.19 62.97 60.65
N VAL D 490 52.41 63.29 60.28
CA VAL D 490 52.78 63.08 58.90
C VAL D 490 52.99 61.61 58.63
N ASN D 491 53.51 60.87 59.61
CA ASN D 491 53.52 59.43 59.44
C ASN D 491 52.13 58.89 59.12
N ASP D 492 51.14 59.23 59.95
CA ASP D 492 49.77 58.80 59.76
C ASP D 492 49.26 59.18 58.39
N MET D 493 49.26 60.48 58.10
CA MET D 493 48.78 60.96 56.82
C MET D 493 49.54 60.36 55.66
N LEU D 494 50.86 60.28 55.75
CA LEU D 494 51.57 59.61 54.68
C LEU D 494 51.49 58.10 54.84
N GLY D 495 50.70 57.63 55.78
CA GLY D 495 50.46 56.21 55.82
C GLY D 495 49.32 55.95 54.86
N ARG D 496 48.26 56.72 55.07
CA ARG D 496 47.01 56.55 54.36
C ARG D 496 47.15 56.78 52.88
N VAL D 497 48.03 57.69 52.52
CA VAL D 497 48.25 57.92 51.11
C VAL D 497 48.77 56.64 50.47
N ALA D 498 49.89 56.16 51.02
CA ALA D 498 50.59 55.00 50.46
C ALA D 498 49.67 53.79 50.30
N ILE D 499 48.65 53.73 51.15
CA ILE D 499 47.63 52.69 51.00
C ILE D 499 46.67 53.04 49.86
N ALA D 500 46.08 54.22 49.94
CA ALA D 500 45.20 54.70 48.91
C ALA D 500 45.87 54.53 47.56
N TRP D 501 47.16 54.87 47.49
CA TRP D 501 47.84 54.90 46.21
C TRP D 501 48.11 53.51 45.67
N CYS D 502 48.35 52.56 46.56
CA CYS D 502 48.63 51.21 46.11
C CYS D 502 47.35 50.52 45.72
N GLU D 503 46.26 50.89 46.35
CA GLU D 503 44.96 50.33 45.98
C GLU D 503 44.60 50.76 44.58
N LEU D 504 44.80 52.04 44.29
CA LEU D 504 44.50 52.60 42.97
C LEU D 504 45.14 51.77 41.86
N GLN D 505 46.46 51.71 41.88
CA GLN D 505 47.21 50.96 40.87
C GLN D 505 46.62 49.59 40.61
N ASN D 506 46.34 48.87 41.70
CA ASN D 506 45.66 47.60 41.60
C ASN D 506 44.36 47.73 40.83
N HIS D 507 43.45 48.58 41.29
CA HIS D 507 42.20 48.74 40.58
C HIS D 507 42.38 49.35 39.19
N GLU D 508 43.34 50.25 39.06
CA GLU D 508 43.57 50.88 37.76
C GLU D 508 43.89 49.82 36.72
N LEU D 509 44.67 48.83 37.12
CA LEU D 509 45.04 47.72 36.24
C LEU D 509 43.85 47.15 35.47
N THR D 510 42.73 46.98 36.16
CA THR D 510 41.52 46.47 35.53
C THR D 510 41.18 47.24 34.26
N LEU D 511 41.25 48.56 34.34
CA LEU D 511 40.93 49.37 33.18
C LEU D 511 41.93 49.09 32.06
N TRP D 512 43.20 48.92 32.42
CA TRP D 512 44.21 48.62 31.44
C TRP D 512 43.89 47.31 30.78
N ASN D 513 43.45 46.34 31.57
CA ASN D 513 43.19 45.03 31.04
C ASN D 513 42.16 45.04 29.94
N GLU D 514 41.21 45.98 30.00
CA GLU D 514 40.22 46.05 28.95
C GLU D 514 40.78 46.78 27.74
N ALA D 515 41.60 47.79 27.99
CA ALA D 515 42.13 48.60 26.92
C ALA D 515 43.16 47.82 26.12
N ARG D 516 43.84 46.90 26.79
CA ARG D 516 44.89 46.14 26.13
C ARG D 516 44.33 45.29 24.98
N LYS D 517 43.03 45.02 25.00
CA LYS D 517 42.40 44.34 23.89
C LYS D 517 42.21 45.36 22.80
N LEU D 518 41.68 46.52 23.18
CA LEU D 518 41.21 47.50 22.23
C LEU D 518 42.33 48.15 21.44
N ASN D 519 43.50 48.28 22.03
CA ASN D 519 44.63 48.88 21.33
C ASN D 519 45.94 48.57 22.01
N PRO D 520 46.45 47.36 21.78
CA PRO D 520 47.68 46.85 22.40
C PRO D 520 48.87 47.79 22.22
N ASN D 521 49.23 48.05 20.97
CA ASN D 521 50.40 48.87 20.66
C ASN D 521 50.51 50.08 21.55
N ALA D 522 49.43 50.83 21.67
CA ALA D 522 49.44 52.04 22.50
C ALA D 522 49.71 51.67 23.94
N ILE D 523 48.89 50.75 24.43
CA ILE D 523 48.95 50.33 25.82
C ILE D 523 50.29 49.67 26.11
N ALA D 524 50.73 48.78 25.23
CA ALA D 524 52.00 48.13 25.42
C ALA D 524 53.12 49.15 25.34
N SER D 525 52.93 50.15 24.49
CA SER D 525 53.93 51.18 24.34
C SER D 525 54.14 51.89 25.66
N VAL D 526 53.08 52.46 26.21
CA VAL D 526 53.23 53.27 27.40
C VAL D 526 53.59 52.42 28.60
N THR D 527 53.20 51.15 28.57
CA THR D 527 53.47 50.31 29.72
C THR D 527 54.93 49.96 29.73
N VAL D 528 55.47 49.70 28.55
CA VAL D 528 56.88 49.37 28.42
C VAL D 528 57.74 50.63 28.52
N GLY D 529 57.26 51.72 27.94
CA GLY D 529 58.01 52.96 27.97
C GLY D 529 58.39 53.39 26.57
N ARG D 530 58.89 52.45 25.78
CA ARG D 530 59.28 52.74 24.41
C ARG D 530 58.13 52.47 23.46
N ARG D 531 58.33 52.82 22.19
CA ARG D 531 57.33 52.54 21.17
C ARG D 531 57.48 51.13 20.68
N VAL D 532 56.38 50.38 20.75
CA VAL D 532 56.39 48.99 20.37
C VAL D 532 55.10 48.64 19.64
N SER D 533 55.10 47.50 18.95
CA SER D 533 53.87 46.97 18.38
C SER D 533 53.48 45.79 19.25
N ALA D 534 52.18 45.54 19.37
CA ALA D 534 51.69 44.51 20.27
C ALA D 534 50.42 43.81 19.77
N ARG D 535 50.30 42.54 20.11
CA ARG D 535 49.08 41.80 19.85
C ARG D 535 48.90 40.74 20.92
N MET D 536 47.64 40.35 21.13
CA MET D 536 47.35 39.38 22.16
C MET D 536 47.63 38.01 21.61
N LEU D 537 48.04 37.09 22.48
CA LEU D 537 48.17 35.71 22.12
C LEU D 537 47.35 34.94 23.11
N GLY D 538 46.06 35.25 23.14
CA GLY D 538 45.15 34.76 24.15
C GLY D 538 45.17 35.68 25.35
N ASP D 539 46.00 35.35 26.33
CA ASP D 539 46.05 36.10 27.57
C ASP D 539 47.43 36.72 27.82
N VAL D 540 48.32 36.65 26.85
CA VAL D 540 49.62 37.28 26.98
C VAL D 540 49.90 38.06 25.71
N MET D 541 50.62 39.16 25.84
CA MET D 541 50.79 40.06 24.72
C MET D 541 52.18 39.96 24.13
N ALA D 542 52.25 39.71 22.83
CA ALA D 542 53.54 39.64 22.15
C ALA D 542 53.91 40.99 21.59
N VAL D 543 55.21 41.26 21.47
CA VAL D 543 55.69 42.60 21.12
C VAL D 543 56.93 42.65 20.21
N SER D 544 56.84 43.40 19.11
CA SER D 544 58.03 43.73 18.34
C SER D 544 58.32 45.22 18.55
N THR D 545 59.56 45.56 18.85
CA THR D 545 59.91 46.97 19.01
C THR D 545 59.81 47.61 17.64
N CYS D 546 59.74 48.94 17.59
CA CYS D 546 59.43 49.58 16.32
C CYS D 546 60.65 49.93 15.48
N VAL D 547 60.42 50.78 14.48
CA VAL D 547 61.44 51.20 13.54
C VAL D 547 61.19 52.66 13.20
N PRO D 548 62.12 53.53 13.61
CA PRO D 548 61.97 54.97 13.37
C PRO D 548 62.08 55.37 11.91
N VAL D 549 61.36 56.42 11.53
CA VAL D 549 61.50 57.02 10.21
C VAL D 549 61.48 58.55 10.36
N ALA D 550 62.39 59.21 9.67
CA ALA D 550 62.48 60.67 9.72
C ALA D 550 61.31 61.28 8.97
N ALA D 551 60.93 62.50 9.35
CA ALA D 551 59.78 63.16 8.73
C ALA D 551 59.99 63.43 7.24
N ASP D 552 61.21 63.85 6.88
CA ASP D 552 61.55 64.18 5.50
C ASP D 552 61.46 62.94 4.64
N ASN D 553 61.70 61.80 5.26
CA ASN D 553 61.51 60.50 4.64
C ASN D 553 60.04 60.17 4.40
N VAL D 554 59.16 61.08 4.81
CA VAL D 554 57.72 60.79 4.79
C VAL D 554 56.92 61.90 4.10
N ILE D 555 56.09 61.46 3.15
CA ILE D 555 55.23 62.33 2.36
C ILE D 555 53.80 61.81 2.45
N VAL D 556 52.83 62.72 2.29
CA VAL D 556 51.42 62.33 2.25
C VAL D 556 50.81 62.56 0.86
N GLN D 557 50.04 61.58 0.37
CA GLN D 557 49.32 61.71 -0.91
C GLN D 557 48.13 62.67 -0.77
N ASN D 558 47.62 63.17 -1.90
CA ASN D 558 46.51 64.14 -1.85
C ASN D 558 45.13 63.52 -1.58
N SER D 559 44.90 62.32 -2.10
CA SER D 559 43.56 61.74 -2.06
C SER D 559 43.35 60.69 -0.97
N MET D 560 42.09 60.38 -0.72
CA MET D 560 41.72 59.28 0.17
C MET D 560 40.53 58.50 -0.41
N ARG D 561 40.32 58.70 -1.70
CA ARG D 561 39.27 58.03 -2.46
C ARG D 561 39.83 56.94 -3.36
N ILE D 562 39.12 55.83 -3.48
CA ILE D 562 39.55 54.78 -4.39
C ILE D 562 38.77 54.89 -5.70
N SER D 563 39.47 55.35 -6.74
CA SER D 563 38.85 55.60 -8.03
C SER D 563 38.26 54.35 -8.70
N SER D 564 38.98 53.23 -8.63
CA SER D 564 38.54 52.03 -9.34
C SER D 564 37.41 51.27 -8.63
N ARG D 565 37.11 51.66 -7.40
CA ARG D 565 35.91 51.14 -6.75
C ARG D 565 35.18 52.28 -6.06
N PRO D 566 34.51 53.15 -6.85
CA PRO D 566 33.72 54.22 -6.25
C PRO D 566 32.70 53.60 -5.30
N GLY D 567 32.39 54.28 -4.20
CA GLY D 567 31.54 53.71 -3.17
C GLY D 567 32.39 53.13 -2.06
N ALA D 568 33.70 53.30 -2.18
CA ALA D 568 34.66 52.87 -1.17
C ALA D 568 35.88 53.76 -1.16
N CYS D 569 36.30 54.17 0.03
CA CYS D 569 37.43 55.09 0.20
C CYS D 569 38.19 54.84 1.51
N TYR D 570 39.24 55.62 1.74
CA TYR D 570 40.19 55.36 2.81
C TYR D 570 39.88 56.16 4.07
N SER D 571 39.89 55.48 5.21
CA SER D 571 39.52 56.09 6.47
C SER D 571 40.55 57.13 6.92
N ARG D 572 41.83 56.88 6.58
CA ARG D 572 42.97 57.78 6.83
C ARG D 572 43.99 57.84 5.68
N PRO D 573 44.62 58.99 5.50
CA PRO D 573 45.49 59.25 4.34
C PRO D 573 46.42 58.12 3.96
N LEU D 574 46.80 58.06 2.69
CA LEU D 574 47.79 57.08 2.26
C LEU D 574 49.12 57.69 2.55
N VAL D 575 50.18 56.89 2.47
CA VAL D 575 51.50 57.41 2.67
C VAL D 575 52.52 56.67 1.84
N SER D 576 53.73 57.19 1.85
CA SER D 576 54.85 56.57 1.16
C SER D 576 56.12 57.14 1.75
N PHE D 577 57.17 56.32 1.78
CA PHE D 577 58.37 56.69 2.54
C PHE D 577 59.59 55.80 2.28
N ARG D 578 60.72 56.24 2.81
CA ARG D 578 61.95 55.48 2.77
C ARG D 578 62.53 55.52 4.18
N TYR D 579 63.30 54.51 4.54
CA TYR D 579 63.85 54.44 5.90
C TYR D 579 65.01 55.41 6.03
N GLU D 580 66.10 55.10 5.33
CA GLU D 580 67.23 56.01 5.22
C GLU D 580 66.82 57.13 4.27
N ASP D 581 67.59 58.21 4.25
CA ASP D 581 67.21 59.41 3.51
C ASP D 581 67.25 59.30 1.98
N GLN D 582 67.55 58.11 1.45
CA GLN D 582 67.76 57.97 0.01
C GLN D 582 67.00 56.81 -0.62
N GLY D 583 66.61 55.83 0.19
CA GLY D 583 66.11 54.57 -0.31
C GLY D 583 64.85 54.60 -1.15
N PRO D 584 64.47 53.43 -1.67
CA PRO D 584 63.19 53.24 -2.36
C PRO D 584 62.02 53.66 -1.49
N LEU D 585 60.88 53.94 -2.13
CA LEU D 585 59.70 54.46 -1.45
C LEU D 585 58.62 53.39 -1.31
N VAL D 586 57.79 53.51 -0.28
CA VAL D 586 56.94 52.38 0.12
C VAL D 586 55.46 52.74 0.30
N GLU D 587 54.60 52.06 -0.45
CA GLU D 587 53.16 52.31 -0.38
C GLU D 587 52.56 51.87 0.95
N GLY D 588 52.06 52.83 1.71
CA GLY D 588 51.50 52.51 3.01
C GLY D 588 50.26 53.28 3.41
N GLN D 589 49.78 52.99 4.62
CA GLN D 589 48.65 53.67 5.22
C GLN D 589 49.13 54.45 6.47
N LEU D 590 48.41 55.50 6.85
CA LEU D 590 48.79 56.32 8.01
C LEU D 590 48.06 55.97 9.32
N GLY D 591 48.83 55.53 10.32
CA GLY D 591 48.25 55.13 11.60
C GLY D 591 48.08 56.25 12.60
N GLU D 592 47.99 55.91 13.87
CA GLU D 592 47.92 56.94 14.89
C GLU D 592 49.29 57.15 15.48
N ASN D 593 49.48 58.30 16.11
CA ASN D 593 50.72 58.59 16.80
C ASN D 593 51.92 58.46 15.85
N ASN D 594 51.70 58.89 14.61
CA ASN D 594 52.71 58.85 13.58
C ASN D 594 53.29 57.45 13.32
N GLU D 595 52.54 56.44 13.74
CA GLU D 595 52.84 55.06 13.38
C GLU D 595 52.72 54.99 11.88
N LEU D 596 53.52 54.14 11.23
CA LEU D 596 53.44 53.96 9.78
C LEU D 596 52.97 52.56 9.41
N ARG D 597 51.81 52.49 8.76
CA ARG D 597 51.18 51.22 8.47
C ARG D 597 51.41 50.72 7.04
N LEU D 598 51.85 49.47 6.95
CA LEU D 598 52.16 48.85 5.67
C LEU D 598 50.95 48.73 4.74
N THR D 599 50.05 47.80 5.07
CA THR D 599 48.87 47.55 4.26
C THR D 599 47.98 48.77 4.21
N ARG D 600 47.47 49.06 3.02
CA ARG D 600 46.49 50.13 2.87
C ARG D 600 45.08 49.53 2.96
N ASP D 601 44.85 48.70 3.98
CA ASP D 601 43.59 47.95 4.08
C ASP D 601 42.50 48.65 4.89
N ALA D 602 42.73 49.92 5.25
CA ALA D 602 41.77 50.67 6.04
C ALA D 602 40.77 51.33 5.13
N ILE D 603 39.63 50.66 4.93
CA ILE D 603 38.63 51.15 4.00
C ILE D 603 37.24 51.10 4.58
N GLU D 604 36.54 52.22 4.45
CA GLU D 604 35.14 52.33 4.75
C GLU D 604 34.51 52.66 3.40
N PRO D 605 33.20 52.44 3.25
CA PRO D 605 32.53 52.97 2.06
C PRO D 605 32.27 54.48 2.21
N CYS D 606 32.23 55.22 1.10
CA CYS D 606 32.20 56.68 1.14
C CYS D 606 30.90 57.31 1.67
N THR D 607 31.00 58.61 1.98
CA THR D 607 29.88 59.47 2.37
C THR D 607 30.28 60.93 2.13
N VAL D 608 29.51 61.88 2.64
CA VAL D 608 29.88 63.30 2.53
C VAL D 608 29.73 64.06 3.84
N GLY D 609 30.14 65.34 3.81
CA GLY D 609 30.23 66.16 5.00
C GLY D 609 31.60 65.93 5.61
N HIS D 610 32.34 65.05 4.95
CA HIS D 610 33.62 64.56 5.43
C HIS D 610 34.62 65.66 5.77
N ARG D 611 34.92 65.77 7.05
CA ARG D 611 36.02 66.58 7.55
C ARG D 611 36.80 65.61 8.42
N ARG D 612 38.12 65.74 8.49
CA ARG D 612 38.94 64.80 9.27
C ARG D 612 40.27 65.39 9.72
N TYR D 613 40.65 65.11 10.95
CA TYR D 613 41.97 65.52 11.41
C TYR D 613 42.79 64.33 11.85
N PHE D 614 44.01 64.25 11.32
CA PHE D 614 44.87 63.12 11.60
C PHE D 614 46.23 63.56 12.10
N THR D 615 46.75 62.87 13.09
CA THR D 615 48.05 63.19 13.65
C THR D 615 49.14 63.05 12.60
N PHE D 616 49.59 64.15 12.04
CA PHE D 616 50.66 64.07 11.05
C PHE D 616 51.90 64.78 11.56
N GLY D 617 52.84 63.99 12.09
CA GLY D 617 54.05 64.55 12.64
C GLY D 617 53.83 65.30 13.93
N GLY D 618 54.32 66.53 13.99
CA GLY D 618 54.22 67.32 15.19
C GLY D 618 52.91 68.06 15.25
N GLY D 619 51.95 67.59 14.46
CA GLY D 619 50.65 68.23 14.41
C GLY D 619 49.73 67.41 13.53
N TYR D 620 48.68 68.04 13.03
CA TYR D 620 47.62 67.33 12.35
C TYR D 620 47.60 67.62 10.87
N VAL D 621 46.98 66.74 10.11
CA VAL D 621 46.67 67.00 8.71
C VAL D 621 45.13 66.96 8.56
N TYR D 622 44.60 67.81 7.68
CA TYR D 622 43.16 67.98 7.53
C TYR D 622 42.70 67.52 6.14
N PHE D 623 41.56 66.85 6.10
CA PHE D 623 41.01 66.35 4.86
C PHE D 623 39.54 66.73 4.67
N GLU D 624 39.30 67.70 3.80
CA GLU D 624 37.96 68.17 3.46
C GLU D 624 37.37 67.30 2.35
N GLU D 625 36.45 66.40 2.72
CA GLU D 625 35.83 65.48 1.76
C GLU D 625 36.85 64.62 1.01
N TYR D 626 37.65 63.86 1.75
CA TYR D 626 38.67 62.96 1.18
C TYR D 626 39.80 63.64 0.40
N ALA D 627 39.72 64.95 0.24
CA ALA D 627 40.70 65.66 -0.55
C ALA D 627 41.59 66.55 0.32
N TYR D 628 42.88 66.26 0.33
CA TYR D 628 43.83 66.97 1.17
C TYR D 628 43.59 68.47 1.19
N SER D 629 43.69 69.06 2.38
CA SER D 629 43.42 70.49 2.52
C SER D 629 44.70 71.26 2.83
N HIS D 630 45.23 71.06 4.03
CA HIS D 630 46.40 71.79 4.50
C HIS D 630 46.82 71.24 5.84
N GLN D 631 47.97 71.69 6.34
CA GLN D 631 48.41 71.25 7.65
C GLN D 631 48.43 72.39 8.63
N LEU D 632 48.18 72.07 9.90
CA LEU D 632 48.19 73.03 11.00
C LEU D 632 49.06 72.50 12.13
N SER D 633 49.15 73.27 13.21
CA SER D 633 49.91 72.83 14.38
C SER D 633 49.02 72.86 15.62
N ARG D 634 49.30 71.97 16.58
CA ARG D 634 48.51 71.83 17.79
C ARG D 634 48.03 73.16 18.33
N ALA D 635 48.92 74.15 18.25
CA ALA D 635 48.61 75.51 18.64
C ALA D 635 47.35 75.98 17.93
N ASP D 636 47.21 75.60 16.67
CA ASP D 636 46.03 75.99 15.92
C ASP D 636 44.79 75.29 16.46
N ILE D 637 44.98 74.35 17.38
CA ILE D 637 43.87 73.60 17.93
C ILE D 637 43.74 73.76 19.43
N THR D 638 42.55 74.15 19.89
CA THR D 638 42.33 74.32 21.30
C THR D 638 42.62 73.01 22.04
N THR D 639 43.19 73.16 23.23
CA THR D 639 43.61 72.04 24.01
C THR D 639 42.84 72.02 25.30
N VAL D 640 42.38 70.85 25.68
CA VAL D 640 41.75 70.66 26.97
C VAL D 640 42.40 69.38 27.49
N SER D 641 42.21 69.09 28.77
CA SER D 641 43.11 68.11 29.40
C SER D 641 42.42 67.14 30.31
N THR D 642 42.77 65.87 30.13
CA THR D 642 42.34 64.81 31.03
C THR D 642 43.11 64.91 32.33
N PHE D 643 44.13 65.77 32.35
CA PHE D 643 45.01 65.90 33.51
C PHE D 643 44.35 66.57 34.70
N ILE D 644 44.77 66.16 35.88
CA ILE D 644 44.26 66.71 37.12
C ILE D 644 45.39 67.32 37.93
N ASP D 645 45.14 68.51 38.46
CA ASP D 645 46.18 69.31 39.07
C ASP D 645 46.58 68.92 40.48
N LEU D 646 47.86 69.13 40.76
CA LEU D 646 48.39 68.97 42.10
C LEU D 646 49.61 69.87 42.23
N ASN D 647 49.42 71.01 42.89
CA ASN D 647 50.46 72.03 43.06
C ASN D 647 51.12 71.92 44.41
N ILE D 648 52.25 71.23 44.44
CA ILE D 648 53.02 71.08 45.64
C ILE D 648 54.12 72.11 45.60
N THR D 649 54.40 72.76 46.73
CA THR D 649 55.63 73.54 46.88
C THR D 649 56.51 73.03 48.03
N MET D 650 57.80 73.29 47.91
CA MET D 650 58.74 72.98 48.97
C MET D 650 58.46 73.92 50.13
N LEU D 651 58.67 73.42 51.32
CA LEU D 651 58.63 74.24 52.53
C LEU D 651 59.97 74.91 52.71
N GLU D 652 59.95 76.22 52.90
CA GLU D 652 61.19 76.98 52.84
C GLU D 652 62.22 76.53 53.87
N ASP D 653 63.48 76.70 53.51
CA ASP D 653 64.53 76.62 54.48
C ASP D 653 64.35 77.84 55.33
N HIS D 654 64.92 77.82 56.52
CA HIS D 654 64.80 78.94 57.42
C HIS D 654 65.94 78.88 58.40
N GLU D 655 66.67 79.98 58.57
CA GLU D 655 67.77 80.01 59.52
C GLU D 655 67.28 80.39 60.91
N PHE D 656 67.64 79.57 61.91
CA PHE D 656 67.21 79.80 63.28
C PHE D 656 68.32 80.44 64.10
N VAL D 657 68.36 81.77 64.04
CA VAL D 657 69.44 82.55 64.66
C VAL D 657 69.30 82.69 66.17
N PRO D 658 70.37 82.35 66.93
CA PRO D 658 70.46 82.49 68.39
C PRO D 658 70.04 83.87 68.84
N LEU D 659 69.58 83.97 70.09
CA LEU D 659 69.07 85.20 70.66
C LEU D 659 68.61 84.95 72.10
N GLU D 660 68.84 85.94 72.96
CA GLU D 660 68.40 85.86 74.33
C GLU D 660 67.62 87.09 74.77
N VAL D 661 66.61 86.83 75.60
CA VAL D 661 65.86 87.85 76.32
C VAL D 661 66.79 88.70 77.19
N TYR D 662 67.45 88.05 78.15
CA TYR D 662 68.44 88.72 79.00
C TYR D 662 69.75 87.95 79.03
N THR D 663 70.85 88.58 78.62
CA THR D 663 72.15 87.92 78.59
C THR D 663 72.75 87.70 79.98
N ARG D 664 73.65 86.75 80.06
CA ARG D 664 74.23 86.34 81.32
C ARG D 664 74.78 87.56 82.03
N HIS D 665 75.39 88.45 81.27
CA HIS D 665 75.94 89.65 81.87
C HIS D 665 74.85 90.49 82.51
N GLU D 666 73.82 90.83 81.74
CA GLU D 666 72.69 91.56 82.26
C GLU D 666 72.22 90.91 83.54
N ILE D 667 72.14 89.58 83.54
CA ILE D 667 71.61 88.89 84.70
C ILE D 667 72.52 88.99 85.90
N LYS D 668 73.74 89.49 85.71
CA LYS D 668 74.65 89.73 86.83
C LYS D 668 74.52 91.18 87.30
N ASP D 669 74.42 92.09 86.34
CA ASP D 669 74.34 93.51 86.62
C ASP D 669 72.97 93.90 87.17
N SER D 670 72.01 92.99 86.99
CA SER D 670 70.67 93.15 87.54
C SER D 670 70.71 93.29 89.04
N GLY D 671 71.75 92.75 89.66
CA GLY D 671 71.94 92.89 91.09
C GLY D 671 72.62 94.20 91.43
N LEU D 672 72.12 94.86 92.46
CA LEU D 672 72.54 96.22 92.78
C LEU D 672 73.95 96.26 93.29
N LEU D 673 74.18 95.68 94.47
CA LEU D 673 75.54 95.62 95.04
C LEU D 673 76.26 94.31 94.68
N ASP D 674 77.48 94.47 94.17
CA ASP D 674 78.27 93.31 93.85
C ASP D 674 79.45 93.11 94.81
N TYR D 675 79.45 91.95 95.45
CA TYR D 675 80.33 91.70 96.58
C TYR D 675 81.79 91.63 96.16
N THR D 676 82.04 91.10 94.98
CA THR D 676 83.41 90.92 94.52
C THR D 676 84.00 92.26 94.15
N GLU D 677 83.25 93.01 93.36
CA GLU D 677 83.72 94.30 92.87
C GLU D 677 84.10 95.20 94.01
N VAL D 678 83.21 95.31 94.99
CA VAL D 678 83.45 96.20 96.12
C VAL D 678 84.70 95.77 96.86
N GLN D 679 84.69 94.53 97.35
CA GLN D 679 85.83 93.96 98.08
C GLN D 679 87.14 94.29 97.39
N ARG D 680 87.17 94.10 96.08
CA ARG D 680 88.32 94.43 95.28
C ARG D 680 88.73 95.90 95.48
N ARG D 681 87.76 96.79 95.37
CA ARG D 681 88.04 98.21 95.50
C ARG D 681 88.45 98.55 96.92
N ASN D 682 87.62 98.15 97.88
CA ASN D 682 87.90 98.40 99.29
C ASN D 682 89.28 97.90 99.67
N GLN D 683 89.58 96.66 99.33
CA GLN D 683 90.85 96.07 99.75
C GLN D 683 92.06 96.73 99.07
N LEU D 684 91.79 97.63 98.12
CA LEU D 684 92.85 98.38 97.42
C LEU D 684 93.16 99.73 98.05
N HIS D 685 92.43 100.08 99.11
CA HIS D 685 92.41 101.44 99.63
C HIS D 685 93.76 102.01 99.97
N ASP D 686 94.65 101.16 100.48
CA ASP D 686 95.93 101.64 100.98
C ASP D 686 97.04 101.60 99.95
N LEU D 687 96.78 100.99 98.82
CA LEU D 687 97.75 100.99 97.75
C LEU D 687 97.49 102.27 97.00
N ARG D 688 96.23 102.48 96.65
CA ARG D 688 95.81 103.70 96.01
C ARG D 688 96.18 104.95 96.83
N PHE D 689 95.92 104.91 98.14
CA PHE D 689 95.91 106.13 98.94
C PHE D 689 96.92 106.25 100.10
N ALA D 690 97.83 105.30 100.26
CA ALA D 690 98.83 105.39 101.34
C ALA D 690 100.13 104.66 101.04
N ASP D 691 100.88 104.32 102.09
CA ASP D 691 102.21 103.73 101.95
C ASP D 691 102.45 102.62 102.97
N ILE D 692 102.60 101.40 102.48
CA ILE D 692 102.60 100.22 103.36
C ILE D 692 104.00 99.68 103.69
N ASP D 693 105.03 100.23 103.06
CA ASP D 693 106.38 99.73 103.28
C ASP D 693 107.20 100.64 104.16
N THR D 694 107.09 101.94 103.90
CA THR D 694 107.87 102.97 104.56
C THR D 694 107.87 102.88 106.09
N VAL D 695 109.06 102.84 106.68
CA VAL D 695 109.20 102.79 108.13
C VAL D 695 109.88 104.04 108.73
N ILE D 696 109.33 104.51 109.85
CA ILE D 696 109.89 105.68 110.55
C ILE D 696 110.26 105.34 112.00
N HIS D 697 111.10 106.17 112.63
CA HIS D 697 111.56 105.93 114.00
C HIS D 697 112.26 107.15 114.56
C1 NAG E . 25.85 2.76 37.53
C2 NAG E . 25.17 1.69 36.69
C3 NAG E . 26.04 0.44 36.56
C4 NAG E . 27.55 0.67 36.47
C5 NAG E . 28.02 2.00 37.09
C6 NAG E . 29.33 2.46 36.47
C7 NAG E . 22.76 1.23 36.60
C8 NAG E . 21.56 0.74 37.34
N2 NAG E . 23.89 1.33 37.30
O3 NAG E . 25.62 -0.30 35.42
O4 NAG E . 28.25 -0.40 37.10
O5 NAG E . 27.09 3.05 36.94
O6 NAG E . 29.38 3.87 36.54
O7 NAG E . 22.69 1.51 35.39
C1 NAG E . 28.20 -1.67 36.41
C2 NAG E . 29.27 -2.60 37.00
C3 NAG E . 29.21 -3.99 36.36
C4 NAG E . 27.79 -4.52 36.50
C5 NAG E . 26.86 -3.54 35.80
C6 NAG E . 25.42 -4.03 35.77
C7 NAG E . 31.29 -1.75 38.01
C8 NAG E . 32.79 -1.81 37.89
N2 NAG E . 30.59 -2.03 36.91
O3 NAG E . 30.11 -4.86 37.01
O4 NAG E . 27.70 -5.81 35.95
O5 NAG E . 26.93 -2.31 36.45
O6 NAG E . 24.75 -3.44 34.67
O7 NAG E . 30.76 -1.44 39.08
C1 NAG F . -44.67 -66.82 -89.09
C2 NAG F . -43.33 -67.43 -89.54
C3 NAG F . -43.35 -68.87 -90.11
C4 NAG F . -44.60 -69.68 -89.78
C5 NAG F . -45.82 -68.77 -89.80
C6 NAG F . -47.10 -69.57 -89.53
C7 NAG F . -41.60 -65.87 -90.25
C8 NAG F . -40.97 -65.18 -91.42
N2 NAG F . -42.73 -66.54 -90.51
O3 NAG F . -42.18 -69.51 -89.61
O4 NAG F . -44.84 -70.75 -90.68
O5 NAG F . -45.67 -67.80 -88.81
O6 NAG F . -48.24 -68.73 -89.64
O7 NAG F . -41.08 -65.79 -89.13
C1 NAG F . -43.72 -71.67 -90.81
C2 NAG F . -43.76 -72.92 -89.96
C3 NAG F . -42.33 -73.39 -89.77
C4 NAG F . -41.47 -73.20 -91.04
C5 NAG F . -42.19 -72.66 -92.30
C6 NAG F . -42.24 -73.70 -93.41
C7 NAG F . -45.16 -73.71 -88.16
C8 NAG F . -46.64 -73.46 -88.08
N2 NAG F . -44.42 -72.73 -88.68
O3 NAG F . -42.32 -74.75 -89.40
O4 NAG F . -40.40 -72.33 -90.72
O5 NAG F . -43.50 -72.15 -92.12
O6 NAG F . -42.89 -73.10 -94.52
O7 NAG F . -44.68 -74.78 -87.78
C1 NAG G . -2.22 26.61 48.41
C2 NAG G . -3.23 25.69 47.74
C3 NAG G . -4.49 25.47 48.59
C4 NAG G . -4.20 25.33 50.10
C5 NAG G . -3.02 26.17 50.58
C6 NAG G . -2.52 25.63 51.93
C7 NAG G . -2.86 26.13 45.40
C8 NAG G . -2.32 27.38 44.77
N2 NAG G . -3.61 26.29 46.48
O3 NAG G . -5.16 24.31 48.12
O4 NAG G . -5.33 25.71 50.86
O5 NAG G . -1.94 26.09 49.68
O6 NAG G . -3.63 25.34 52.76
O7 NAG G . -2.61 25.02 44.93
OAB MRY H . -14.74 -17.98 15.58
CAA MRY H . -14.84 -18.43 16.92
CAC MRY H . -15.09 -19.93 16.90
OAD MRY H . -14.00 -20.61 16.25
CAE MRY H . -15.25 -20.46 18.34
OAF MRY H . -16.27 -19.74 19.05
CAG MRY H . -15.55 -21.96 18.36
OAH MRY H . -15.71 -22.36 19.73
CL CL I . 17.66 5.26 54.56
C1 NAG J . -3.54 -13.85 -43.62
C2 NAG J . -3.19 -12.99 -42.38
C3 NAG J . -1.68 -12.88 -42.12
C4 NAG J . -0.90 -14.15 -42.41
C5 NAG J . -1.28 -14.71 -43.78
C6 NAG J . -0.53 -16.01 -44.04
C7 NAG J . -4.97 -11.22 -42.54
C8 NAG J . -5.10 -9.76 -42.81
N2 NAG J . -3.69 -11.64 -42.56
O3 NAG J . -1.45 -12.53 -40.77
O4 NAG J . 0.48 -13.88 -42.38
O5 NAG J . -2.67 -14.94 -43.84
O6 NAG J . -0.80 -16.94 -43.01
O7 NAG J . -5.97 -11.93 -42.35
C1 NAG K . -20.79 7.68 -82.27
C2 NAG K . -21.08 8.72 -83.35
C3 NAG K . -20.50 10.10 -83.02
C4 NAG K . -20.86 10.49 -81.59
C5 NAG K . -20.64 9.34 -80.62
C6 NAG K . -21.19 9.76 -79.27
C7 NAG K . -21.44 8.68 -85.71
C8 NAG K . -20.75 9.21 -86.93
N2 NAG K . -20.68 8.29 -84.69
O3 NAG K . -21.00 11.09 -83.91
O4 NAG K . -20.03 11.54 -81.19
O5 NAG K . -21.29 8.15 -81.03
O6 NAG K . -22.50 10.25 -79.45
O7 NAG K . -22.66 8.62 -85.66
CL CL L . -16.11 -5.58 -54.65
C1 NAG M . -73.46 -42.50 -79.36
C2 NAG M . -74.22 -41.71 -78.29
C3 NAG M . -74.31 -42.53 -77.00
C4 NAG M . -74.97 -43.85 -77.30
C5 NAG M . -74.49 -44.49 -78.62
C6 NAG M . -75.46 -45.57 -79.07
C7 NAG M . -74.47 -39.35 -77.79
C8 NAG M . -74.33 -38.13 -78.66
N2 NAG M . -73.65 -40.38 -78.06
O3 NAG M . -75.10 -41.86 -76.04
O4 NAG M . -74.76 -44.72 -76.21
O5 NAG M . -74.36 -43.54 -79.68
O6 NAG M . -76.75 -45.24 -78.60
O7 NAG M . -75.29 -39.36 -76.87
OAB MRY N . -85.61 -86.22 -111.61
CAA MRY N . -85.58 -86.91 -110.36
CAC MRY N . -86.32 -88.26 -110.48
OAD MRY N . -85.76 -89.06 -111.53
CAE MRY N . -86.27 -88.98 -109.14
OAF MRY N . -87.00 -88.19 -108.22
CAG MRY N . -86.95 -90.34 -109.16
OAH MRY N . -86.86 -90.91 -107.87
CL CL O . -53.51 -63.83 -72.34
C1 NAG P . 67.06 54.91 83.44
C2 NAG P . 67.27 56.19 84.27
C3 NAG P . 68.74 56.59 84.35
C4 NAG P . 69.56 55.39 84.79
C5 NAG P . 69.40 54.32 83.72
C6 NAG P . 70.26 53.10 84.04
C7 NAG P . 65.69 58.01 84.47
C8 NAG P . 65.98 59.49 84.54
N2 NAG P . 66.50 57.28 83.72
O3 NAG P . 68.86 57.67 85.24
O4 NAG P . 70.93 55.69 84.97
O5 NAG P . 68.04 53.91 83.61
O6 NAG P . 69.43 51.97 83.96
O7 NAG P . 64.75 57.52 85.11
C1 NAG Q . 51.17 76.80 43.65
C2 NAG Q . 50.96 77.99 42.71
C3 NAG Q . 51.86 79.13 43.16
C4 NAG Q . 51.49 79.47 44.59
C5 NAG Q . 51.57 78.21 45.46
C6 NAG Q . 51.10 78.50 46.89
C7 NAG Q . 50.19 77.92 40.46
C8 NAG Q . 50.53 78.66 39.20
N2 NAG Q . 51.17 77.65 41.31
O3 NAG Q . 51.67 80.26 42.35
O4 NAG Q . 52.34 80.49 45.07
O5 NAG Q . 50.77 77.17 44.94
O6 NAG Q . 49.74 78.89 46.84
O7 NAG Q . 49.04 77.57 40.72
CL CL R . 54.90 63.57 72.02
#